data_1EWL
# 
_entry.id   1EWL 
# 
_audit_conform.dict_name       mmcif_pdbx.dic 
_audit_conform.dict_version    5.399 
_audit_conform.dict_location   http://mmcif.pdb.org/dictionaries/ascii/mmcif_pdbx.dic 
# 
loop_
_database_2.database_id 
_database_2.database_code 
_database_2.pdbx_database_accession 
_database_2.pdbx_DOI 
PDB   1EWL         pdb_00001ewl 10.2210/pdb1ewl/pdb 
RCSB  RCSB010966   ?            ?                   
WWPDB D_1000010966 ?            ?                   
# 
loop_
_pdbx_audit_revision_history.ordinal 
_pdbx_audit_revision_history.data_content_type 
_pdbx_audit_revision_history.major_revision 
_pdbx_audit_revision_history.minor_revision 
_pdbx_audit_revision_history.revision_date 
1 'Structure model' 1 0 2003-06-10 
2 'Structure model' 1 1 2008-04-27 
3 'Structure model' 1 2 2011-07-13 
4 'Structure model' 1 3 2024-11-20 
# 
_pdbx_audit_revision_details.ordinal             1 
_pdbx_audit_revision_details.revision_ordinal    1 
_pdbx_audit_revision_details.data_content_type   'Structure model' 
_pdbx_audit_revision_details.provider            repository 
_pdbx_audit_revision_details.type                'Initial release' 
_pdbx_audit_revision_details.description         ? 
_pdbx_audit_revision_details.details             ? 
# 
loop_
_pdbx_audit_revision_group.ordinal 
_pdbx_audit_revision_group.revision_ordinal 
_pdbx_audit_revision_group.data_content_type 
_pdbx_audit_revision_group.group 
1  2 'Structure model' 'Version format compliance' 
2  3 'Structure model' 'Atomic model'              
3  3 'Structure model' 'Database references'       
4  3 'Structure model' 'Derived calculations'      
5  3 'Structure model' 'Non-polymer description'   
6  3 'Structure model' 'Structure summary'         
7  3 'Structure model' 'Version format compliance' 
8  4 'Structure model' 'Data collection'           
9  4 'Structure model' 'Database references'       
10 4 'Structure model' 'Derived calculations'      
11 4 'Structure model' 'Structure summary'         
# 
loop_
_pdbx_audit_revision_category.ordinal 
_pdbx_audit_revision_category.revision_ordinal 
_pdbx_audit_revision_category.data_content_type 
_pdbx_audit_revision_category.category 
1 4 'Structure model' chem_comp_atom            
2 4 'Structure model' chem_comp_bond            
3 4 'Structure model' database_2                
4 4 'Structure model' pdbx_entry_details        
5 4 'Structure model' pdbx_modification_feature 
6 4 'Structure model' struct_conn               
7 4 'Structure model' struct_site               
# 
loop_
_pdbx_audit_revision_item.ordinal 
_pdbx_audit_revision_item.revision_ordinal 
_pdbx_audit_revision_item.data_content_type 
_pdbx_audit_revision_item.item 
1 4 'Structure model' '_database_2.pdbx_DOI'                         
2 4 'Structure model' '_database_2.pdbx_database_accession'          
3 4 'Structure model' '_pdbx_entry_details.has_protein_modification' 
4 4 'Structure model' '_struct_conn.pdbx_leaving_atom_flag'          
5 4 'Structure model' '_struct_site.pdbx_auth_asym_id'               
6 4 'Structure model' '_struct_site.pdbx_auth_comp_id'               
7 4 'Structure model' '_struct_site.pdbx_auth_seq_id'                
# 
_pdbx_database_status.status_code                     REL 
_pdbx_database_status.entry_id                        1EWL 
_pdbx_database_status.recvd_initial_deposition_date   2000-04-26 
_pdbx_database_status.deposit_site                    RCSB 
_pdbx_database_status.process_site                    RCSB 
_pdbx_database_status.status_code_sf                  REL 
_pdbx_database_status.SG_entry                        . 
_pdbx_database_status.status_code_mr                  ? 
_pdbx_database_status.status_code_cs                  ? 
_pdbx_database_status.pdb_format_compatible           Y 
_pdbx_database_status.status_code_nmr_data            ? 
_pdbx_database_status.methods_development_category    ? 
# 
loop_
_pdbx_database_related.db_name 
_pdbx_database_related.db_id 
_pdbx_database_related.details 
_pdbx_database_related.content_type 
PDB 1aim 'same protein, ZYA inhibitor'         unspecified 
PDB 2aim 'same protein, ZRA inhibitor'         unspecified 
PDB 1ewm 'same protein, WRR-112 inhibitor'     unspecified 
PDB 1ewo 'same protein, WRR-204 inhibitor'     unspecified 
PDB 1ewp 'same protein, MOR-LEU-HPQ inhibitor' unspecified 
# 
loop_
_audit_author.name 
_audit_author.pdbx_ordinal 
'Brinen, L.S.'     1 
'Gillmor, S.A.'    2 
'Fletterick, R.J.' 3 
# 
loop_
_citation.id 
_citation.title 
_citation.journal_abbrev 
_citation.journal_volume 
_citation.page_first 
_citation.page_last 
_citation.year 
_citation.journal_id_ASTM 
_citation.country 
_citation.journal_id_ISSN 
_citation.journal_id_CSD 
_citation.book_publisher 
_citation.pdbx_database_id_PubMed 
_citation.pdbx_database_id_DOI 
primary 'Crystal Structure of Cruzain bound to WRR-99'                                          'To be Published' ?   ?    ?    ? 
?      ?  ?         0353 ?                                                  ? ?                      
1       'Chapter 3: X-ray Structures of Complexes of Cruzain with Designed Covalent Inhibitors' 
'Enzyme-ligand Interactions, Inhibition and Specificity' ?   50   80   1998 ?      ?  ?         ?    
'University of California, San Francisco (THESIS)' ? ?                      
2       'Structural Determinants of Specificity in the Cysteine Protease Cruzain'               'Protein Sci.' 6   1603 1611 1997 
PRCIEI US 0961-8368 0795 ?                                                  ? ?                      
3       
;The Crystal Structure of Cruzain: a Therapeutic Target for Chagas' Disease
;
J.Mol.Biol.                                              247 251  259  1995 JMOBAK UK 0022-2836 0070 ? ? 10.1006/jmbi.1994.0137 
# 
loop_
_citation_author.citation_id 
_citation_author.name 
_citation_author.ordinal 
_citation_author.identifier_ORCID 
primary 'Brinen, L.S.'     1  ? 
primary 'Gillmor, S.A.'    2  ? 
primary 'Fletterick, R.J.' 3  ? 
1       'Gillmor, S.A.'    4  ? 
2       'Gillmor, S.A.'    5  ? 
2       'Craik, C.S.'      6  ? 
2       'Fletterick, R.J.' 7  ? 
3       'McGrath, M.E.'    8  ? 
3       'Eakin, A.E.'      9  ? 
3       'Engel, J.C.'      10 ? 
3       'McKerrow, J.H.'   11 ? 
3       'Craik, C.S.'      12 ? 
3       'Fletterick, R.J.' 13 ? 
# 
loop_
_entity.id 
_entity.type 
_entity.src_method 
_entity.pdbx_description 
_entity.formula_weight 
_entity.pdbx_number_of_molecules 
_entity.pdbx_ec 
_entity.pdbx_mutation 
_entity.pdbx_fragment 
_entity.details 
1 polymer     man CRUZAIN                                                                     22715.133 1  3.4.22.- ? 
'CATALYTIC DOMAIN' ? 
2 non-polymer syn 'N-[3-CARBOXY-2-HYDROXY-PROPIONYL]-D-HOMOPHENYLALANYL-AMINO-2-METHYLBUTANE' 364.436   1  ?        ? ? ? 
3 water       nat water                                                                       18.015    68 ?        ? ? ? 
# 
_entity_name_com.entity_id   1 
_entity_name_com.name        'cruzipain, cruzaine' 
# 
_entity_poly.entity_id                      1 
_entity_poly.type                           'polypeptide(L)' 
_entity_poly.nstd_linkage                   no 
_entity_poly.nstd_monomer                   no 
_entity_poly.pdbx_seq_one_letter_code       
;APAAVDWRARGAVTAVKDQGQCGSCWAFSAIGNVECQWFLAGHPLTNLSEQMLVSCDKTDSGCSGGLMNNAFEWIVQENN
GAVYTEDSYPYASGEGISPPCTTSGHTVGATITGHVELPQDEAQIAAWLAVNGPVAVAVDASSWMTYTGGVMTSCVSEQL
DHGVLLVGYNDSAAVPYWIIKNSWTTQWGEEGYIRIAKGSNQCLVKEEASSAVVG
;
_entity_poly.pdbx_seq_one_letter_code_can   
;APAAVDWRARGAVTAVKDQGQCGSCWAFSAIGNVECQWFLAGHPLTNLSEQMLVSCDKTDSGCSGGLMNNAFEWIVQENN
GAVYTEDSYPYASGEGISPPCTTSGHTVGATITGHVELPQDEAQIAAWLAVNGPVAVAVDASSWMTYTGGVMTSCVSEQL
DHGVLLVGYNDSAAVPYWIIKNSWTTQWGEEGYIRIAKGSNQCLVKEEASSAVVG
;
_entity_poly.pdbx_strand_id                 A 
_entity_poly.pdbx_target_identifier         ? 
# 
loop_
_pdbx_entity_nonpoly.entity_id 
_pdbx_entity_nonpoly.name 
_pdbx_entity_nonpoly.comp_id 
2 'N-[3-CARBOXY-2-HYDROXY-PROPIONYL]-D-HOMOPHENYLALANYL-AMINO-2-METHYLBUTANE' R99 
3 water                                                                       HOH 
# 
loop_
_entity_poly_seq.entity_id 
_entity_poly_seq.num 
_entity_poly_seq.mon_id 
_entity_poly_seq.hetero 
1 1   ALA n 
1 2   PRO n 
1 3   ALA n 
1 4   ALA n 
1 5   VAL n 
1 6   ASP n 
1 7   TRP n 
1 8   ARG n 
1 9   ALA n 
1 10  ARG n 
1 11  GLY n 
1 12  ALA n 
1 13  VAL n 
1 14  THR n 
1 15  ALA n 
1 16  VAL n 
1 17  LYS n 
1 18  ASP n 
1 19  GLN n 
1 20  GLY n 
1 21  GLN n 
1 22  CYS n 
1 23  GLY n 
1 24  SER n 
1 25  CYS n 
1 26  TRP n 
1 27  ALA n 
1 28  PHE n 
1 29  SER n 
1 30  ALA n 
1 31  ILE n 
1 32  GLY n 
1 33  ASN n 
1 34  VAL n 
1 35  GLU n 
1 36  CYS n 
1 37  GLN n 
1 38  TRP n 
1 39  PHE n 
1 40  LEU n 
1 41  ALA n 
1 42  GLY n 
1 43  HIS n 
1 44  PRO n 
1 45  LEU n 
1 46  THR n 
1 47  ASN n 
1 48  LEU n 
1 49  SER n 
1 50  GLU n 
1 51  GLN n 
1 52  MET n 
1 53  LEU n 
1 54  VAL n 
1 55  SER n 
1 56  CYS n 
1 57  ASP n 
1 58  LYS n 
1 59  THR n 
1 60  ASP n 
1 61  SER n 
1 62  GLY n 
1 63  CYS n 
1 64  SER n 
1 65  GLY n 
1 66  GLY n 
1 67  LEU n 
1 68  MET n 
1 69  ASN n 
1 70  ASN n 
1 71  ALA n 
1 72  PHE n 
1 73  GLU n 
1 74  TRP n 
1 75  ILE n 
1 76  VAL n 
1 77  GLN n 
1 78  GLU n 
1 79  ASN n 
1 80  ASN n 
1 81  GLY n 
1 82  ALA n 
1 83  VAL n 
1 84  TYR n 
1 85  THR n 
1 86  GLU n 
1 87  ASP n 
1 88  SER n 
1 89  TYR n 
1 90  PRO n 
1 91  TYR n 
1 92  ALA n 
1 93  SER n 
1 94  GLY n 
1 95  GLU n 
1 96  GLY n 
1 97  ILE n 
1 98  SER n 
1 99  PRO n 
1 100 PRO n 
1 101 CYS n 
1 102 THR n 
1 103 THR n 
1 104 SER n 
1 105 GLY n 
1 106 HIS n 
1 107 THR n 
1 108 VAL n 
1 109 GLY n 
1 110 ALA n 
1 111 THR n 
1 112 ILE n 
1 113 THR n 
1 114 GLY n 
1 115 HIS n 
1 116 VAL n 
1 117 GLU n 
1 118 LEU n 
1 119 PRO n 
1 120 GLN n 
1 121 ASP n 
1 122 GLU n 
1 123 ALA n 
1 124 GLN n 
1 125 ILE n 
1 126 ALA n 
1 127 ALA n 
1 128 TRP n 
1 129 LEU n 
1 130 ALA n 
1 131 VAL n 
1 132 ASN n 
1 133 GLY n 
1 134 PRO n 
1 135 VAL n 
1 136 ALA n 
1 137 VAL n 
1 138 ALA n 
1 139 VAL n 
1 140 ASP n 
1 141 ALA n 
1 142 SER n 
1 143 SER n 
1 144 TRP n 
1 145 MET n 
1 146 THR n 
1 147 TYR n 
1 148 THR n 
1 149 GLY n 
1 150 GLY n 
1 151 VAL n 
1 152 MET n 
1 153 THR n 
1 154 SER n 
1 155 CYS n 
1 156 VAL n 
1 157 SER n 
1 158 GLU n 
1 159 GLN n 
1 160 LEU n 
1 161 ASP n 
1 162 HIS n 
1 163 GLY n 
1 164 VAL n 
1 165 LEU n 
1 166 LEU n 
1 167 VAL n 
1 168 GLY n 
1 169 TYR n 
1 170 ASN n 
1 171 ASP n 
1 172 SER n 
1 173 ALA n 
1 174 ALA n 
1 175 VAL n 
1 176 PRO n 
1 177 TYR n 
1 178 TRP n 
1 179 ILE n 
1 180 ILE n 
1 181 LYS n 
1 182 ASN n 
1 183 SER n 
1 184 TRP n 
1 185 THR n 
1 186 THR n 
1 187 GLN n 
1 188 TRP n 
1 189 GLY n 
1 190 GLU n 
1 191 GLU n 
1 192 GLY n 
1 193 TYR n 
1 194 ILE n 
1 195 ARG n 
1 196 ILE n 
1 197 ALA n 
1 198 LYS n 
1 199 GLY n 
1 200 SER n 
1 201 ASN n 
1 202 GLN n 
1 203 CYS n 
1 204 LEU n 
1 205 VAL n 
1 206 LYS n 
1 207 GLU n 
1 208 GLU n 
1 209 ALA n 
1 210 SER n 
1 211 SER n 
1 212 ALA n 
1 213 VAL n 
1 214 VAL n 
1 215 GLY n 
# 
_entity_src_gen.entity_id                          1 
_entity_src_gen.pdbx_src_id                        1 
_entity_src_gen.pdbx_alt_source_flag               sample 
_entity_src_gen.pdbx_seq_type                      ? 
_entity_src_gen.pdbx_beg_seq_num                   ? 
_entity_src_gen.pdbx_end_seq_num                   ? 
_entity_src_gen.gene_src_common_name               ? 
_entity_src_gen.gene_src_genus                     Trypanosoma 
_entity_src_gen.pdbx_gene_src_gene                 ? 
_entity_src_gen.gene_src_species                   ? 
_entity_src_gen.gene_src_strain                    ? 
_entity_src_gen.gene_src_tissue                    ? 
_entity_src_gen.gene_src_tissue_fraction           ? 
_entity_src_gen.gene_src_details                   ? 
_entity_src_gen.pdbx_gene_src_fragment             ? 
_entity_src_gen.pdbx_gene_src_scientific_name      'Trypanosoma cruzi' 
_entity_src_gen.pdbx_gene_src_ncbi_taxonomy_id     5693 
_entity_src_gen.pdbx_gene_src_variant              ? 
_entity_src_gen.pdbx_gene_src_cell_line            ? 
_entity_src_gen.pdbx_gene_src_atcc                 ? 
_entity_src_gen.pdbx_gene_src_organ                ? 
_entity_src_gen.pdbx_gene_src_organelle            ? 
_entity_src_gen.pdbx_gene_src_cell                 ? 
_entity_src_gen.pdbx_gene_src_cellular_location    ? 
_entity_src_gen.host_org_common_name               ? 
_entity_src_gen.pdbx_host_org_scientific_name      'Escherichia coli' 
_entity_src_gen.pdbx_host_org_ncbi_taxonomy_id     562 
_entity_src_gen.host_org_genus                     Escherichia 
_entity_src_gen.pdbx_host_org_gene                 ? 
_entity_src_gen.pdbx_host_org_organ                ? 
_entity_src_gen.host_org_species                   ? 
_entity_src_gen.pdbx_host_org_tissue               ? 
_entity_src_gen.pdbx_host_org_tissue_fraction      ? 
_entity_src_gen.pdbx_host_org_strain               DH5ALPHA 
_entity_src_gen.pdbx_host_org_variant              ? 
_entity_src_gen.pdbx_host_org_cell_line            ? 
_entity_src_gen.pdbx_host_org_atcc                 ? 
_entity_src_gen.pdbx_host_org_culture_collection   ? 
_entity_src_gen.pdbx_host_org_cell                 ? 
_entity_src_gen.pdbx_host_org_organelle            ? 
_entity_src_gen.pdbx_host_org_cellular_location    ? 
_entity_src_gen.pdbx_host_org_vector_type          ? 
_entity_src_gen.pdbx_host_org_vector               ? 
_entity_src_gen.host_org_details                   ? 
_entity_src_gen.expression_system_id               ? 
_entity_src_gen.plasmid_name                       CHEY 
_entity_src_gen.plasmid_details                    ? 
_entity_src_gen.pdbx_description                   ? 
# 
loop_
_chem_comp.id 
_chem_comp.type 
_chem_comp.mon_nstd_flag 
_chem_comp.name 
_chem_comp.pdbx_synonyms 
_chem_comp.formula 
_chem_comp.formula_weight 
ALA 'L-peptide linking' y ALANINE                                                                     ?      'C3 H7 N O2'     
89.093  
ARG 'L-peptide linking' y ARGININE                                                                    ?      'C6 H15 N4 O2 1' 
175.209 
ASN 'L-peptide linking' y ASPARAGINE                                                                  ?      'C4 H8 N2 O3'    
132.118 
ASP 'L-peptide linking' y 'ASPARTIC ACID'                                                             ?      'C4 H7 N O4'     
133.103 
CYS 'L-peptide linking' y CYSTEINE                                                                    ?      'C3 H7 N O2 S'   
121.158 
GLN 'L-peptide linking' y GLUTAMINE                                                                   ?      'C5 H10 N2 O3'   
146.144 
GLU 'L-peptide linking' y 'GLUTAMIC ACID'                                                             ?      'C5 H9 N O4'     
147.129 
GLY 'peptide linking'   y GLYCINE                                                                     ?      'C2 H5 N O2'     
75.067  
HIS 'L-peptide linking' y HISTIDINE                                                                   ?      'C6 H10 N3 O2 1' 
156.162 
HOH non-polymer         . WATER                                                                       ?      'H2 O'           
18.015  
ILE 'L-peptide linking' y ISOLEUCINE                                                                  ?      'C6 H13 N O2'    
131.173 
LEU 'L-peptide linking' y LEUCINE                                                                     ?      'C6 H13 N O2'    
131.173 
LYS 'L-peptide linking' y LYSINE                                                                      ?      'C6 H15 N2 O2 1' 
147.195 
MET 'L-peptide linking' y METHIONINE                                                                  ?      'C5 H11 N O2 S'  
149.211 
PHE 'L-peptide linking' y PHENYLALANINE                                                               ?      'C9 H11 N O2'    
165.189 
PRO 'L-peptide linking' y PROLINE                                                                     ?      'C5 H9 N O2'     
115.130 
R99 peptide-like        . 'N-[3-CARBOXY-2-HYDROXY-PROPIONYL]-D-HOMOPHENYLALANYL-AMINO-2-METHYLBUTANE' WRR-99 'C19 H28 N2 O5'  
364.436 
SER 'L-peptide linking' y SERINE                                                                      ?      'C3 H7 N O3'     
105.093 
THR 'L-peptide linking' y THREONINE                                                                   ?      'C4 H9 N O3'     
119.119 
TRP 'L-peptide linking' y TRYPTOPHAN                                                                  ?      'C11 H12 N2 O2'  
204.225 
TYR 'L-peptide linking' y TYROSINE                                                                    ?      'C9 H11 N O3'    
181.189 
VAL 'L-peptide linking' y VALINE                                                                      ?      'C5 H11 N O2'    
117.146 
# 
loop_
_pdbx_poly_seq_scheme.asym_id 
_pdbx_poly_seq_scheme.entity_id 
_pdbx_poly_seq_scheme.seq_id 
_pdbx_poly_seq_scheme.mon_id 
_pdbx_poly_seq_scheme.ndb_seq_num 
_pdbx_poly_seq_scheme.pdb_seq_num 
_pdbx_poly_seq_scheme.auth_seq_num 
_pdbx_poly_seq_scheme.pdb_mon_id 
_pdbx_poly_seq_scheme.auth_mon_id 
_pdbx_poly_seq_scheme.pdb_strand_id 
_pdbx_poly_seq_scheme.pdb_ins_code 
_pdbx_poly_seq_scheme.hetero 
A 1 1   ALA 1   1   1   ALA ALA A . n 
A 1 2   PRO 2   2   2   PRO PRO A . n 
A 1 3   ALA 3   3   3   ALA ALA A . n 
A 1 4   ALA 4   4   4   ALA ALA A . n 
A 1 5   VAL 5   5   5   VAL VAL A . n 
A 1 6   ASP 6   6   6   ASP ASP A . n 
A 1 7   TRP 7   7   7   TRP TRP A . n 
A 1 8   ARG 8   8   8   ARG ARG A . n 
A 1 9   ALA 9   9   9   ALA ALA A . n 
A 1 10  ARG 10  10  10  ARG ARG A . n 
A 1 11  GLY 11  11  11  GLY GLY A . n 
A 1 12  ALA 12  12  12  ALA ALA A . n 
A 1 13  VAL 13  13  13  VAL VAL A . n 
A 1 14  THR 14  14  14  THR THR A . n 
A 1 15  ALA 15  15  15  ALA ALA A . n 
A 1 16  VAL 16  16  16  VAL VAL A . n 
A 1 17  LYS 17  17  17  LYS LYS A . n 
A 1 18  ASP 18  18  18  ASP ASP A . n 
A 1 19  GLN 19  19  19  GLN GLN A . n 
A 1 20  GLY 20  20  20  GLY GLY A . n 
A 1 21  GLN 21  21  21  GLN GLN A . n 
A 1 22  CYS 22  22  22  CYS CYS A . n 
A 1 23  GLY 23  23  23  GLY GLY A . n 
A 1 24  SER 24  24  24  SER SER A . n 
A 1 25  CYS 25  25  25  CYS CYS A . n 
A 1 26  TRP 26  26  26  TRP TRP A . n 
A 1 27  ALA 27  27  27  ALA ALA A . n 
A 1 28  PHE 28  28  28  PHE PHE A . n 
A 1 29  SER 29  29  29  SER SER A . n 
A 1 30  ALA 30  30  30  ALA ALA A . n 
A 1 31  ILE 31  31  31  ILE ILE A . n 
A 1 32  GLY 32  32  32  GLY GLY A . n 
A 1 33  ASN 33  33  33  ASN ASN A . n 
A 1 34  VAL 34  34  34  VAL VAL A . n 
A 1 35  GLU 35  35  35  GLU GLU A . n 
A 1 36  CYS 36  36  36  CYS CYS A . n 
A 1 37  GLN 37  37  37  GLN GLN A . n 
A 1 38  TRP 38  38  38  TRP TRP A . n 
A 1 39  PHE 39  39  39  PHE PHE A . n 
A 1 40  LEU 40  40  40  LEU LEU A . n 
A 1 41  ALA 41  41  41  ALA ALA A . n 
A 1 42  GLY 42  42  42  GLY GLY A . n 
A 1 43  HIS 43  43  43  HIS HIS A . n 
A 1 44  PRO 44  44  44  PRO PRO A . n 
A 1 45  LEU 45  45  45  LEU LEU A . n 
A 1 46  THR 46  46  46  THR THR A . n 
A 1 47  ASN 47  47  47  ASN ASN A . n 
A 1 48  LEU 48  48  48  LEU LEU A . n 
A 1 49  SER 49  49  49  SER SER A . n 
A 1 50  GLU 50  50  50  GLU GLU A . n 
A 1 51  GLN 51  51  51  GLN GLN A . n 
A 1 52  MET 52  52  52  MET MET A . n 
A 1 53  LEU 53  53  53  LEU LEU A . n 
A 1 54  VAL 54  54  54  VAL VAL A . n 
A 1 55  SER 55  55  55  SER SER A . n 
A 1 56  CYS 56  56  56  CYS CYS A . n 
A 1 57  ASP 57  57  57  ASP ASP A . n 
A 1 58  LYS 58  58  58  LYS LYS A . n 
A 1 59  THR 59  59  59  THR THR A . n 
A 1 60  ASP 60  60  60  ASP ASP A . n 
A 1 61  SER 61  61  61  SER SER A . n 
A 1 62  GLY 62  62  62  GLY GLY A . n 
A 1 63  CYS 63  63  63  CYS CYS A . n 
A 1 64  SER 64  64  64  SER SER A . n 
A 1 65  GLY 65  65  65  GLY GLY A . n 
A 1 66  GLY 66  66  66  GLY GLY A . n 
A 1 67  LEU 67  67  67  LEU LEU A . n 
A 1 68  MET 68  68  68  MET MET A . n 
A 1 69  ASN 69  69  69  ASN ASN A . n 
A 1 70  ASN 70  70  70  ASN ASN A . n 
A 1 71  ALA 71  71  71  ALA ALA A . n 
A 1 72  PHE 72  72  72  PHE PHE A . n 
A 1 73  GLU 73  73  73  GLU GLU A . n 
A 1 74  TRP 74  74  74  TRP TRP A . n 
A 1 75  ILE 75  75  75  ILE ILE A . n 
A 1 76  VAL 76  76  76  VAL VAL A . n 
A 1 77  GLN 77  77  77  GLN GLN A . n 
A 1 78  GLU 78  78  78  GLU GLU A . n 
A 1 79  ASN 79  78  78  ASN ASN A A n 
A 1 80  ASN 80  78  78  ASN ASN A B n 
A 1 81  GLY 81  78  78  GLY GLY A C n 
A 1 82  ALA 82  79  79  ALA ALA A . n 
A 1 83  VAL 83  80  80  VAL VAL A . n 
A 1 84  TYR 84  81  81  TYR TYR A . n 
A 1 85  THR 85  82  82  THR THR A . n 
A 1 86  GLU 86  83  83  GLU GLU A . n 
A 1 87  ASP 87  84  84  ASP ASP A . n 
A 1 88  SER 88  85  85  SER SER A . n 
A 1 89  TYR 89  86  86  TYR TYR A . n 
A 1 90  PRO 90  87  87  PRO PRO A . n 
A 1 91  TYR 91  88  88  TYR TYR A . n 
A 1 92  ALA 92  89  89  ALA ALA A . n 
A 1 93  SER 93  89  89  SER SER A A n 
A 1 94  GLY 94  89  89  GLY GLY A B n 
A 1 95  GLU 95  89  89  GLU GLU A C n 
A 1 96  GLY 96  90  90  GLY GLY A . n 
A 1 97  ILE 97  91  91  ILE ILE A . n 
A 1 98  SER 98  92  92  SER SER A . n 
A 1 99  PRO 99  93  93  PRO PRO A . n 
A 1 100 PRO 100 94  94  PRO PRO A . n 
A 1 101 CYS 101 95  95  CYS CYS A . n 
A 1 102 THR 102 96  96  THR THR A . n 
A 1 103 THR 103 97  97  THR THR A . n 
A 1 104 SER 104 98  98  SER SER A . n 
A 1 105 GLY 105 99  99  GLY GLY A . n 
A 1 106 HIS 106 100 100 HIS HIS A . n 
A 1 107 THR 107 101 101 THR THR A . n 
A 1 108 VAL 108 102 102 VAL VAL A . n 
A 1 109 GLY 109 103 103 GLY GLY A . n 
A 1 110 ALA 110 105 105 ALA ALA A . n 
A 1 111 THR 111 106 106 THR THR A . n 
A 1 112 ILE 112 107 107 ILE ILE A . n 
A 1 113 THR 113 108 108 THR THR A . n 
A 1 114 GLY 114 109 109 GLY GLY A . n 
A 1 115 HIS 115 110 110 HIS HIS A . n 
A 1 116 VAL 116 111 111 VAL VAL A . n 
A 1 117 GLU 117 112 112 GLU GLU A . n 
A 1 118 LEU 118 113 113 LEU LEU A . n 
A 1 119 PRO 119 114 114 PRO PRO A . n 
A 1 120 GLN 120 115 115 GLN GLN A . n 
A 1 121 ASP 121 116 116 ASP ASP A . n 
A 1 122 GLU 122 117 117 GLU GLU A . n 
A 1 123 ALA 123 118 118 ALA ALA A . n 
A 1 124 GLN 124 119 119 GLN GLN A . n 
A 1 125 ILE 125 120 120 ILE ILE A . n 
A 1 126 ALA 126 121 121 ALA ALA A . n 
A 1 127 ALA 127 122 122 ALA ALA A . n 
A 1 128 TRP 128 123 123 TRP TRP A . n 
A 1 129 LEU 129 124 124 LEU LEU A . n 
A 1 130 ALA 130 125 125 ALA ALA A . n 
A 1 131 VAL 131 126 126 VAL VAL A . n 
A 1 132 ASN 132 127 127 ASN ASN A . n 
A 1 133 GLY 133 128 128 GLY GLY A . n 
A 1 134 PRO 134 129 129 PRO PRO A . n 
A 1 135 VAL 135 130 130 VAL VAL A . n 
A 1 136 ALA 136 131 131 ALA ALA A . n 
A 1 137 VAL 137 132 132 VAL VAL A . n 
A 1 138 ALA 138 133 133 ALA ALA A . n 
A 1 139 VAL 139 134 134 VAL VAL A . n 
A 1 140 ASP 140 135 135 ASP ASP A . n 
A 1 141 ALA 141 136 136 ALA ALA A . n 
A 1 142 SER 142 139 139 SER SER A . n 
A 1 143 SER 143 140 140 SER SER A . n 
A 1 144 TRP 144 141 141 TRP TRP A . n 
A 1 145 MET 145 142 142 MET MET A . n 
A 1 146 THR 146 143 143 THR THR A . n 
A 1 147 TYR 147 144 144 TYR TYR A . n 
A 1 148 THR 148 145 145 THR THR A . n 
A 1 149 GLY 149 146 146 GLY GLY A . n 
A 1 150 GLY 150 147 147 GLY GLY A . n 
A 1 151 VAL 151 148 148 VAL VAL A . n 
A 1 152 MET 152 149 149 MET MET A . n 
A 1 153 THR 153 151 151 THR THR A . n 
A 1 154 SER 154 152 152 SER SER A . n 
A 1 155 CYS 155 153 153 CYS CYS A . n 
A 1 156 VAL 156 154 154 VAL VAL A . n 
A 1 157 SER 157 155 155 SER SER A . n 
A 1 158 GLU 158 156 156 GLU GLU A . n 
A 1 159 GLN 159 156 156 GLN GLN A A n 
A 1 160 LEU 160 157 157 LEU LEU A . n 
A 1 161 ASP 161 158 158 ASP ASP A . n 
A 1 162 HIS 162 159 159 HIS HIS A . n 
A 1 163 GLY 163 160 160 GLY GLY A . n 
A 1 164 VAL 164 161 161 VAL VAL A . n 
A 1 165 LEU 165 162 162 LEU LEU A . n 
A 1 166 LEU 166 163 163 LEU LEU A . n 
A 1 167 VAL 167 164 164 VAL VAL A . n 
A 1 168 GLY 168 165 165 GLY GLY A . n 
A 1 169 TYR 169 166 166 TYR TYR A . n 
A 1 170 ASN 170 167 167 ASN ASN A . n 
A 1 171 ASP 171 167 167 ASP ASP A A n 
A 1 172 SER 172 167 167 SER SER A B n 
A 1 173 ALA 173 167 167 ALA ALA A C n 
A 1 174 ALA 174 167 167 ALA ALA A D n 
A 1 175 VAL 175 168 168 VAL VAL A . n 
A 1 176 PRO 176 169 169 PRO PRO A . n 
A 1 177 TYR 177 170 170 TYR TYR A . n 
A 1 178 TRP 178 171 171 TRP TRP A . n 
A 1 179 ILE 179 172 172 ILE ILE A . n 
A 1 180 ILE 180 173 173 ILE ILE A . n 
A 1 181 LYS 181 174 174 LYS LYS A . n 
A 1 182 ASN 182 175 175 ASN ASN A . n 
A 1 183 SER 183 176 176 SER SER A . n 
A 1 184 TRP 184 177 177 TRP TRP A . n 
A 1 185 THR 185 178 178 THR THR A . n 
A 1 186 THR 186 179 179 THR THR A . n 
A 1 187 GLN 187 180 180 GLN GLN A . n 
A 1 188 TRP 188 181 181 TRP TRP A . n 
A 1 189 GLY 189 182 182 GLY GLY A . n 
A 1 190 GLU 190 183 183 GLU GLU A . n 
A 1 191 GLU 191 184 184 GLU GLU A . n 
A 1 192 GLY 192 185 185 GLY GLY A . n 
A 1 193 TYR 193 186 186 TYR TYR A . n 
A 1 194 ILE 194 187 187 ILE ILE A . n 
A 1 195 ARG 195 188 188 ARG ARG A . n 
A 1 196 ILE 196 189 189 ILE ILE A . n 
A 1 197 ALA 197 190 190 ALA ALA A . n 
A 1 198 LYS 198 191 191 LYS LYS A . n 
A 1 199 GLY 199 192 192 GLY GLY A . n 
A 1 200 SER 200 193 193 SER SER A . n 
A 1 201 ASN 201 198 198 ASN ASN A . n 
A 1 202 GLN 202 199 199 GLN GLN A . n 
A 1 203 CYS 203 200 200 CYS CYS A . n 
A 1 204 LEU 204 201 201 LEU LEU A . n 
A 1 205 VAL 205 202 202 VAL VAL A . n 
A 1 206 LYS 206 203 203 LYS LYS A . n 
A 1 207 GLU 207 204 204 GLU GLU A . n 
A 1 208 GLU 208 205 205 GLU GLU A . n 
A 1 209 ALA 209 206 206 ALA ALA A . n 
A 1 210 SER 210 207 207 SER SER A . n 
A 1 211 SER 211 208 208 SER SER A . n 
A 1 212 ALA 212 209 209 ALA ALA A . n 
A 1 213 VAL 213 210 210 VAL VAL A . n 
A 1 214 VAL 214 211 211 VAL VAL A . n 
A 1 215 GLY 215 212 212 GLY GLY A . n 
# 
loop_
_pdbx_nonpoly_scheme.asym_id 
_pdbx_nonpoly_scheme.entity_id 
_pdbx_nonpoly_scheme.mon_id 
_pdbx_nonpoly_scheme.ndb_seq_num 
_pdbx_nonpoly_scheme.pdb_seq_num 
_pdbx_nonpoly_scheme.auth_seq_num 
_pdbx_nonpoly_scheme.pdb_mon_id 
_pdbx_nonpoly_scheme.auth_mon_id 
_pdbx_nonpoly_scheme.pdb_strand_id 
_pdbx_nonpoly_scheme.pdb_ins_code 
B 2 R99 1  280 280 R99 R99 A . 
C 3 HOH 1  281 1   HOH WAT A . 
C 3 HOH 2  282 2   HOH WAT A . 
C 3 HOH 3  283 3   HOH WAT A . 
C 3 HOH 4  284 4   HOH WAT A . 
C 3 HOH 5  285 5   HOH WAT A . 
C 3 HOH 6  286 6   HOH WAT A . 
C 3 HOH 7  287 7   HOH WAT A . 
C 3 HOH 8  288 8   HOH WAT A . 
C 3 HOH 9  289 9   HOH WAT A . 
C 3 HOH 10 290 10  HOH WAT A . 
C 3 HOH 11 291 11  HOH WAT A . 
C 3 HOH 12 292 12  HOH WAT A . 
C 3 HOH 13 293 13  HOH WAT A . 
C 3 HOH 14 294 14  HOH WAT A . 
C 3 HOH 15 295 15  HOH WAT A . 
C 3 HOH 16 296 16  HOH WAT A . 
C 3 HOH 17 297 17  HOH WAT A . 
C 3 HOH 18 298 18  HOH WAT A . 
C 3 HOH 19 299 19  HOH WAT A . 
C 3 HOH 20 300 20  HOH WAT A . 
C 3 HOH 21 301 21  HOH WAT A . 
C 3 HOH 22 302 22  HOH WAT A . 
C 3 HOH 23 303 23  HOH WAT A . 
C 3 HOH 24 304 24  HOH WAT A . 
C 3 HOH 25 305 25  HOH WAT A . 
C 3 HOH 26 306 26  HOH WAT A . 
C 3 HOH 27 307 27  HOH WAT A . 
C 3 HOH 28 308 28  HOH WAT A . 
C 3 HOH 29 309 29  HOH WAT A . 
C 3 HOH 30 310 30  HOH WAT A . 
C 3 HOH 31 311 31  HOH WAT A . 
C 3 HOH 32 312 32  HOH WAT A . 
C 3 HOH 33 313 33  HOH WAT A . 
C 3 HOH 34 314 34  HOH WAT A . 
C 3 HOH 35 315 35  HOH WAT A . 
C 3 HOH 36 316 36  HOH WAT A . 
C 3 HOH 37 317 37  HOH WAT A . 
C 3 HOH 38 318 38  HOH WAT A . 
C 3 HOH 39 319 39  HOH WAT A . 
C 3 HOH 40 320 40  HOH WAT A . 
C 3 HOH 41 321 41  HOH WAT A . 
C 3 HOH 42 322 42  HOH WAT A . 
C 3 HOH 43 323 43  HOH WAT A . 
C 3 HOH 44 324 44  HOH WAT A . 
C 3 HOH 45 325 45  HOH WAT A . 
C 3 HOH 46 326 46  HOH WAT A . 
C 3 HOH 47 327 47  HOH WAT A . 
C 3 HOH 48 328 48  HOH WAT A . 
C 3 HOH 49 329 49  HOH WAT A . 
C 3 HOH 50 330 50  HOH WAT A . 
C 3 HOH 51 331 51  HOH WAT A . 
C 3 HOH 52 332 52  HOH WAT A . 
C 3 HOH 53 333 53  HOH WAT A . 
C 3 HOH 54 334 54  HOH WAT A . 
C 3 HOH 55 335 55  HOH WAT A . 
C 3 HOH 56 336 56  HOH WAT A . 
C 3 HOH 57 337 57  HOH WAT A . 
C 3 HOH 58 338 58  HOH WAT A . 
C 3 HOH 59 339 59  HOH WAT A . 
C 3 HOH 60 340 60  HOH WAT A . 
C 3 HOH 61 341 61  HOH WAT A . 
C 3 HOH 62 342 62  HOH WAT A . 
C 3 HOH 63 343 63  HOH WAT A . 
C 3 HOH 64 344 64  HOH WAT A . 
C 3 HOH 65 345 65  HOH WAT A . 
C 3 HOH 66 346 66  HOH WAT A . 
C 3 HOH 67 347 67  HOH WAT A . 
C 3 HOH 68 348 68  HOH WAT A . 
# 
loop_
_software.name 
_software.classification 
_software.version 
_software.citation_id 
_software.pdbx_ordinal 
DENZO     'data reduction' .     ? 1 
SCALEPACK 'data scaling'   .     ? 2 
AMoRE     phasing          .     ? 3 
X-PLOR    refinement       3.843 ? 4 
# 
_cell.entry_id           1EWL 
_cell.length_a           43.095 
_cell.length_b           51.648 
_cell.length_c           45.257 
_cell.angle_alpha        90.00 
_cell.angle_beta         114.92 
_cell.angle_gamma        90.00 
_cell.Z_PDB              2 
_cell.pdbx_unique_axis   ? 
_cell.length_a_esd       ? 
_cell.length_b_esd       ? 
_cell.length_c_esd       ? 
_cell.angle_alpha_esd    ? 
_cell.angle_beta_esd     ? 
_cell.angle_gamma_esd    ? 
# 
_symmetry.entry_id                         1EWL 
_symmetry.space_group_name_H-M             'P 1 21 1' 
_symmetry.pdbx_full_space_group_name_H-M   ? 
_symmetry.cell_setting                     ? 
_symmetry.Int_Tables_number                4 
_symmetry.space_group_name_Hall            ? 
# 
_exptl.entry_id          1EWL 
_exptl.method            'X-RAY DIFFRACTION' 
_exptl.crystals_number   2 
# 
_exptl_crystal.id                    1 
_exptl_crystal.density_meas          ? 
_exptl_crystal.density_percent_sol   38.81 
_exptl_crystal.density_Matthews      2.01 
_exptl_crystal.description           ? 
_exptl_crystal.F_000                 ? 
_exptl_crystal.preparation           ? 
# 
_exptl_crystal_grow.crystal_id      1 
_exptl_crystal_grow.method          'VAPOR DIFFUSION, HANGING DROP' 
_exptl_crystal_grow.pH              6.25 
_exptl_crystal_grow.temp            292 
_exptl_crystal_grow.temp_details    ? 
_exptl_crystal_grow.pdbx_details    '0.9M NaCitrate, pH 6.25, VAPOR DIFFUSION, HANGING DROP, temperature 292K' 
_exptl_crystal_grow.pdbx_pH_range   ? 
# 
_diffrn.id                     1 
_diffrn.ambient_temp           298.0 
_diffrn.ambient_temp_details   ? 
_diffrn.crystal_id             1 
# 
_diffrn_detector.diffrn_id              1 
_diffrn_detector.detector               'IMAGE PLATE' 
_diffrn_detector.type                   'RIGAKU RAXIS IV' 
_diffrn_detector.pdbx_collection_date   1997-02-25 
_diffrn_detector.details                ? 
# 
_diffrn_radiation.diffrn_id                        1 
_diffrn_radiation.wavelength_id                    1 
_diffrn_radiation.monochromator                    ? 
_diffrn_radiation.pdbx_monochromatic_or_laue_m_l   M 
_diffrn_radiation.pdbx_diffrn_protocol             'SINGLE WAVELENGTH' 
_diffrn_radiation.pdbx_scattering_type             x-ray 
# 
_diffrn_radiation_wavelength.id           1 
_diffrn_radiation_wavelength.wavelength   1.5418 
_diffrn_radiation_wavelength.wt           1.0 
# 
_diffrn_source.diffrn_id                   1 
_diffrn_source.source                      'ROTATING ANODE' 
_diffrn_source.type                        'RIGAKU RU200' 
_diffrn_source.pdbx_wavelength             1.5418 
_diffrn_source.pdbx_synchrotron_site       ? 
_diffrn_source.pdbx_synchrotron_beamline   ? 
_diffrn_source.pdbx_wavelength_list        ? 
# 
_reflns.entry_id                     1EWL 
_reflns.observed_criterion_sigma_I   -3.0 
_reflns.observed_criterion_sigma_F   0 
_reflns.d_resolution_low             22.0 
_reflns.d_resolution_high            2.0 
_reflns.number_obs                   11856 
_reflns.number_all                   11856 
_reflns.percent_possible_obs         96.2 
_reflns.pdbx_Rmerge_I_obs            0.085 
_reflns.pdbx_Rsym_value              ? 
_reflns.pdbx_netI_over_sigmaI        8.1 
_reflns.B_iso_Wilson_estimate        11.7 
_reflns.pdbx_redundancy              2.2 
_reflns.R_free_details               ? 
_reflns.limit_h_max                  ? 
_reflns.limit_h_min                  ? 
_reflns.limit_k_max                  ? 
_reflns.limit_k_min                  ? 
_reflns.limit_l_max                  ? 
_reflns.limit_l_min                  ? 
_reflns.observed_criterion_F_max     ? 
_reflns.observed_criterion_F_min     ? 
_reflns.pdbx_chi_squared             ? 
_reflns.pdbx_scaling_rejects         ? 
_reflns.pdbx_ordinal                 1 
_reflns.pdbx_diffrn_id               1 
# 
_reflns_shell.d_res_high             2.0 
_reflns_shell.d_res_low              2.07 
_reflns_shell.percent_possible_obs   ? 
_reflns_shell.percent_possible_all   95.1 
_reflns_shell.Rmerge_I_obs           0.169 
_reflns_shell.meanI_over_sigI_obs    ? 
_reflns_shell.pdbx_Rsym_value        ? 
_reflns_shell.pdbx_redundancy        2.2 
_reflns_shell.number_unique_all      1185 
_reflns_shell.number_measured_all    ? 
_reflns_shell.number_measured_obs    ? 
_reflns_shell.number_unique_obs      ? 
_reflns_shell.pdbx_chi_squared       ? 
_reflns_shell.pdbx_ordinal           1 
_reflns_shell.pdbx_diffrn_id         1 
# 
_refine.entry_id                                 1EWL 
_refine.ls_number_reflns_obs                     11801 
_refine.ls_number_reflns_all                     11856 
_refine.pdbx_ls_sigma_I                          0 
_refine.pdbx_ls_sigma_F                          0.0 
_refine.pdbx_data_cutoff_high_absF               10000000.00 
_refine.pdbx_data_cutoff_low_absF                0.00 
_refine.ls_d_res_low                             22.00 
_refine.ls_d_res_high                            2.00 
_refine.ls_percent_reflns_obs                    95.9 
_refine.ls_R_factor_obs                          0.171 
_refine.ls_R_factor_all                          0.18 
_refine.ls_R_factor_R_work                       0.171 
_refine.ls_R_factor_R_free                       0.233 
_refine.ls_R_factor_R_free_error                 0.010 
_refine.ls_R_factor_R_free_error_details         ? 
_refine.ls_percent_reflns_R_free                 4.8 
_refine.ls_number_reflns_R_free                  572 
_refine.ls_number_parameters                     ? 
_refine.ls_number_restraints                     ? 
_refine.occupancy_min                            ? 
_refine.occupancy_max                            ? 
_refine.B_iso_mean                               16.0 
_refine.aniso_B[1][1]                            0.00 
_refine.aniso_B[2][2]                            0.00 
_refine.aniso_B[3][3]                            0.00 
_refine.aniso_B[1][2]                            0.00 
_refine.aniso_B[1][3]                            0.00 
_refine.aniso_B[2][3]                            0.00 
_refine.solvent_model_details                    ? 
_refine.solvent_model_param_ksol                 ? 
_refine.solvent_model_param_bsol                 ? 
_refine.pdbx_ls_cross_valid_method               THROUGHOUT 
_refine.details                                  'used simulated annealing, positional, and isotropic bfactor refinement' 
_refine.pdbx_starting_model                      ? 
_refine.pdbx_method_to_determine_struct          ? 
_refine.pdbx_isotropic_thermal_model             RESTRAINED 
_refine.pdbx_stereochemistry_target_values       'param19 and toph19' 
_refine.pdbx_stereochem_target_val_spec_case     ? 
_refine.pdbx_R_Free_selection_details            RANDOM 
_refine.pdbx_overall_ESU_R_Free                  ? 
_refine.overall_SU_B                             ? 
_refine.ls_redundancy_reflns_obs                 ? 
_refine.B_iso_min                                ? 
_refine.B_iso_max                                ? 
_refine.overall_SU_ML                            ? 
_refine.pdbx_data_cutoff_high_rms_absF           ? 
_refine.correlation_coeff_Fo_to_Fc               ? 
_refine.correlation_coeff_Fo_to_Fc_free          ? 
_refine.pdbx_solvent_vdw_probe_radii             ? 
_refine.pdbx_solvent_ion_probe_radii             ? 
_refine.pdbx_solvent_shrinkage_radii             ? 
_refine.overall_SU_R_Cruickshank_DPI             ? 
_refine.overall_SU_R_free                        ? 
_refine.pdbx_refine_id                           'X-RAY DIFFRACTION' 
_refine.pdbx_overall_ESU_R                       ? 
_refine.pdbx_overall_phase_error                 ? 
_refine.ls_wR_factor_R_free                      ? 
_refine.ls_wR_factor_R_work                      ? 
_refine.overall_FOM_free_R_set                   ? 
_refine.overall_FOM_work_R_set                   ? 
_refine.pdbx_diffrn_id                           1 
_refine.pdbx_TLS_residual_ADP_flag               ? 
_refine.pdbx_overall_SU_R_free_Cruickshank_DPI   ? 
_refine.pdbx_overall_SU_R_Blow_DPI               ? 
_refine.pdbx_overall_SU_R_free_Blow_DPI          ? 
# 
_refine_analyze.entry_id                        1EWL 
_refine_analyze.Luzzati_coordinate_error_obs    0.19 
_refine_analyze.Luzzati_sigma_a_obs             0.18 
_refine_analyze.Luzzati_d_res_low_obs           5.00 
_refine_analyze.Luzzati_coordinate_error_free   0.26 
_refine_analyze.Luzzati_sigma_a_free            0.19 
_refine_analyze.Luzzati_d_res_low_free          ? 
_refine_analyze.number_disordered_residues      ? 
_refine_analyze.occupancy_sum_hydrogen          ? 
_refine_analyze.occupancy_sum_non_hydrogen      ? 
_refine_analyze.pdbx_Luzzati_d_res_high_obs     ? 
_refine_analyze.pdbx_refine_id                  'X-RAY DIFFRACTION' 
# 
_refine_hist.pdbx_refine_id                   'X-RAY DIFFRACTION' 
_refine_hist.cycle_id                         LAST 
_refine_hist.pdbx_number_atoms_protein        1593 
_refine_hist.pdbx_number_atoms_nucleic_acid   0 
_refine_hist.pdbx_number_atoms_ligand         26 
_refine_hist.number_atoms_solvent             68 
_refine_hist.number_atoms_total               1687 
_refine_hist.d_res_high                       2.00 
_refine_hist.d_res_low                        22.00 
# 
loop_
_refine_ls_restr.type 
_refine_ls_restr.dev_ideal 
_refine_ls_restr.dev_ideal_target 
_refine_ls_restr.weight 
_refine_ls_restr.number 
_refine_ls_restr.pdbx_refine_id 
_refine_ls_restr.pdbx_restraint_function 
x_bond_d           0.011 ? ? ? 'X-RAY DIFFRACTION' ? 
x_angle_deg        2.6   ? ? ? 'X-RAY DIFFRACTION' ? 
x_dihedral_angle_d 26.1  ? ? ? 'X-RAY DIFFRACTION' ? 
x_improper_angle_d 1.06  ? ? ? 'X-RAY DIFFRACTION' ? 
# 
_refine_ls_shell.pdbx_total_number_of_bins_used   6 
_refine_ls_shell.d_res_high                       2.00 
_refine_ls_shell.d_res_low                        2.13 
_refine_ls_shell.number_reflns_R_work             1808 
_refine_ls_shell.R_factor_R_work                  0.222 
_refine_ls_shell.percent_reflns_obs               93.2 
_refine_ls_shell.R_factor_R_free                  0.279 
_refine_ls_shell.R_factor_R_free_error            0.030 
_refine_ls_shell.percent_reflns_R_free            4.6 
_refine_ls_shell.number_reflns_R_free             87 
_refine_ls_shell.redundancy_reflns_obs            ? 
_refine_ls_shell.number_reflns_all                ? 
_refine_ls_shell.number_reflns_obs                ? 
_refine_ls_shell.pdbx_refine_id                   'X-RAY DIFFRACTION' 
_refine_ls_shell.R_factor_all                     ? 
# 
loop_
_pdbx_xplor_file.serial_no 
_pdbx_xplor_file.param_file 
_pdbx_xplor_file.topol_file 
_pdbx_xplor_file.pdbx_refine_id 
1 PARAM19SG.PRO TOHP19SG2.PRO 'X-RAY DIFFRACTION' 
2 PARAM19.SOL   RDXX.TPX      'X-RAY DIFFRACTION' 
3 R99.PRX       R99.TPX       'X-RAY DIFFRACTION' 
# 
_struct.entry_id                  1EWL 
_struct.title                     'CRYSTAL STRUCTURE OF CRUZAIN BOUND TO WRR-99' 
_struct.pdbx_model_details        ? 
_struct.pdbx_CASP_flag            ? 
_struct.pdbx_model_type_details   ? 
# 
_struct_keywords.entry_id        1EWL 
_struct_keywords.pdbx_keywords   'HYDROLASE/HYDROLASE INHIBITOR' 
_struct_keywords.text            
'papain-like cysteine protease, drug design, covalent inhibitor, cruzipain, HYDROLASE-HYDROLASE INHIBITOR COMPLEX' 
# 
loop_
_struct_asym.id 
_struct_asym.pdbx_blank_PDB_chainid_flag 
_struct_asym.pdbx_modified 
_struct_asym.entity_id 
_struct_asym.details 
A N N 1 ? 
B N N 2 ? 
C N N 3 ? 
# 
_struct_ref.id                         1 
_struct_ref.db_code                    CYSP_TRYCR 
_struct_ref.db_name                    UNP 
_struct_ref.entity_id                  1 
_struct_ref.pdbx_db_accession          P25779 
_struct_ref.pdbx_align_begin           123 
_struct_ref.pdbx_seq_one_letter_code   
;APAAVDWRARGAVTAVKDQGQCGSCWAFSAIGNVECQWFLAGHPLTNLSEQMLVSCDKTDSGCSGGLMNNAFEWIVQENN
GAVYTEDSYPYASGEGISPPCTTSGHTVGATITGHVELPQDEAQIAAWLAVNGPVAVAVDASSWMTYTGGVMTSCVSEQL
DHGVLLVGYNDSAAVPYWIIKNSWTTQWGEEGYIRIAKGSNQCLVKEEASSAVVG
;
_struct_ref.pdbx_db_isoform            ? 
# 
_struct_ref_seq.align_id                      1 
_struct_ref_seq.ref_id                        1 
_struct_ref_seq.pdbx_PDB_id_code              1EWL 
_struct_ref_seq.pdbx_strand_id                A 
_struct_ref_seq.seq_align_beg                 1 
_struct_ref_seq.pdbx_seq_align_beg_ins_code   ? 
_struct_ref_seq.seq_align_end                 215 
_struct_ref_seq.pdbx_seq_align_end_ins_code   ? 
_struct_ref_seq.pdbx_db_accession             P25779 
_struct_ref_seq.db_align_beg                  123 
_struct_ref_seq.pdbx_db_align_beg_ins_code    ? 
_struct_ref_seq.db_align_end                  337 
_struct_ref_seq.pdbx_db_align_end_ins_code    ? 
_struct_ref_seq.pdbx_auth_seq_align_beg       1 
_struct_ref_seq.pdbx_auth_seq_align_end       212 
# 
_pdbx_struct_assembly.id                   1 
_pdbx_struct_assembly.details              author_defined_assembly 
_pdbx_struct_assembly.method_details       ? 
_pdbx_struct_assembly.oligomeric_details   monomeric 
_pdbx_struct_assembly.oligomeric_count     1 
# 
_pdbx_struct_assembly_gen.assembly_id       1 
_pdbx_struct_assembly_gen.oper_expression   1 
_pdbx_struct_assembly_gen.asym_id_list      A,B,C 
# 
_pdbx_struct_oper_list.id                   1 
_pdbx_struct_oper_list.type                 'identity operation' 
_pdbx_struct_oper_list.name                 1_555 
_pdbx_struct_oper_list.symmetry_operation   x,y,z 
_pdbx_struct_oper_list.matrix[1][1]         1.0000000000 
_pdbx_struct_oper_list.matrix[1][2]         0.0000000000 
_pdbx_struct_oper_list.matrix[1][3]         0.0000000000 
_pdbx_struct_oper_list.vector[1]            0.0000000000 
_pdbx_struct_oper_list.matrix[2][1]         0.0000000000 
_pdbx_struct_oper_list.matrix[2][2]         1.0000000000 
_pdbx_struct_oper_list.matrix[2][3]         0.0000000000 
_pdbx_struct_oper_list.vector[2]            0.0000000000 
_pdbx_struct_oper_list.matrix[3][1]         0.0000000000 
_pdbx_struct_oper_list.matrix[3][2]         0.0000000000 
_pdbx_struct_oper_list.matrix[3][3]         1.0000000000 
_pdbx_struct_oper_list.vector[3]            0.0000000000 
# 
_struct_biol.id        1 
_struct_biol.details   ? 
# 
loop_
_struct_conf.conf_type_id 
_struct_conf.id 
_struct_conf.pdbx_PDB_helix_id 
_struct_conf.beg_label_comp_id 
_struct_conf.beg_label_asym_id 
_struct_conf.beg_label_seq_id 
_struct_conf.pdbx_beg_PDB_ins_code 
_struct_conf.end_label_comp_id 
_struct_conf.end_label_asym_id 
_struct_conf.end_label_seq_id 
_struct_conf.pdbx_end_PDB_ins_code 
_struct_conf.beg_auth_comp_id 
_struct_conf.beg_auth_asym_id 
_struct_conf.beg_auth_seq_id 
_struct_conf.end_auth_comp_id 
_struct_conf.end_auth_asym_id 
_struct_conf.end_auth_seq_id 
_struct_conf.pdbx_PDB_helix_class 
_struct_conf.details 
_struct_conf.pdbx_PDB_helix_length 
HELX_P HELX_P1 1 ARG A 8   ? GLY A 11  ? ARG A 8   GLY A 11  5 ? 4  
HELX_P HELX_P2 2 SER A 24  ? ALA A 41  ? SER A 24  ALA A 41  1 ? 18 
HELX_P HELX_P3 3 SER A 49  ? ASP A 57  ? SER A 49  ASP A 57  1 ? 9  
HELX_P HELX_P4 4 SER A 61  ? GLY A 65  ? SER A 61  GLY A 65  5 ? 5  
HELX_P HELX_P5 6 ASP A 121 ? GLY A 133 ? ASP A 116 GLY A 128 1 ? 13 
HELX_P HELX_P6 7 ALA A 141 ? TYR A 147 ? ALA A 136 TYR A 144 5 ? 7  
HELX_P HELX_P7 8 ASN A 201 ? VAL A 205 ? ASN A 198 VAL A 202 5 ? 5  
# 
_struct_conf_type.id          HELX_P 
_struct_conf_type.criteria    ? 
_struct_conf_type.reference   ? 
# 
loop_
_struct_conn.id 
_struct_conn.conn_type_id 
_struct_conn.pdbx_leaving_atom_flag 
_struct_conn.pdbx_PDB_id 
_struct_conn.ptnr1_label_asym_id 
_struct_conn.ptnr1_label_comp_id 
_struct_conn.ptnr1_label_seq_id 
_struct_conn.ptnr1_label_atom_id 
_struct_conn.pdbx_ptnr1_label_alt_id 
_struct_conn.pdbx_ptnr1_PDB_ins_code 
_struct_conn.pdbx_ptnr1_standard_comp_id 
_struct_conn.ptnr1_symmetry 
_struct_conn.ptnr2_label_asym_id 
_struct_conn.ptnr2_label_comp_id 
_struct_conn.ptnr2_label_seq_id 
_struct_conn.ptnr2_label_atom_id 
_struct_conn.pdbx_ptnr2_label_alt_id 
_struct_conn.pdbx_ptnr2_PDB_ins_code 
_struct_conn.ptnr1_auth_asym_id 
_struct_conn.ptnr1_auth_comp_id 
_struct_conn.ptnr1_auth_seq_id 
_struct_conn.ptnr2_auth_asym_id 
_struct_conn.ptnr2_auth_comp_id 
_struct_conn.ptnr2_auth_seq_id 
_struct_conn.ptnr2_symmetry 
_struct_conn.pdbx_ptnr3_label_atom_id 
_struct_conn.pdbx_ptnr3_label_seq_id 
_struct_conn.pdbx_ptnr3_label_comp_id 
_struct_conn.pdbx_ptnr3_label_asym_id 
_struct_conn.pdbx_ptnr3_label_alt_id 
_struct_conn.pdbx_ptnr3_PDB_ins_code 
_struct_conn.details 
_struct_conn.pdbx_dist_value 
_struct_conn.pdbx_value_order 
_struct_conn.pdbx_role 
disulf1 disulf ?    ? A CYS 22  SG ? ? ? 1_555 A CYS 63  SG ? ? A CYS 22  A CYS 63  1_555 ? ? ? ? ? ? ? 2.028 ? ? 
disulf2 disulf ?    ? A CYS 56  SG ? ? ? 1_555 A CYS 101 SG ? ? A CYS 56  A CYS 95  1_555 ? ? ? ? ? ? ? 2.003 ? ? 
disulf3 disulf ?    ? A CYS 155 SG ? ? ? 1_555 A CYS 203 SG ? ? A CYS 153 A CYS 200 1_555 ? ? ? ? ? ? ? 2.012 ? ? 
covale1 covale none ? A CYS 25  SG ? ? ? 1_555 B R99 .   C2 ? ? A CYS 25  A R99 280 1_555 ? ? ? ? ? ? ? 1.826 ? ? 
# 
loop_
_struct_conn_type.id 
_struct_conn_type.criteria 
_struct_conn_type.reference 
disulf ? ? 
covale ? ? 
# 
loop_
_pdbx_modification_feature.ordinal 
_pdbx_modification_feature.label_comp_id 
_pdbx_modification_feature.label_asym_id 
_pdbx_modification_feature.label_seq_id 
_pdbx_modification_feature.label_alt_id 
_pdbx_modification_feature.modified_residue_label_comp_id 
_pdbx_modification_feature.modified_residue_label_asym_id 
_pdbx_modification_feature.modified_residue_label_seq_id 
_pdbx_modification_feature.modified_residue_label_alt_id 
_pdbx_modification_feature.auth_comp_id 
_pdbx_modification_feature.auth_asym_id 
_pdbx_modification_feature.auth_seq_id 
_pdbx_modification_feature.PDB_ins_code 
_pdbx_modification_feature.symmetry 
_pdbx_modification_feature.modified_residue_auth_comp_id 
_pdbx_modification_feature.modified_residue_auth_asym_id 
_pdbx_modification_feature.modified_residue_auth_seq_id 
_pdbx_modification_feature.modified_residue_PDB_ins_code 
_pdbx_modification_feature.modified_residue_symmetry 
_pdbx_modification_feature.comp_id_linking_atom 
_pdbx_modification_feature.modified_residue_id_linking_atom 
_pdbx_modification_feature.modified_residue_id 
_pdbx_modification_feature.ref_pcm_id 
_pdbx_modification_feature.ref_comp_id 
_pdbx_modification_feature.type 
_pdbx_modification_feature.category 
1 R99 B .   ? CYS A 25  ? R99 A 280 ? 1_555 CYS A 25  ? 1_555 C2 SG CYS 1 R99 None 'Covalent chemical modification' 
2 CYS A 22  ? CYS A 63  ? CYS A 22  ? 1_555 CYS A 63  ? 1_555 SG SG .   . .   None 'Disulfide bridge'               
3 CYS A 56  ? CYS A 101 ? CYS A 56  ? 1_555 CYS A 95  ? 1_555 SG SG .   . .   None 'Disulfide bridge'               
4 CYS A 155 ? CYS A 203 ? CYS A 153 ? 1_555 CYS A 200 ? 1_555 SG SG .   . .   None 'Disulfide bridge'               
# 
loop_
_struct_sheet.id 
_struct_sheet.type 
_struct_sheet.number_strands 
_struct_sheet.details 
A ? 3 ? 
B ? 5 ? 
C ? 2 ? 
D ? 2 ? 
# 
loop_
_struct_sheet_order.sheet_id 
_struct_sheet_order.range_id_1 
_struct_sheet_order.range_id_2 
_struct_sheet_order.offset 
_struct_sheet_order.sense 
A 1 2 ? anti-parallel 
A 2 3 ? anti-parallel 
B 1 2 ? anti-parallel 
B 2 3 ? anti-parallel 
B 3 4 ? anti-parallel 
B 4 5 ? parallel      
C 1 2 ? anti-parallel 
D 1 2 ? anti-parallel 
# 
loop_
_struct_sheet_range.sheet_id 
_struct_sheet_range.id 
_struct_sheet_range.beg_label_comp_id 
_struct_sheet_range.beg_label_asym_id 
_struct_sheet_range.beg_label_seq_id 
_struct_sheet_range.pdbx_beg_PDB_ins_code 
_struct_sheet_range.end_label_comp_id 
_struct_sheet_range.end_label_asym_id 
_struct_sheet_range.end_label_seq_id 
_struct_sheet_range.pdbx_end_PDB_ins_code 
_struct_sheet_range.beg_auth_comp_id 
_struct_sheet_range.beg_auth_asym_id 
_struct_sheet_range.beg_auth_seq_id 
_struct_sheet_range.end_auth_comp_id 
_struct_sheet_range.end_auth_asym_id 
_struct_sheet_range.end_auth_seq_id 
A 1 VAL A 135 ? VAL A 139 ? VAL A 130 VAL A 134 
A 2 HIS A 162 ? ASN A 170 ? HIS A 159 ASN A 167 
A 3 ALA A 4   ? ASP A 6   ? ALA A 4   ASP A 6   
B 1 VAL A 135 ? VAL A 139 ? VAL A 130 VAL A 134 
B 2 HIS A 162 ? ASN A 170 ? HIS A 159 ASN A 167 
B 3 TYR A 177 ? LYS A 181 ? TYR A 170 LYS A 174 
B 4 TYR A 193 ? ALA A 197 ? TYR A 186 ALA A 190 
B 5 VAL A 151 ? MET A 152 ? VAL A 148 MET A 149 
C 1 ALA A 82  ? TYR A 84  ? ALA A 79  TYR A 81  
C 2 VAL A 108 ? THR A 111 ? VAL A 102 THR A 106 
D 1 GLY A 114 ? GLU A 117 ? GLY A 109 GLU A 112 
D 2 SER A 210 ? VAL A 213 ? SER A 207 VAL A 210 
# 
loop_
_pdbx_struct_sheet_hbond.sheet_id 
_pdbx_struct_sheet_hbond.range_id_1 
_pdbx_struct_sheet_hbond.range_id_2 
_pdbx_struct_sheet_hbond.range_1_label_atom_id 
_pdbx_struct_sheet_hbond.range_1_label_comp_id 
_pdbx_struct_sheet_hbond.range_1_label_asym_id 
_pdbx_struct_sheet_hbond.range_1_label_seq_id 
_pdbx_struct_sheet_hbond.range_1_PDB_ins_code 
_pdbx_struct_sheet_hbond.range_1_auth_atom_id 
_pdbx_struct_sheet_hbond.range_1_auth_comp_id 
_pdbx_struct_sheet_hbond.range_1_auth_asym_id 
_pdbx_struct_sheet_hbond.range_1_auth_seq_id 
_pdbx_struct_sheet_hbond.range_2_label_atom_id 
_pdbx_struct_sheet_hbond.range_2_label_comp_id 
_pdbx_struct_sheet_hbond.range_2_label_asym_id 
_pdbx_struct_sheet_hbond.range_2_label_seq_id 
_pdbx_struct_sheet_hbond.range_2_PDB_ins_code 
_pdbx_struct_sheet_hbond.range_2_auth_atom_id 
_pdbx_struct_sheet_hbond.range_2_auth_comp_id 
_pdbx_struct_sheet_hbond.range_2_auth_asym_id 
_pdbx_struct_sheet_hbond.range_2_auth_seq_id 
A 1 2 N VAL A 139 ? N VAL A 134 O HIS A 162 ? O HIS A 159 
A 2 3 O TYR A 169 ? O TYR A 166 N VAL A 5   ? N VAL A 5   
B 1 2 N VAL A 139 ? N VAL A 134 O HIS A 162 ? O HIS A 159 
B 2 3 N ASN A 170 ? N ASN A 167 O TYR A 177 ? O TYR A 170 
B 3 4 N ILE A 180 ? N ILE A 173 O ILE A 194 ? O ILE A 187 
B 4 5 O ARG A 195 ? O ARG A 188 N MET A 152 ? N MET A 149 
C 1 2 O VAL A 83  ? O VAL A 80  N GLY A 109 ? N GLY A 103 
D 1 2 N VAL A 116 ? N VAL A 111 O SER A 211 ? O SER A 208 
# 
_struct_site.id                   AC1 
_struct_site.pdbx_evidence_code   Software 
_struct_site.pdbx_auth_asym_id    A 
_struct_site.pdbx_auth_comp_id    R99 
_struct_site.pdbx_auth_seq_id     280 
_struct_site.pdbx_auth_ins_code   ? 
_struct_site.pdbx_num_residues    15 
_struct_site.details              'BINDING SITE FOR RESIDUE R99 A 280' 
# 
loop_
_struct_site_gen.id 
_struct_site_gen.site_id 
_struct_site_gen.pdbx_num_res 
_struct_site_gen.label_comp_id 
_struct_site_gen.label_asym_id 
_struct_site_gen.label_seq_id 
_struct_site_gen.pdbx_auth_ins_code 
_struct_site_gen.auth_comp_id 
_struct_site_gen.auth_asym_id 
_struct_site_gen.auth_seq_id 
_struct_site_gen.label_atom_id 
_struct_site_gen.label_alt_id 
_struct_site_gen.symmetry 
_struct_site_gen.details 
1  AC1 15 GLN A 19  ? GLN A 19  . ? 1_555 ? 
2  AC1 15 GLY A 23  ? GLY A 23  . ? 1_555 ? 
3  AC1 15 SER A 24  ? SER A 24  . ? 1_555 ? 
4  AC1 15 CYS A 25  ? CYS A 25  . ? 1_555 ? 
5  AC1 15 TRP A 26  ? TRP A 26  . ? 1_555 ? 
6  AC1 15 SER A 64  ? SER A 64  . ? 1_555 ? 
7  AC1 15 GLY A 65  ? GLY A 65  . ? 1_555 ? 
8  AC1 15 GLY A 66  ? GLY A 66  . ? 1_555 ? 
9  AC1 15 LEU A 67  ? LEU A 67  . ? 1_555 ? 
10 AC1 15 MET A 68  ? MET A 68  . ? 1_555 ? 
11 AC1 15 ALA A 138 ? ALA A 133 . ? 1_555 ? 
12 AC1 15 ASP A 161 ? ASP A 158 . ? 1_555 ? 
13 AC1 15 HIS A 162 ? HIS A 159 . ? 1_555 ? 
14 AC1 15 HOH C .   ? HOH A 317 . ? 1_555 ? 
15 AC1 15 HOH C .   ? HOH A 347 . ? 1_555 ? 
# 
_pdbx_entry_details.entry_id                   1EWL 
_pdbx_entry_details.nonpolymer_details         
;R99 IS AN E-64 ANALOG. 
R99 WAS N-(3-CARBOXYOXIRANE-2-CARBONYL)-D- 
HOMOPHENYLALANYL-AMINO-2-METHYLBUTANE BEFORE REACTION 
WITH THE PROTEASE.  DURING REACTION WITH THE PROTEASE, 
THE EPOXIDE RING OPENS TO FORM N-[3-CARBOXY-2-HYDROXY- 
PROPIONYL]-D-HOMOPHENYLALANYL-AMINO-2-METHYLBUTANE.  
THE SG OF CYS 25 IS THEN LINKED TO THE C2 OF R99 280  
AFTER REACTION.
;
_pdbx_entry_details.sequence_details           'THERE IS A STOP CODON AFTER RESIDUE 212.' 
_pdbx_entry_details.compound_details           ? 
_pdbx_entry_details.source_details             ? 
_pdbx_entry_details.has_ligand_of_interest     ? 
_pdbx_entry_details.has_protein_modification   Y 
# 
loop_
_pdbx_validate_rmsd_bond.id 
_pdbx_validate_rmsd_bond.PDB_model_num 
_pdbx_validate_rmsd_bond.auth_atom_id_1 
_pdbx_validate_rmsd_bond.auth_asym_id_1 
_pdbx_validate_rmsd_bond.auth_comp_id_1 
_pdbx_validate_rmsd_bond.auth_seq_id_1 
_pdbx_validate_rmsd_bond.PDB_ins_code_1 
_pdbx_validate_rmsd_bond.label_alt_id_1 
_pdbx_validate_rmsd_bond.auth_atom_id_2 
_pdbx_validate_rmsd_bond.auth_asym_id_2 
_pdbx_validate_rmsd_bond.auth_comp_id_2 
_pdbx_validate_rmsd_bond.auth_seq_id_2 
_pdbx_validate_rmsd_bond.PDB_ins_code_2 
_pdbx_validate_rmsd_bond.label_alt_id_2 
_pdbx_validate_rmsd_bond.bond_value 
_pdbx_validate_rmsd_bond.bond_target_value 
_pdbx_validate_rmsd_bond.bond_deviation 
_pdbx_validate_rmsd_bond.bond_standard_deviation 
_pdbx_validate_rmsd_bond.linker_flag 
1 1 NE2 A HIS 43  ? ? CD2 A HIS 43  ? ? 1.304 1.373 -0.069 0.011 N 
2 1 NE2 A HIS 100 ? ? CD2 A HIS 100 ? ? 1.303 1.373 -0.070 0.011 N 
3 1 NE2 A HIS 110 ? ? CD2 A HIS 110 ? ? 1.297 1.373 -0.076 0.011 N 
# 
loop_
_pdbx_validate_rmsd_angle.id 
_pdbx_validate_rmsd_angle.PDB_model_num 
_pdbx_validate_rmsd_angle.auth_atom_id_1 
_pdbx_validate_rmsd_angle.auth_asym_id_1 
_pdbx_validate_rmsd_angle.auth_comp_id_1 
_pdbx_validate_rmsd_angle.auth_seq_id_1 
_pdbx_validate_rmsd_angle.PDB_ins_code_1 
_pdbx_validate_rmsd_angle.label_alt_id_1 
_pdbx_validate_rmsd_angle.auth_atom_id_2 
_pdbx_validate_rmsd_angle.auth_asym_id_2 
_pdbx_validate_rmsd_angle.auth_comp_id_2 
_pdbx_validate_rmsd_angle.auth_seq_id_2 
_pdbx_validate_rmsd_angle.PDB_ins_code_2 
_pdbx_validate_rmsd_angle.label_alt_id_2 
_pdbx_validate_rmsd_angle.auth_atom_id_3 
_pdbx_validate_rmsd_angle.auth_asym_id_3 
_pdbx_validate_rmsd_angle.auth_comp_id_3 
_pdbx_validate_rmsd_angle.auth_seq_id_3 
_pdbx_validate_rmsd_angle.PDB_ins_code_3 
_pdbx_validate_rmsd_angle.label_alt_id_3 
_pdbx_validate_rmsd_angle.angle_value 
_pdbx_validate_rmsd_angle.angle_target_value 
_pdbx_validate_rmsd_angle.angle_deviation 
_pdbx_validate_rmsd_angle.angle_standard_deviation 
_pdbx_validate_rmsd_angle.linker_flag 
1  1 CD1 A TRP 7   ? ? CG  A TRP 7   ? ? CD2 A TRP 7   ? ? 113.15 106.30 6.85  0.80 N 
2  1 CE2 A TRP 7   ? ? CD2 A TRP 7   ? ? CG  A TRP 7   ? ? 100.99 107.30 -6.31 0.80 N 
3  1 CG  A TRP 7   ? ? CD2 A TRP 7   ? ? CE3 A TRP 7   ? ? 139.77 133.90 5.87  0.90 N 
4  1 NE  A ARG 8   ? ? CZ  A ARG 8   ? ? NH2 A ARG 8   ? ? 117.05 120.30 -3.25 0.50 N 
5  1 NE  A ARG 10  ? ? CZ  A ARG 10  ? ? NH2 A ARG 10  ? ? 117.00 120.30 -3.30 0.50 N 
6  1 CD1 A TRP 26  ? ? CG  A TRP 26  ? ? CD2 A TRP 26  ? ? 112.51 106.30 6.21  0.80 N 
7  1 CE2 A TRP 26  ? ? CD2 A TRP 26  ? ? CG  A TRP 26  ? ? 101.33 107.30 -5.97 0.80 N 
8  1 CD1 A TRP 38  ? ? CG  A TRP 38  ? ? CD2 A TRP 38  ? ? 113.07 106.30 6.77  0.80 N 
9  1 CE2 A TRP 38  ? ? CD2 A TRP 38  ? ? CG  A TRP 38  ? ? 101.36 107.30 -5.94 0.80 N 
10 1 CD1 A TRP 74  ? ? CG  A TRP 74  ? ? CD2 A TRP 74  ? ? 112.25 106.30 5.95  0.80 N 
11 1 CE2 A TRP 74  ? ? CD2 A TRP 74  ? ? CG  A TRP 74  ? ? 101.61 107.30 -5.69 0.80 N 
12 1 CD1 A TRP 123 ? ? CG  A TRP 123 ? ? CD2 A TRP 123 ? ? 112.45 106.30 6.15  0.80 N 
13 1 CB  A TRP 123 ? ? CG  A TRP 123 ? ? CD1 A TRP 123 ? ? 118.69 127.00 -8.31 1.30 N 
14 1 CE2 A TRP 123 ? ? CD2 A TRP 123 ? ? CG  A TRP 123 ? ? 101.61 107.30 -5.69 0.80 N 
15 1 CD1 A TRP 141 ? ? CG  A TRP 141 ? ? CD2 A TRP 141 ? ? 112.79 106.30 6.49  0.80 N 
16 1 CE2 A TRP 141 ? ? CD2 A TRP 141 ? ? CG  A TRP 141 ? ? 101.57 107.30 -5.73 0.80 N 
17 1 CD1 A TRP 171 ? ? CG  A TRP 171 ? ? CD2 A TRP 171 ? ? 112.91 106.30 6.61  0.80 N 
18 1 CB  A TRP 171 ? ? CG  A TRP 171 ? ? CD1 A TRP 171 ? ? 119.09 127.00 -7.91 1.30 N 
19 1 CE2 A TRP 171 ? ? CD2 A TRP 171 ? ? CG  A TRP 171 ? ? 101.27 107.30 -6.03 0.80 N 
20 1 CD1 A TRP 177 ? ? CG  A TRP 177 ? ? CD2 A TRP 177 ? ? 112.05 106.30 5.75  0.80 N 
21 1 CE2 A TRP 177 ? ? CD2 A TRP 177 ? ? CG  A TRP 177 ? ? 102.13 107.30 -5.17 0.80 N 
22 1 CD1 A TRP 181 ? ? CG  A TRP 181 ? ? CD2 A TRP 181 ? ? 112.97 106.30 6.67  0.80 N 
23 1 CE2 A TRP 181 ? ? CD2 A TRP 181 ? ? CG  A TRP 181 ? ? 101.27 107.30 -6.03 0.80 N 
# 
loop_
_pdbx_validate_torsion.id 
_pdbx_validate_torsion.PDB_model_num 
_pdbx_validate_torsion.auth_comp_id 
_pdbx_validate_torsion.auth_asym_id 
_pdbx_validate_torsion.auth_seq_id 
_pdbx_validate_torsion.PDB_ins_code 
_pdbx_validate_torsion.label_alt_id 
_pdbx_validate_torsion.phi 
_pdbx_validate_torsion.psi 
1 1 PRO A 2   ? ? -11.60  -101.95 
2 1 ALA A 3   ? ? -21.29  -55.90  
3 1 ASP A 158 ? ? -144.05 -5.40   
4 1 THR A 178 ? ? 65.02   171.99  
5 1 SER A 193 ? ? -145.91 24.75   
# 
loop_
_chem_comp_atom.comp_id 
_chem_comp_atom.atom_id 
_chem_comp_atom.type_symbol 
_chem_comp_atom.pdbx_aromatic_flag 
_chem_comp_atom.pdbx_stereo_config 
_chem_comp_atom.pdbx_ordinal 
ALA N    N N N 1   
ALA CA   C N S 2   
ALA C    C N N 3   
ALA O    O N N 4   
ALA CB   C N N 5   
ALA OXT  O N N 6   
ALA H    H N N 7   
ALA H2   H N N 8   
ALA HA   H N N 9   
ALA HB1  H N N 10  
ALA HB2  H N N 11  
ALA HB3  H N N 12  
ALA HXT  H N N 13  
ARG N    N N N 14  
ARG CA   C N S 15  
ARG C    C N N 16  
ARG O    O N N 17  
ARG CB   C N N 18  
ARG CG   C N N 19  
ARG CD   C N N 20  
ARG NE   N N N 21  
ARG CZ   C N N 22  
ARG NH1  N N N 23  
ARG NH2  N N N 24  
ARG OXT  O N N 25  
ARG H    H N N 26  
ARG H2   H N N 27  
ARG HA   H N N 28  
ARG HB2  H N N 29  
ARG HB3  H N N 30  
ARG HG2  H N N 31  
ARG HG3  H N N 32  
ARG HD2  H N N 33  
ARG HD3  H N N 34  
ARG HE   H N N 35  
ARG HH11 H N N 36  
ARG HH12 H N N 37  
ARG HH21 H N N 38  
ARG HH22 H N N 39  
ARG HXT  H N N 40  
ASN N    N N N 41  
ASN CA   C N S 42  
ASN C    C N N 43  
ASN O    O N N 44  
ASN CB   C N N 45  
ASN CG   C N N 46  
ASN OD1  O N N 47  
ASN ND2  N N N 48  
ASN OXT  O N N 49  
ASN H    H N N 50  
ASN H2   H N N 51  
ASN HA   H N N 52  
ASN HB2  H N N 53  
ASN HB3  H N N 54  
ASN HD21 H N N 55  
ASN HD22 H N N 56  
ASN HXT  H N N 57  
ASP N    N N N 58  
ASP CA   C N S 59  
ASP C    C N N 60  
ASP O    O N N 61  
ASP CB   C N N 62  
ASP CG   C N N 63  
ASP OD1  O N N 64  
ASP OD2  O N N 65  
ASP OXT  O N N 66  
ASP H    H N N 67  
ASP H2   H N N 68  
ASP HA   H N N 69  
ASP HB2  H N N 70  
ASP HB3  H N N 71  
ASP HD2  H N N 72  
ASP HXT  H N N 73  
CYS N    N N N 74  
CYS CA   C N R 75  
CYS C    C N N 76  
CYS O    O N N 77  
CYS CB   C N N 78  
CYS SG   S N N 79  
CYS OXT  O N N 80  
CYS H    H N N 81  
CYS H2   H N N 82  
CYS HA   H N N 83  
CYS HB2  H N N 84  
CYS HB3  H N N 85  
CYS HG   H N N 86  
CYS HXT  H N N 87  
GLN N    N N N 88  
GLN CA   C N S 89  
GLN C    C N N 90  
GLN O    O N N 91  
GLN CB   C N N 92  
GLN CG   C N N 93  
GLN CD   C N N 94  
GLN OE1  O N N 95  
GLN NE2  N N N 96  
GLN OXT  O N N 97  
GLN H    H N N 98  
GLN H2   H N N 99  
GLN HA   H N N 100 
GLN HB2  H N N 101 
GLN HB3  H N N 102 
GLN HG2  H N N 103 
GLN HG3  H N N 104 
GLN HE21 H N N 105 
GLN HE22 H N N 106 
GLN HXT  H N N 107 
GLU N    N N N 108 
GLU CA   C N S 109 
GLU C    C N N 110 
GLU O    O N N 111 
GLU CB   C N N 112 
GLU CG   C N N 113 
GLU CD   C N N 114 
GLU OE1  O N N 115 
GLU OE2  O N N 116 
GLU OXT  O N N 117 
GLU H    H N N 118 
GLU H2   H N N 119 
GLU HA   H N N 120 
GLU HB2  H N N 121 
GLU HB3  H N N 122 
GLU HG2  H N N 123 
GLU HG3  H N N 124 
GLU HE2  H N N 125 
GLU HXT  H N N 126 
GLY N    N N N 127 
GLY CA   C N N 128 
GLY C    C N N 129 
GLY O    O N N 130 
GLY OXT  O N N 131 
GLY H    H N N 132 
GLY H2   H N N 133 
GLY HA2  H N N 134 
GLY HA3  H N N 135 
GLY HXT  H N N 136 
HIS N    N N N 137 
HIS CA   C N S 138 
HIS C    C N N 139 
HIS O    O N N 140 
HIS CB   C N N 141 
HIS CG   C Y N 142 
HIS ND1  N Y N 143 
HIS CD2  C Y N 144 
HIS CE1  C Y N 145 
HIS NE2  N Y N 146 
HIS OXT  O N N 147 
HIS H    H N N 148 
HIS H2   H N N 149 
HIS HA   H N N 150 
HIS HB2  H N N 151 
HIS HB3  H N N 152 
HIS HD1  H N N 153 
HIS HD2  H N N 154 
HIS HE1  H N N 155 
HIS HE2  H N N 156 
HIS HXT  H N N 157 
HOH O    O N N 158 
HOH H1   H N N 159 
HOH H2   H N N 160 
ILE N    N N N 161 
ILE CA   C N S 162 
ILE C    C N N 163 
ILE O    O N N 164 
ILE CB   C N S 165 
ILE CG1  C N N 166 
ILE CG2  C N N 167 
ILE CD1  C N N 168 
ILE OXT  O N N 169 
ILE H    H N N 170 
ILE H2   H N N 171 
ILE HA   H N N 172 
ILE HB   H N N 173 
ILE HG12 H N N 174 
ILE HG13 H N N 175 
ILE HG21 H N N 176 
ILE HG22 H N N 177 
ILE HG23 H N N 178 
ILE HD11 H N N 179 
ILE HD12 H N N 180 
ILE HD13 H N N 181 
ILE HXT  H N N 182 
LEU N    N N N 183 
LEU CA   C N S 184 
LEU C    C N N 185 
LEU O    O N N 186 
LEU CB   C N N 187 
LEU CG   C N N 188 
LEU CD1  C N N 189 
LEU CD2  C N N 190 
LEU OXT  O N N 191 
LEU H    H N N 192 
LEU H2   H N N 193 
LEU HA   H N N 194 
LEU HB2  H N N 195 
LEU HB3  H N N 196 
LEU HG   H N N 197 
LEU HD11 H N N 198 
LEU HD12 H N N 199 
LEU HD13 H N N 200 
LEU HD21 H N N 201 
LEU HD22 H N N 202 
LEU HD23 H N N 203 
LEU HXT  H N N 204 
LYS N    N N N 205 
LYS CA   C N S 206 
LYS C    C N N 207 
LYS O    O N N 208 
LYS CB   C N N 209 
LYS CG   C N N 210 
LYS CD   C N N 211 
LYS CE   C N N 212 
LYS NZ   N N N 213 
LYS OXT  O N N 214 
LYS H    H N N 215 
LYS H2   H N N 216 
LYS HA   H N N 217 
LYS HB2  H N N 218 
LYS HB3  H N N 219 
LYS HG2  H N N 220 
LYS HG3  H N N 221 
LYS HD2  H N N 222 
LYS HD3  H N N 223 
LYS HE2  H N N 224 
LYS HE3  H N N 225 
LYS HZ1  H N N 226 
LYS HZ2  H N N 227 
LYS HZ3  H N N 228 
LYS HXT  H N N 229 
MET N    N N N 230 
MET CA   C N S 231 
MET C    C N N 232 
MET O    O N N 233 
MET CB   C N N 234 
MET CG   C N N 235 
MET SD   S N N 236 
MET CE   C N N 237 
MET OXT  O N N 238 
MET H    H N N 239 
MET H2   H N N 240 
MET HA   H N N 241 
MET HB2  H N N 242 
MET HB3  H N N 243 
MET HG2  H N N 244 
MET HG3  H N N 245 
MET HE1  H N N 246 
MET HE2  H N N 247 
MET HE3  H N N 248 
MET HXT  H N N 249 
PHE N    N N N 250 
PHE CA   C N S 251 
PHE C    C N N 252 
PHE O    O N N 253 
PHE CB   C N N 254 
PHE CG   C Y N 255 
PHE CD1  C Y N 256 
PHE CD2  C Y N 257 
PHE CE1  C Y N 258 
PHE CE2  C Y N 259 
PHE CZ   C Y N 260 
PHE OXT  O N N 261 
PHE H    H N N 262 
PHE H2   H N N 263 
PHE HA   H N N 264 
PHE HB2  H N N 265 
PHE HB3  H N N 266 
PHE HD1  H N N 267 
PHE HD2  H N N 268 
PHE HE1  H N N 269 
PHE HE2  H N N 270 
PHE HZ   H N N 271 
PHE HXT  H N N 272 
PRO N    N N N 273 
PRO CA   C N S 274 
PRO C    C N N 275 
PRO O    O N N 276 
PRO CB   C N N 277 
PRO CG   C N N 278 
PRO CD   C N N 279 
PRO OXT  O N N 280 
PRO H    H N N 281 
PRO HA   H N N 282 
PRO HB2  H N N 283 
PRO HB3  H N N 284 
PRO HG2  H N N 285 
PRO HG3  H N N 286 
PRO HD2  H N N 287 
PRO HD3  H N N 288 
PRO HXT  H N N 289 
R99 C4   C N N 290 
R99 O9   O N N 291 
R99 C3   C N S 292 
R99 O8   O N N 293 
R99 C2   C N N 294 
R99 C1   C N N 295 
R99 O6   O N N 296 
R99 O7   O N N 297 
R99 N5   N N N 298 
R99 C10  C N R 299 
R99 C11  C N N 300 
R99 O26  O N N 301 
R99 C12  C N N 302 
R99 C13  C N N 303 
R99 C14  C Y N 304 
R99 C15  C Y N 305 
R99 C19  C Y N 306 
R99 C16  C Y N 307 
R99 C18  C Y N 308 
R99 C17  C Y N 309 
R99 C25  C N N 310 
R99 C23  C N N 311 
R99 C24  C N N 312 
R99 C22  C N N 313 
R99 C21  C N N 314 
R99 N20  N N N 315 
R99 H31  H N N 316 
R99 HO8  H N N 317 
R99 H21  H N N 318 
R99 H22  H N N 319 
R99 HO6  H N N 320 
R99 HN5  H N N 321 
R99 H101 H N N 322 
R99 H121 H N N 323 
R99 H122 H N N 324 
R99 H131 H N N 325 
R99 H132 H N N 326 
R99 H151 H N N 327 
R99 H191 H N N 328 
R99 H161 H N N 329 
R99 H181 H N N 330 
R99 H171 H N N 331 
R99 H251 H N N 332 
R99 H252 H N N 333 
R99 H253 H N N 334 
R99 H231 H N N 335 
R99 H241 H N N 336 
R99 H242 H N N 337 
R99 H243 H N N 338 
R99 H221 H N N 339 
R99 H222 H N N 340 
R99 H211 H N N 341 
R99 H212 H N N 342 
R99 H20  H N N 343 
SER N    N N N 344 
SER CA   C N S 345 
SER C    C N N 346 
SER O    O N N 347 
SER CB   C N N 348 
SER OG   O N N 349 
SER OXT  O N N 350 
SER H    H N N 351 
SER H2   H N N 352 
SER HA   H N N 353 
SER HB2  H N N 354 
SER HB3  H N N 355 
SER HG   H N N 356 
SER HXT  H N N 357 
THR N    N N N 358 
THR CA   C N S 359 
THR C    C N N 360 
THR O    O N N 361 
THR CB   C N R 362 
THR OG1  O N N 363 
THR CG2  C N N 364 
THR OXT  O N N 365 
THR H    H N N 366 
THR H2   H N N 367 
THR HA   H N N 368 
THR HB   H N N 369 
THR HG1  H N N 370 
THR HG21 H N N 371 
THR HG22 H N N 372 
THR HG23 H N N 373 
THR HXT  H N N 374 
TRP N    N N N 375 
TRP CA   C N S 376 
TRP C    C N N 377 
TRP O    O N N 378 
TRP CB   C N N 379 
TRP CG   C Y N 380 
TRP CD1  C Y N 381 
TRP CD2  C Y N 382 
TRP NE1  N Y N 383 
TRP CE2  C Y N 384 
TRP CE3  C Y N 385 
TRP CZ2  C Y N 386 
TRP CZ3  C Y N 387 
TRP CH2  C Y N 388 
TRP OXT  O N N 389 
TRP H    H N N 390 
TRP H2   H N N 391 
TRP HA   H N N 392 
TRP HB2  H N N 393 
TRP HB3  H N N 394 
TRP HD1  H N N 395 
TRP HE1  H N N 396 
TRP HE3  H N N 397 
TRP HZ2  H N N 398 
TRP HZ3  H N N 399 
TRP HH2  H N N 400 
TRP HXT  H N N 401 
TYR N    N N N 402 
TYR CA   C N S 403 
TYR C    C N N 404 
TYR O    O N N 405 
TYR CB   C N N 406 
TYR CG   C Y N 407 
TYR CD1  C Y N 408 
TYR CD2  C Y N 409 
TYR CE1  C Y N 410 
TYR CE2  C Y N 411 
TYR CZ   C Y N 412 
TYR OH   O N N 413 
TYR OXT  O N N 414 
TYR H    H N N 415 
TYR H2   H N N 416 
TYR HA   H N N 417 
TYR HB2  H N N 418 
TYR HB3  H N N 419 
TYR HD1  H N N 420 
TYR HD2  H N N 421 
TYR HE1  H N N 422 
TYR HE2  H N N 423 
TYR HH   H N N 424 
TYR HXT  H N N 425 
VAL N    N N N 426 
VAL CA   C N S 427 
VAL C    C N N 428 
VAL O    O N N 429 
VAL CB   C N N 430 
VAL CG1  C N N 431 
VAL CG2  C N N 432 
VAL OXT  O N N 433 
VAL H    H N N 434 
VAL H2   H N N 435 
VAL HA   H N N 436 
VAL HB   H N N 437 
VAL HG11 H N N 438 
VAL HG12 H N N 439 
VAL HG13 H N N 440 
VAL HG21 H N N 441 
VAL HG22 H N N 442 
VAL HG23 H N N 443 
VAL HXT  H N N 444 
# 
loop_
_chem_comp_bond.comp_id 
_chem_comp_bond.atom_id_1 
_chem_comp_bond.atom_id_2 
_chem_comp_bond.value_order 
_chem_comp_bond.pdbx_aromatic_flag 
_chem_comp_bond.pdbx_stereo_config 
_chem_comp_bond.pdbx_ordinal 
ALA N   CA   sing N N 1   
ALA N   H    sing N N 2   
ALA N   H2   sing N N 3   
ALA CA  C    sing N N 4   
ALA CA  CB   sing N N 5   
ALA CA  HA   sing N N 6   
ALA C   O    doub N N 7   
ALA C   OXT  sing N N 8   
ALA CB  HB1  sing N N 9   
ALA CB  HB2  sing N N 10  
ALA CB  HB3  sing N N 11  
ALA OXT HXT  sing N N 12  
ARG N   CA   sing N N 13  
ARG N   H    sing N N 14  
ARG N   H2   sing N N 15  
ARG CA  C    sing N N 16  
ARG CA  CB   sing N N 17  
ARG CA  HA   sing N N 18  
ARG C   O    doub N N 19  
ARG C   OXT  sing N N 20  
ARG CB  CG   sing N N 21  
ARG CB  HB2  sing N N 22  
ARG CB  HB3  sing N N 23  
ARG CG  CD   sing N N 24  
ARG CG  HG2  sing N N 25  
ARG CG  HG3  sing N N 26  
ARG CD  NE   sing N N 27  
ARG CD  HD2  sing N N 28  
ARG CD  HD3  sing N N 29  
ARG NE  CZ   sing N N 30  
ARG NE  HE   sing N N 31  
ARG CZ  NH1  sing N N 32  
ARG CZ  NH2  doub N N 33  
ARG NH1 HH11 sing N N 34  
ARG NH1 HH12 sing N N 35  
ARG NH2 HH21 sing N N 36  
ARG NH2 HH22 sing N N 37  
ARG OXT HXT  sing N N 38  
ASN N   CA   sing N N 39  
ASN N   H    sing N N 40  
ASN N   H2   sing N N 41  
ASN CA  C    sing N N 42  
ASN CA  CB   sing N N 43  
ASN CA  HA   sing N N 44  
ASN C   O    doub N N 45  
ASN C   OXT  sing N N 46  
ASN CB  CG   sing N N 47  
ASN CB  HB2  sing N N 48  
ASN CB  HB3  sing N N 49  
ASN CG  OD1  doub N N 50  
ASN CG  ND2  sing N N 51  
ASN ND2 HD21 sing N N 52  
ASN ND2 HD22 sing N N 53  
ASN OXT HXT  sing N N 54  
ASP N   CA   sing N N 55  
ASP N   H    sing N N 56  
ASP N   H2   sing N N 57  
ASP CA  C    sing N N 58  
ASP CA  CB   sing N N 59  
ASP CA  HA   sing N N 60  
ASP C   O    doub N N 61  
ASP C   OXT  sing N N 62  
ASP CB  CG   sing N N 63  
ASP CB  HB2  sing N N 64  
ASP CB  HB3  sing N N 65  
ASP CG  OD1  doub N N 66  
ASP CG  OD2  sing N N 67  
ASP OD2 HD2  sing N N 68  
ASP OXT HXT  sing N N 69  
CYS N   CA   sing N N 70  
CYS N   H    sing N N 71  
CYS N   H2   sing N N 72  
CYS CA  C    sing N N 73  
CYS CA  CB   sing N N 74  
CYS CA  HA   sing N N 75  
CYS C   O    doub N N 76  
CYS C   OXT  sing N N 77  
CYS CB  SG   sing N N 78  
CYS CB  HB2  sing N N 79  
CYS CB  HB3  sing N N 80  
CYS SG  HG   sing N N 81  
CYS OXT HXT  sing N N 82  
GLN N   CA   sing N N 83  
GLN N   H    sing N N 84  
GLN N   H2   sing N N 85  
GLN CA  C    sing N N 86  
GLN CA  CB   sing N N 87  
GLN CA  HA   sing N N 88  
GLN C   O    doub N N 89  
GLN C   OXT  sing N N 90  
GLN CB  CG   sing N N 91  
GLN CB  HB2  sing N N 92  
GLN CB  HB3  sing N N 93  
GLN CG  CD   sing N N 94  
GLN CG  HG2  sing N N 95  
GLN CG  HG3  sing N N 96  
GLN CD  OE1  doub N N 97  
GLN CD  NE2  sing N N 98  
GLN NE2 HE21 sing N N 99  
GLN NE2 HE22 sing N N 100 
GLN OXT HXT  sing N N 101 
GLU N   CA   sing N N 102 
GLU N   H    sing N N 103 
GLU N   H2   sing N N 104 
GLU CA  C    sing N N 105 
GLU CA  CB   sing N N 106 
GLU CA  HA   sing N N 107 
GLU C   O    doub N N 108 
GLU C   OXT  sing N N 109 
GLU CB  CG   sing N N 110 
GLU CB  HB2  sing N N 111 
GLU CB  HB3  sing N N 112 
GLU CG  CD   sing N N 113 
GLU CG  HG2  sing N N 114 
GLU CG  HG3  sing N N 115 
GLU CD  OE1  doub N N 116 
GLU CD  OE2  sing N N 117 
GLU OE2 HE2  sing N N 118 
GLU OXT HXT  sing N N 119 
GLY N   CA   sing N N 120 
GLY N   H    sing N N 121 
GLY N   H2   sing N N 122 
GLY CA  C    sing N N 123 
GLY CA  HA2  sing N N 124 
GLY CA  HA3  sing N N 125 
GLY C   O    doub N N 126 
GLY C   OXT  sing N N 127 
GLY OXT HXT  sing N N 128 
HIS N   CA   sing N N 129 
HIS N   H    sing N N 130 
HIS N   H2   sing N N 131 
HIS CA  C    sing N N 132 
HIS CA  CB   sing N N 133 
HIS CA  HA   sing N N 134 
HIS C   O    doub N N 135 
HIS C   OXT  sing N N 136 
HIS CB  CG   sing N N 137 
HIS CB  HB2  sing N N 138 
HIS CB  HB3  sing N N 139 
HIS CG  ND1  sing Y N 140 
HIS CG  CD2  doub Y N 141 
HIS ND1 CE1  doub Y N 142 
HIS ND1 HD1  sing N N 143 
HIS CD2 NE2  sing Y N 144 
HIS CD2 HD2  sing N N 145 
HIS CE1 NE2  sing Y N 146 
HIS CE1 HE1  sing N N 147 
HIS NE2 HE2  sing N N 148 
HIS OXT HXT  sing N N 149 
HOH O   H1   sing N N 150 
HOH O   H2   sing N N 151 
ILE N   CA   sing N N 152 
ILE N   H    sing N N 153 
ILE N   H2   sing N N 154 
ILE CA  C    sing N N 155 
ILE CA  CB   sing N N 156 
ILE CA  HA   sing N N 157 
ILE C   O    doub N N 158 
ILE C   OXT  sing N N 159 
ILE CB  CG1  sing N N 160 
ILE CB  CG2  sing N N 161 
ILE CB  HB   sing N N 162 
ILE CG1 CD1  sing N N 163 
ILE CG1 HG12 sing N N 164 
ILE CG1 HG13 sing N N 165 
ILE CG2 HG21 sing N N 166 
ILE CG2 HG22 sing N N 167 
ILE CG2 HG23 sing N N 168 
ILE CD1 HD11 sing N N 169 
ILE CD1 HD12 sing N N 170 
ILE CD1 HD13 sing N N 171 
ILE OXT HXT  sing N N 172 
LEU N   CA   sing N N 173 
LEU N   H    sing N N 174 
LEU N   H2   sing N N 175 
LEU CA  C    sing N N 176 
LEU CA  CB   sing N N 177 
LEU CA  HA   sing N N 178 
LEU C   O    doub N N 179 
LEU C   OXT  sing N N 180 
LEU CB  CG   sing N N 181 
LEU CB  HB2  sing N N 182 
LEU CB  HB3  sing N N 183 
LEU CG  CD1  sing N N 184 
LEU CG  CD2  sing N N 185 
LEU CG  HG   sing N N 186 
LEU CD1 HD11 sing N N 187 
LEU CD1 HD12 sing N N 188 
LEU CD1 HD13 sing N N 189 
LEU CD2 HD21 sing N N 190 
LEU CD2 HD22 sing N N 191 
LEU CD2 HD23 sing N N 192 
LEU OXT HXT  sing N N 193 
LYS N   CA   sing N N 194 
LYS N   H    sing N N 195 
LYS N   H2   sing N N 196 
LYS CA  C    sing N N 197 
LYS CA  CB   sing N N 198 
LYS CA  HA   sing N N 199 
LYS C   O    doub N N 200 
LYS C   OXT  sing N N 201 
LYS CB  CG   sing N N 202 
LYS CB  HB2  sing N N 203 
LYS CB  HB3  sing N N 204 
LYS CG  CD   sing N N 205 
LYS CG  HG2  sing N N 206 
LYS CG  HG3  sing N N 207 
LYS CD  CE   sing N N 208 
LYS CD  HD2  sing N N 209 
LYS CD  HD3  sing N N 210 
LYS CE  NZ   sing N N 211 
LYS CE  HE2  sing N N 212 
LYS CE  HE3  sing N N 213 
LYS NZ  HZ1  sing N N 214 
LYS NZ  HZ2  sing N N 215 
LYS NZ  HZ3  sing N N 216 
LYS OXT HXT  sing N N 217 
MET N   CA   sing N N 218 
MET N   H    sing N N 219 
MET N   H2   sing N N 220 
MET CA  C    sing N N 221 
MET CA  CB   sing N N 222 
MET CA  HA   sing N N 223 
MET C   O    doub N N 224 
MET C   OXT  sing N N 225 
MET CB  CG   sing N N 226 
MET CB  HB2  sing N N 227 
MET CB  HB3  sing N N 228 
MET CG  SD   sing N N 229 
MET CG  HG2  sing N N 230 
MET CG  HG3  sing N N 231 
MET SD  CE   sing N N 232 
MET CE  HE1  sing N N 233 
MET CE  HE2  sing N N 234 
MET CE  HE3  sing N N 235 
MET OXT HXT  sing N N 236 
PHE N   CA   sing N N 237 
PHE N   H    sing N N 238 
PHE N   H2   sing N N 239 
PHE CA  C    sing N N 240 
PHE CA  CB   sing N N 241 
PHE CA  HA   sing N N 242 
PHE C   O    doub N N 243 
PHE C   OXT  sing N N 244 
PHE CB  CG   sing N N 245 
PHE CB  HB2  sing N N 246 
PHE CB  HB3  sing N N 247 
PHE CG  CD1  doub Y N 248 
PHE CG  CD2  sing Y N 249 
PHE CD1 CE1  sing Y N 250 
PHE CD1 HD1  sing N N 251 
PHE CD2 CE2  doub Y N 252 
PHE CD2 HD2  sing N N 253 
PHE CE1 CZ   doub Y N 254 
PHE CE1 HE1  sing N N 255 
PHE CE2 CZ   sing Y N 256 
PHE CE2 HE2  sing N N 257 
PHE CZ  HZ   sing N N 258 
PHE OXT HXT  sing N N 259 
PRO N   CA   sing N N 260 
PRO N   CD   sing N N 261 
PRO N   H    sing N N 262 
PRO CA  C    sing N N 263 
PRO CA  CB   sing N N 264 
PRO CA  HA   sing N N 265 
PRO C   O    doub N N 266 
PRO C   OXT  sing N N 267 
PRO CB  CG   sing N N 268 
PRO CB  HB2  sing N N 269 
PRO CB  HB3  sing N N 270 
PRO CG  CD   sing N N 271 
PRO CG  HG2  sing N N 272 
PRO CG  HG3  sing N N 273 
PRO CD  HD2  sing N N 274 
PRO CD  HD3  sing N N 275 
PRO OXT HXT  sing N N 276 
R99 C1  O7   doub N N 277 
R99 C1  O6   sing N N 278 
R99 C1  C2   sing N N 279 
R99 O6  HO6  sing N N 280 
R99 C2  C3   sing N N 281 
R99 C2  H21  sing N N 282 
R99 C2  H22  sing N N 283 
R99 C3  O8   sing N N 284 
R99 C3  C4   sing N N 285 
R99 C3  H31  sing N N 286 
R99 O8  HO8  sing N N 287 
R99 C4  O9   doub N N 288 
R99 C4  N5   sing N N 289 
R99 N5  C10  sing N N 290 
R99 N5  HN5  sing N N 291 
R99 C10 C12  sing N N 292 
R99 C10 C11  sing N N 293 
R99 C10 H101 sing N N 294 
R99 C12 C13  sing N N 295 
R99 C12 H121 sing N N 296 
R99 C12 H122 sing N N 297 
R99 C13 C14  sing N N 298 
R99 C13 H131 sing N N 299 
R99 C13 H132 sing N N 300 
R99 C14 C15  doub Y N 301 
R99 C14 C19  sing Y N 302 
R99 C15 C16  sing Y N 303 
R99 C15 H151 sing N N 304 
R99 C16 C17  doub Y N 305 
R99 C16 H161 sing N N 306 
R99 C17 C18  sing Y N 307 
R99 C17 H171 sing N N 308 
R99 C18 C19  doub Y N 309 
R99 C18 H181 sing N N 310 
R99 C19 H191 sing N N 311 
R99 C11 N20  sing N N 312 
R99 C11 O26  doub N N 313 
R99 N20 C21  sing N N 314 
R99 N20 H20  sing N N 315 
R99 C21 C22  sing N N 316 
R99 C21 H211 sing N N 317 
R99 C21 H212 sing N N 318 
R99 C22 C23  sing N N 319 
R99 C22 H221 sing N N 320 
R99 C22 H222 sing N N 321 
R99 C23 C25  sing N N 322 
R99 C23 C24  sing N N 323 
R99 C23 H231 sing N N 324 
R99 C25 H251 sing N N 325 
R99 C25 H252 sing N N 326 
R99 C25 H253 sing N N 327 
R99 C24 H241 sing N N 328 
R99 C24 H242 sing N N 329 
R99 C24 H243 sing N N 330 
SER N   CA   sing N N 331 
SER N   H    sing N N 332 
SER N   H2   sing N N 333 
SER CA  C    sing N N 334 
SER CA  CB   sing N N 335 
SER CA  HA   sing N N 336 
SER C   O    doub N N 337 
SER C   OXT  sing N N 338 
SER CB  OG   sing N N 339 
SER CB  HB2  sing N N 340 
SER CB  HB3  sing N N 341 
SER OG  HG   sing N N 342 
SER OXT HXT  sing N N 343 
THR N   CA   sing N N 344 
THR N   H    sing N N 345 
THR N   H2   sing N N 346 
THR CA  C    sing N N 347 
THR CA  CB   sing N N 348 
THR CA  HA   sing N N 349 
THR C   O    doub N N 350 
THR C   OXT  sing N N 351 
THR CB  OG1  sing N N 352 
THR CB  CG2  sing N N 353 
THR CB  HB   sing N N 354 
THR OG1 HG1  sing N N 355 
THR CG2 HG21 sing N N 356 
THR CG2 HG22 sing N N 357 
THR CG2 HG23 sing N N 358 
THR OXT HXT  sing N N 359 
TRP N   CA   sing N N 360 
TRP N   H    sing N N 361 
TRP N   H2   sing N N 362 
TRP CA  C    sing N N 363 
TRP CA  CB   sing N N 364 
TRP CA  HA   sing N N 365 
TRP C   O    doub N N 366 
TRP C   OXT  sing N N 367 
TRP CB  CG   sing N N 368 
TRP CB  HB2  sing N N 369 
TRP CB  HB3  sing N N 370 
TRP CG  CD1  doub Y N 371 
TRP CG  CD2  sing Y N 372 
TRP CD1 NE1  sing Y N 373 
TRP CD1 HD1  sing N N 374 
TRP CD2 CE2  doub Y N 375 
TRP CD2 CE3  sing Y N 376 
TRP NE1 CE2  sing Y N 377 
TRP NE1 HE1  sing N N 378 
TRP CE2 CZ2  sing Y N 379 
TRP CE3 CZ3  doub Y N 380 
TRP CE3 HE3  sing N N 381 
TRP CZ2 CH2  doub Y N 382 
TRP CZ2 HZ2  sing N N 383 
TRP CZ3 CH2  sing Y N 384 
TRP CZ3 HZ3  sing N N 385 
TRP CH2 HH2  sing N N 386 
TRP OXT HXT  sing N N 387 
TYR N   CA   sing N N 388 
TYR N   H    sing N N 389 
TYR N   H2   sing N N 390 
TYR CA  C    sing N N 391 
TYR CA  CB   sing N N 392 
TYR CA  HA   sing N N 393 
TYR C   O    doub N N 394 
TYR C   OXT  sing N N 395 
TYR CB  CG   sing N N 396 
TYR CB  HB2  sing N N 397 
TYR CB  HB3  sing N N 398 
TYR CG  CD1  doub Y N 399 
TYR CG  CD2  sing Y N 400 
TYR CD1 CE1  sing Y N 401 
TYR CD1 HD1  sing N N 402 
TYR CD2 CE2  doub Y N 403 
TYR CD2 HD2  sing N N 404 
TYR CE1 CZ   doub Y N 405 
TYR CE1 HE1  sing N N 406 
TYR CE2 CZ   sing Y N 407 
TYR CE2 HE2  sing N N 408 
TYR CZ  OH   sing N N 409 
TYR OH  HH   sing N N 410 
TYR OXT HXT  sing N N 411 
VAL N   CA   sing N N 412 
VAL N   H    sing N N 413 
VAL N   H2   sing N N 414 
VAL CA  C    sing N N 415 
VAL CA  CB   sing N N 416 
VAL CA  HA   sing N N 417 
VAL C   O    doub N N 418 
VAL C   OXT  sing N N 419 
VAL CB  CG1  sing N N 420 
VAL CB  CG2  sing N N 421 
VAL CB  HB   sing N N 422 
VAL CG1 HG11 sing N N 423 
VAL CG1 HG12 sing N N 424 
VAL CG1 HG13 sing N N 425 
VAL CG2 HG21 sing N N 426 
VAL CG2 HG22 sing N N 427 
VAL CG2 HG23 sing N N 428 
VAL OXT HXT  sing N N 429 
# 
_atom_sites.entry_id                    1EWL 
_atom_sites.fract_transf_matrix[1][1]   -0.00054890 
_atom_sites.fract_transf_matrix[1][2]   -0.02084396 
_atom_sites.fract_transf_matrix[1][3]   0.01482931 
_atom_sites.fract_transf_matrix[2][1]   -0.01873153 
_atom_sites.fract_transf_matrix[2][2]   0.00315889 
_atom_sites.fract_transf_matrix[2][3]   0.00374678 
_atom_sites.fract_transf_matrix[3][1]   -0.00579282 
_atom_sites.fract_transf_matrix[3][2]   -0.02065967 
_atom_sites.fract_transf_matrix[3][3]   -0.01154235 
_atom_sites.fract_transf_vector[1]      0.258352 
_atom_sites.fract_transf_vector[2]      0.000020 
_atom_sites.fract_transf_vector[3]      0.209867 
# 
loop_
_atom_type.symbol 
C 
N 
O 
S 
# 
loop_
_atom_site.group_PDB 
_atom_site.id 
_atom_site.type_symbol 
_atom_site.label_atom_id 
_atom_site.label_alt_id 
_atom_site.label_comp_id 
_atom_site.label_asym_id 
_atom_site.label_entity_id 
_atom_site.label_seq_id 
_atom_site.pdbx_PDB_ins_code 
_atom_site.Cartn_x 
_atom_site.Cartn_y 
_atom_site.Cartn_z 
_atom_site.occupancy 
_atom_site.B_iso_or_equiv 
_atom_site.pdbx_formal_charge 
_atom_site.auth_seq_id 
_atom_site.auth_comp_id 
_atom_site.auth_asym_id 
_atom_site.auth_atom_id 
_atom_site.pdbx_PDB_model_num 
ATOM   1    N N   . ALA A 1 1   ? 15.531  -4.476  -11.935 1.00 40.93 ? 1   ALA A N   1 
ATOM   2    C CA  . ALA A 1 1   ? 16.433  -4.870  -12.984 1.00 38.69 ? 1   ALA A CA  1 
ATOM   3    C C   . ALA A 1 1   ? 15.517  -5.692  -13.862 1.00 36.68 ? 1   ALA A C   1 
ATOM   4    O O   . ALA A 1 1   ? 15.037  -6.705  -13.365 1.00 36.24 ? 1   ALA A O   1 
ATOM   5    C CB  . ALA A 1 1   ? 17.561  -5.756  -12.439 1.00 40.58 ? 1   ALA A CB  1 
ATOM   6    N N   . PRO A 1 2   ? 15.222  -5.229  -15.087 1.00 34.08 ? 2   PRO A N   1 
ATOM   7    C CA  . PRO A 1 2   ? 14.163  -5.685  -15.962 1.00 33.13 ? 2   PRO A CA  1 
ATOM   8    C C   . PRO A 1 2   ? 13.342  -6.945  -15.751 1.00 28.12 ? 2   PRO A C   1 
ATOM   9    O O   . PRO A 1 2   ? 12.519  -6.885  -14.857 1.00 30.79 ? 2   PRO A O   1 
ATOM   10   C CB  . PRO A 1 2   ? 14.874  -5.604  -17.299 1.00 33.08 ? 2   PRO A CB  1 
ATOM   11   C CG  . PRO A 1 2   ? 15.373  -4.180  -17.191 1.00 34.86 ? 2   PRO A CG  1 
ATOM   12   C CD  . PRO A 1 2   ? 15.902  -4.117  -15.760 1.00 36.58 ? 2   PRO A CD  1 
ATOM   13   N N   . ALA A 1 3   ? 13.540  -8.084  -16.415 1.00 25.95 ? 3   ALA A N   1 
ATOM   14   C CA  . ALA A 1 3   ? 12.594  -9.203  -16.440 1.00 23.29 ? 3   ALA A CA  1 
ATOM   15   C C   . ALA A 1 3   ? 11.509  -9.432  -15.383 1.00 21.33 ? 3   ALA A C   1 
ATOM   16   O O   . ALA A 1 3   ? 10.324  -9.489  -15.707 1.00 19.39 ? 3   ALA A O   1 
ATOM   17   C CB  . ALA A 1 3   ? 13.379  -10.512 -16.539 1.00 24.80 ? 3   ALA A CB  1 
ATOM   18   N N   . ALA A 1 4   ? 11.853  -9.527  -14.103 1.00 20.60 ? 4   ALA A N   1 
ATOM   19   C CA  . ALA A 1 4   ? 10.890  -9.863  -13.070 1.00 16.97 ? 4   ALA A CA  1 
ATOM   20   C C   . ALA A 1 4   ? 11.482  -9.396  -11.768 1.00 16.60 ? 4   ALA A C   1 
ATOM   21   O O   . ALA A 1 4   ? 12.677  -9.591  -11.518 1.00 16.82 ? 4   ALA A O   1 
ATOM   22   C CB  . ALA A 1 4   ? 10.681  -11.373 -12.984 1.00 16.44 ? 4   ALA A CB  1 
ATOM   23   N N   . VAL A 1 5   ? 10.689  -8.773  -10.909 1.00 16.41 ? 5   VAL A N   1 
ATOM   24   C CA  . VAL A 1 5   ? 11.164  -8.323  -9.616  1.00 15.89 ? 5   VAL A CA  1 
ATOM   25   C C   . VAL A 1 5   ? 10.035  -8.680  -8.658  1.00 15.36 ? 5   VAL A C   1 
ATOM   26   O O   . VAL A 1 5   ? 8.875   -8.385  -8.961  1.00 15.19 ? 5   VAL A O   1 
ATOM   27   C CB  . VAL A 1 5   ? 11.414  -6.773  -9.594  1.00 15.27 ? 5   VAL A CB  1 
ATOM   28   C CG1 . VAL A 1 5   ? 11.912  -6.338  -8.228  1.00 14.39 ? 5   VAL A CG1 1 
ATOM   29   C CG2 . VAL A 1 5   ? 12.513  -6.385  -10.582 1.00 19.29 ? 5   VAL A CG2 1 
ATOM   30   N N   . ASP A 1 6   ? 10.327  -9.345  -7.541  1.00 13.71 ? 6   ASP A N   1 
ATOM   31   C CA  . ASP A 1 6   ? 9.336   -9.594  -6.515  1.00 14.73 ? 6   ASP A CA  1 
ATOM   32   C C   . ASP A 1 6   ? 9.993   -9.208  -5.202  1.00 13.30 ? 6   ASP A C   1 
ATOM   33   O O   . ASP A 1 6   ? 10.877  -9.918  -4.701  1.00 12.23 ? 6   ASP A O   1 
ATOM   34   C CB  . ASP A 1 6   ? 8.932   -11.078 -6.494  1.00 13.23 ? 6   ASP A CB  1 
ATOM   35   C CG  . ASP A 1 6   ? 7.826   -11.415 -5.502  1.00 15.96 ? 6   ASP A CG  1 
ATOM   36   O OD1 . ASP A 1 6   ? 7.360   -10.577 -4.737  1.00 17.43 ? 6   ASP A OD1 1 
ATOM   37   O OD2 . ASP A 1 6   ? 7.377   -12.558 -5.490  1.00 18.05 ? 6   ASP A OD2 1 
ATOM   38   N N   . TRP A 1 7   ? 9.563   -8.081  -4.636  1.00 12.41 ? 7   TRP A N   1 
ATOM   39   C CA  . TRP A 1 7   ? 10.156  -7.607  -3.399  1.00 11.42 ? 7   TRP A CA  1 
ATOM   40   C C   . TRP A 1 7   ? 9.787   -8.487  -2.217  1.00 11.61 ? 7   TRP A C   1 
ATOM   41   O O   . TRP A 1 7   ? 10.474  -8.431  -1.193  1.00 12.66 ? 7   TRP A O   1 
ATOM   42   C CB  . TRP A 1 7   ? 9.732   -6.144  -3.173  1.00 11.88 ? 7   TRP A CB  1 
ATOM   43   C CG  . TRP A 1 7   ? 10.503  -5.186  -4.086  1.00 12.49 ? 7   TRP A CG  1 
ATOM   44   C CD1 . TRP A 1 7   ? 9.894   -4.597  -5.166  1.00 9.44  ? 7   TRP A CD1 1 
ATOM   45   C CD2 . TRP A 1 7   ? 11.837  -4.848  -3.963  1.00 14.97 ? 7   TRP A CD2 1 
ATOM   46   N NE1 . TRP A 1 7   ? 10.845  -3.899  -5.736  1.00 12.62 ? 7   TRP A NE1 1 
ATOM   47   C CE2 . TRP A 1 7   ? 12.001  -4.012  -5.069  1.00 13.44 ? 7   TRP A CE2 1 
ATOM   48   C CE3 . TRP A 1 7   ? 12.934  -5.104  -3.128  1.00 15.90 ? 7   TRP A CE3 1 
ATOM   49   C CZ2 . TRP A 1 7   ? 13.241  -3.423  -5.364  1.00 14.25 ? 7   TRP A CZ2 1 
ATOM   50   C CZ3 . TRP A 1 7   ? 14.178  -4.520  -3.423  1.00 13.12 ? 7   TRP A CZ3 1 
ATOM   51   C CH2 . TRP A 1 7   ? 14.325  -3.683  -4.534  1.00 14.45 ? 7   TRP A CH2 1 
ATOM   52   N N   . ARG A 1 8   ? 8.770   -9.356  -2.298  1.00 11.06 ? 8   ARG A N   1 
ATOM   53   C CA  . ARG A 1 8   ? 8.468   -10.267 -1.204  1.00 14.15 ? 8   ARG A CA  1 
ATOM   54   C C   . ARG A 1 8   ? 9.621   -11.245 -1.054  1.00 16.09 ? 8   ARG A C   1 
ATOM   55   O O   . ARG A 1 8   ? 9.969   -11.643 0.060   1.00 21.65 ? 8   ARG A O   1 
ATOM   56   C CB  . ARG A 1 8   ? 7.240   -11.113 -1.441  1.00 12.88 ? 8   ARG A CB  1 
ATOM   57   C CG  . ARG A 1 8   ? 5.943   -10.341 -1.549  1.00 14.60 ? 8   ARG A CG  1 
ATOM   58   C CD  . ARG A 1 8   ? 4.872   -11.311 -1.994  1.00 16.39 ? 8   ARG A CD  1 
ATOM   59   N NE  . ARG A 1 8   ? 5.138   -11.817 -3.326  1.00 17.05 ? 8   ARG A NE  1 
ATOM   60   C CZ  . ARG A 1 8   ? 4.316   -12.640 -3.976  1.00 17.98 ? 8   ARG A CZ  1 
ATOM   61   N NH1 . ARG A 1 8   ? 3.169   -13.069 -3.410  1.00 16.05 ? 8   ARG A NH1 1 
ATOM   62   N NH2 . ARG A 1 8   ? 4.686   -13.027 -5.195  1.00 15.26 ? 8   ARG A NH2 1 
ATOM   63   N N   . ALA A 1 9   ? 10.263  -11.587 -2.162  1.00 15.59 ? 9   ALA A N   1 
ATOM   64   C CA  . ALA A 1 9   ? 11.376  -12.518 -2.167  1.00 16.25 ? 9   ALA A CA  1 
ATOM   65   C C   . ALA A 1 9   ? 12.700  -11.877 -1.755  1.00 18.11 ? 9   ALA A C   1 
ATOM   66   O O   . ALA A 1 9   ? 13.744  -12.523 -1.835  1.00 18.14 ? 9   ALA A O   1 
ATOM   67   C CB  . ALA A 1 9   ? 11.536  -13.112 -3.569  1.00 13.58 ? 9   ALA A CB  1 
ATOM   68   N N   . ARG A 1 10  ? 12.695  -10.595 -1.379  1.00 16.56 ? 10  ARG A N   1 
ATOM   69   C CA  . ARG A 1 10  ? 13.899  -9.912  -0.946  1.00 16.57 ? 10  ARG A CA  1 
ATOM   70   C C   . ARG A 1 10  ? 13.742  -9.378  0.469   1.00 15.33 ? 10  ARG A C   1 
ATOM   71   O O   . ARG A 1 10  ? 14.361  -8.382  0.835   1.00 14.11 ? 10  ARG A O   1 
ATOM   72   C CB  . ARG A 1 10  ? 14.205  -8.751  -1.870  1.00 19.42 ? 10  ARG A CB  1 
ATOM   73   C CG  . ARG A 1 10  ? 14.382  -9.154  -3.308  1.00 24.10 ? 10  ARG A CG  1 
ATOM   74   C CD  . ARG A 1 10  ? 15.283  -8.160  -3.980  1.00 31.14 ? 10  ARG A CD  1 
ATOM   75   N NE  . ARG A 1 10  ? 15.025  -8.246  -5.398  1.00 37.79 ? 10  ARG A NE  1 
ATOM   76   C CZ  . ARG A 1 10  ? 15.750  -7.619  -6.323  1.00 40.47 ? 10  ARG A CZ  1 
ATOM   77   N NH1 . ARG A 1 10  ? 16.784  -6.841  -5.977  1.00 40.54 ? 10  ARG A NH1 1 
ATOM   78   N NH2 . ARG A 1 10  ? 15.384  -7.787  -7.599  1.00 44.45 ? 10  ARG A NH2 1 
ATOM   79   N N   . GLY A 1 11  ? 12.881  -10.025 1.261   1.00 13.41 ? 11  GLY A N   1 
ATOM   80   C CA  . GLY A 1 11  ? 12.640  -9.651  2.647   1.00 11.14 ? 11  GLY A CA  1 
ATOM   81   C C   . GLY A 1 11  ? 12.084  -8.252  2.862   1.00 11.80 ? 11  GLY A C   1 
ATOM   82   O O   . GLY A 1 11  ? 12.095  -7.742  3.979   1.00 11.44 ? 11  GLY A O   1 
ATOM   83   N N   . ALA A 1 12  ? 11.510  -7.636  1.837   1.00 10.33 ? 12  ALA A N   1 
ATOM   84   C CA  . ALA A 1 12  ? 11.075  -6.256  1.907   1.00 9.69  ? 12  ALA A CA  1 
ATOM   85   C C   . ALA A 1 12  ? 9.617   -6.002  2.254   1.00 11.72 ? 12  ALA A C   1 
ATOM   86   O O   . ALA A 1 12  ? 9.231   -4.854  2.472   1.00 11.75 ? 12  ALA A O   1 
ATOM   87   C CB  . ALA A 1 12  ? 11.373  -5.595  0.570   1.00 9.75  ? 12  ALA A CB  1 
ATOM   88   N N   . VAL A 1 13  ? 8.783   -7.044  2.308   1.00 11.68 ? 13  VAL A N   1 
ATOM   89   C CA  . VAL A 1 13  ? 7.350   -6.860  2.488   1.00 12.23 ? 13  VAL A CA  1 
ATOM   90   C C   . VAL A 1 13  ? 6.910   -7.549  3.775   1.00 13.17 ? 13  VAL A C   1 
ATOM   91   O O   . VAL A 1 13  ? 7.310   -8.687  4.045   1.00 14.10 ? 13  VAL A O   1 
ATOM   92   C CB  . VAL A 1 13  ? 6.608   -7.452  1.236   1.00 12.78 ? 13  VAL A CB  1 
ATOM   93   C CG1 . VAL A 1 13  ? 5.105   -7.182  1.342   1.00 15.44 ? 13  VAL A CG1 1 
ATOM   94   C CG2 . VAL A 1 13  ? 7.122   -6.810  -0.057  1.00 10.91 ? 13  VAL A CG2 1 
ATOM   95   N N   . THR A 1 14  ? 6.080   -6.879  4.594   1.00 12.51 ? 14  THR A N   1 
ATOM   96   C CA  . THR A 1 14  ? 5.526   -7.482  5.810   1.00 11.71 ? 14  THR A CA  1 
ATOM   97   C C   . THR A 1 14  ? 4.344   -8.419  5.473   1.00 11.58 ? 14  THR A C   1 
ATOM   98   O O   . THR A 1 14  ? 3.838   -8.417  4.338   1.00 10.72 ? 14  THR A O   1 
ATOM   99   C CB  . THR A 1 14  ? 5.031   -6.376  6.772   1.00 12.86 ? 14  THR A CB  1 
ATOM   100  O OG1 . THR A 1 14  ? 3.977   -5.742  6.054   1.00 13.50 ? 14  THR A OG1 1 
ATOM   101  C CG2 . THR A 1 14  ? 6.098   -5.369  7.211   1.00 11.81 ? 14  THR A CG2 1 
ATOM   102  N N   . ALA A 1 15  ? 3.831   -9.167  6.453   1.00 9.79  ? 15  ALA A N   1 
ATOM   103  C CA  . ALA A 1 15  ? 2.674   -10.030 6.291   1.00 10.71 ? 15  ALA A CA  1 
ATOM   104  C C   . ALA A 1 15  ? 1.389   -9.267  5.947   1.00 12.79 ? 15  ALA A C   1 
ATOM   105  O O   . ALA A 1 15  ? 1.280   -8.053  6.193   1.00 13.73 ? 15  ALA A O   1 
ATOM   106  C CB  . ALA A 1 15  ? 2.483   -10.791 7.586   1.00 11.46 ? 15  ALA A CB  1 
ATOM   107  N N   . VAL A 1 16  ? 0.446   -9.977  5.312   1.00 12.48 ? 16  VAL A N   1 
ATOM   108  C CA  . VAL A 1 16  ? -0.849  -9.440  4.898   1.00 12.44 ? 16  VAL A CA  1 
ATOM   109  C C   . VAL A 1 16  ? -1.669  -9.148  6.151   1.00 12.55 ? 16  VAL A C   1 
ATOM   110  O O   . VAL A 1 16  ? -1.728  -9.961  7.078   1.00 10.98 ? 16  VAL A O   1 
ATOM   111  C CB  . VAL A 1 16  ? -1.552  -10.478 3.983   1.00 11.51 ? 16  VAL A CB  1 
ATOM   112  C CG1 . VAL A 1 16  ? -3.003  -10.110 3.679   1.00 9.62  ? 16  VAL A CG1 1 
ATOM   113  C CG2 . VAL A 1 16  ? -0.801  -10.517 2.666   1.00 11.50 ? 16  VAL A CG2 1 
ATOM   114  N N   . LYS A 1 17  ? -2.267  -7.965  6.172   1.00 10.99 ? 17  LYS A N   1 
ATOM   115  C CA  . LYS A 1 17  ? -3.058  -7.512  7.297   1.00 11.29 ? 17  LYS A CA  1 
ATOM   116  C C   . LYS A 1 17  ? -4.543  -7.534  6.923   1.00 12.11 ? 17  LYS A C   1 
ATOM   117  O O   . LYS A 1 17  ? -4.976  -7.948  5.832   1.00 12.51 ? 17  LYS A O   1 
ATOM   118  C CB  . LYS A 1 17  ? -2.580  -6.090  7.668   1.00 12.88 ? 17  LYS A CB  1 
ATOM   119  C CG  . LYS A 1 17  ? -1.060  -5.912  7.876   1.00 9.85  ? 17  LYS A CG  1 
ATOM   120  C CD  . LYS A 1 17  ? -0.750  -4.549  8.493   1.00 8.49  ? 17  LYS A CD  1 
ATOM   121  C CE  . LYS A 1 17  ? 0.732   -4.146  8.428   1.00 8.80  ? 17  LYS A CE  1 
ATOM   122  N NZ  . LYS A 1 17  ? 0.977   -2.947  9.215   1.00 3.78  ? 17  LYS A NZ  1 
ATOM   123  N N   . ASP A 1 18  ? -5.357  -7.086  7.869   1.00 12.25 ? 18  ASP A N   1 
ATOM   124  C CA  . ASP A 1 18  ? -6.801  -7.031  7.690   1.00 11.96 ? 18  ASP A CA  1 
ATOM   125  C C   . ASP A 1 18  ? -7.419  -5.697  8.101   1.00 8.73  ? 18  ASP A C   1 
ATOM   126  O O   . ASP A 1 18  ? -7.292  -5.247  9.244   1.00 7.81  ? 18  ASP A O   1 
ATOM   127  C CB  . ASP A 1 18  ? -7.391  -8.170  8.492   1.00 13.16 ? 18  ASP A CB  1 
ATOM   128  C CG  . ASP A 1 18  ? -8.915  -8.262  8.546   1.00 15.93 ? 18  ASP A CG  1 
ATOM   129  O OD1 . ASP A 1 18  ? -9.611  -7.824  7.637   1.00 16.08 ? 18  ASP A OD1 1 
ATOM   130  O OD2 . ASP A 1 18  ? -9.399  -8.837  9.506   1.00 18.42 ? 18  ASP A OD2 1 
ATOM   131  N N   . GLN A 1 19  ? -7.988  -4.974  7.148   1.00 8.92  ? 19  GLN A N   1 
ATOM   132  C CA  . GLN A 1 19  ? -8.643  -3.721  7.474   1.00 11.28 ? 19  GLN A CA  1 
ATOM   133  C C   . GLN A 1 19  ? -10.003 -3.918  8.151   1.00 11.52 ? 19  GLN A C   1 
ATOM   134  O O   . GLN A 1 19  ? -10.526 -2.982  8.774   1.00 11.11 ? 19  GLN A O   1 
ATOM   135  C CB  . GLN A 1 19  ? -8.814  -2.884  6.202   1.00 9.68  ? 19  GLN A CB  1 
ATOM   136  C CG  . GLN A 1 19  ? -9.716  -3.434  5.129   1.00 10.85 ? 19  GLN A CG  1 
ATOM   137  C CD  . GLN A 1 19  ? -9.792  -2.458  3.984   1.00 13.99 ? 19  GLN A CD  1 
ATOM   138  O OE1 . GLN A 1 19  ? -10.523 -1.465  3.994   1.00 18.46 ? 19  GLN A OE1 1 
ATOM   139  N NE2 . GLN A 1 19  ? -9.021  -2.649  2.928   1.00 13.43 ? 19  GLN A NE2 1 
ATOM   140  N N   . GLY A 1 20  ? -10.596 -5.114  8.084   1.00 12.67 ? 20  GLY A N   1 
ATOM   141  C CA  . GLY A 1 20  ? -11.895 -5.358  8.698   1.00 12.59 ? 20  GLY A CA  1 
ATOM   142  C C   . GLY A 1 20  ? -12.983 -4.539  8.021   1.00 10.93 ? 20  GLY A C   1 
ATOM   143  O O   . GLY A 1 20  ? -12.975 -4.312  6.809   1.00 12.80 ? 20  GLY A O   1 
ATOM   144  N N   . GLN A 1 21  ? -13.888 -4.022  8.836   1.00 12.46 ? 21  GLN A N   1 
ATOM   145  C CA  . GLN A 1 21  ? -15.025 -3.261  8.326   1.00 16.80 ? 21  GLN A CA  1 
ATOM   146  C C   . GLN A 1 21  ? -14.741 -1.785  8.109   1.00 18.05 ? 21  GLN A C   1 
ATOM   147  O O   . GLN A 1 21  ? -15.617 -1.035  7.685   1.00 22.44 ? 21  GLN A O   1 
ATOM   148  C CB  . GLN A 1 21  ? -16.205 -3.390  9.289   1.00 17.42 ? 21  GLN A CB  1 
ATOM   149  C CG  . GLN A 1 21  ? -16.706 -4.830  9.467   1.00 20.72 ? 21  GLN A CG  1 
ATOM   150  C CD  . GLN A 1 21  ? -17.216 -5.453  8.178   1.00 23.67 ? 21  GLN A CD  1 
ATOM   151  O OE1 . GLN A 1 21  ? -16.782 -6.520  7.751   1.00 26.30 ? 21  GLN A OE1 1 
ATOM   152  N NE2 . GLN A 1 21  ? -18.177 -4.849  7.500   1.00 25.98 ? 21  GLN A NE2 1 
ATOM   153  N N   . CYS A 1 22  ? -13.549 -1.311  8.433   1.00 17.43 ? 22  CYS A N   1 
ATOM   154  C CA  . CYS A 1 22  ? -13.255 0.101   8.300   1.00 15.85 ? 22  CYS A CA  1 
ATOM   155  C C   . CYS A 1 22  ? -12.886 0.423   6.873   1.00 14.09 ? 22  CYS A C   1 
ATOM   156  O O   . CYS A 1 22  ? -12.178 -0.375  6.267   1.00 12.18 ? 22  CYS A O   1 
ATOM   157  C CB  . CYS A 1 22  ? -12.118 0.422   9.243   1.00 15.12 ? 22  CYS A CB  1 
ATOM   158  S SG  . CYS A 1 22  ? -11.642 2.166   9.277   1.00 14.90 ? 22  CYS A SG  1 
ATOM   159  N N   . GLY A 1 23  ? -13.321 1.514   6.240   1.00 13.21 ? 23  GLY A N   1 
ATOM   160  C CA  . GLY A 1 23  ? -12.852 1.858   4.912   1.00 13.43 ? 23  GLY A CA  1 
ATOM   161  C C   . GLY A 1 23  ? -11.481 2.517   5.045   1.00 15.15 ? 23  GLY A C   1 
ATOM   162  O O   . GLY A 1 23  ? -11.324 3.684   4.672   1.00 11.65 ? 23  GLY A O   1 
ATOM   163  N N   . SER A 1 24  ? -10.467 1.778   5.519   1.00 14.70 ? 24  SER A N   1 
ATOM   164  C CA  . SER A 1 24  ? -9.153  2.331   5.801   1.00 12.64 ? 24  SER A CA  1 
ATOM   165  C C   . SER A 1 24  ? -8.105  1.910   4.766   1.00 13.01 ? 24  SER A C   1 
ATOM   166  O O   . SER A 1 24  ? -6.893  1.960   5.010   1.00 13.58 ? 24  SER A O   1 
ATOM   167  C CB  . SER A 1 24  ? -8.757  1.870   7.188   1.00 11.46 ? 24  SER A CB  1 
ATOM   168  O OG  . SER A 1 24  ? -8.944  0.464   7.263   1.00 11.81 ? 24  SER A OG  1 
ATOM   169  N N   . CYS A 1 25  ? -8.506  1.596   3.528   1.00 12.66 ? 25  CYS A N   1 
ATOM   170  C CA  . CYS A 1 25  ? -7.586  1.094   2.504   1.00 12.17 ? 25  CYS A CA  1 
ATOM   171  C C   . CYS A 1 25  ? -6.425  2.035   2.210   1.00 11.12 ? 25  CYS A C   1 
ATOM   172  O O   . CYS A 1 25  ? -5.291  1.627   1.994   1.00 10.80 ? 25  CYS A O   1 
ATOM   173  C CB  . CYS A 1 25  ? -8.330  0.826   1.181   1.00 11.45 ? 25  CYS A CB  1 
ATOM   174  S SG  . CYS A 1 25  ? -9.048  2.281   0.371   1.00 11.67 ? 25  CYS A SG  1 
ATOM   175  N N   . TRP A 1 26  ? -6.713  3.329   2.284   1.00 11.60 ? 26  TRP A N   1 
ATOM   176  C CA  . TRP A 1 26  ? -5.765  4.402   2.035   1.00 9.22  ? 26  TRP A CA  1 
ATOM   177  C C   . TRP A 1 26  ? -4.598  4.328   3.012   1.00 9.98  ? 26  TRP A C   1 
ATOM   178  O O   . TRP A 1 26  ? -3.439  4.499   2.630   1.00 10.70 ? 26  TRP A O   1 
ATOM   179  C CB  . TRP A 1 26  ? -6.534  5.737   2.154   1.00 9.10  ? 26  TRP A CB  1 
ATOM   180  C CG  . TRP A 1 26  ? -7.187  6.009   3.518   1.00 8.32  ? 26  TRP A CG  1 
ATOM   181  C CD1 . TRP A 1 26  ? -8.417  5.472   3.835   1.00 9.54  ? 26  TRP A CD1 1 
ATOM   182  C CD2 . TRP A 1 26  ? -6.656  6.761   4.550   1.00 9.30  ? 26  TRP A CD2 1 
ATOM   183  N NE1 . TRP A 1 26  ? -8.662  5.861   5.062   1.00 9.68  ? 26  TRP A NE1 1 
ATOM   184  C CE2 . TRP A 1 26  ? -7.656  6.627   5.532   1.00 10.90 ? 26  TRP A CE2 1 
ATOM   185  C CE3 . TRP A 1 26  ? -5.504  7.510   4.805   1.00 8.74  ? 26  TRP A CE3 1 
ATOM   186  C CZ2 . TRP A 1 26  ? -7.492  7.242   6.775   1.00 11.89 ? 26  TRP A CZ2 1 
ATOM   187  C CZ3 . TRP A 1 26  ? -5.349  8.130   6.049   1.00 8.60  ? 26  TRP A CZ3 1 
ATOM   188  C CH2 . TRP A 1 26  ? -6.337  7.999   7.026   1.00 10.61 ? 26  TRP A CH2 1 
ATOM   189  N N   . ALA A 1 27  ? -4.916  4.004   4.277   1.00 9.57  ? 27  ALA A N   1 
ATOM   190  C CA  . ALA A 1 27  ? -3.959  3.911   5.358   1.00 9.25  ? 27  ALA A CA  1 
ATOM   191  C C   . ALA A 1 27  ? -3.137  2.647   5.199   1.00 9.32  ? 27  ALA A C   1 
ATOM   192  O O   . ALA A 1 27  ? -1.916  2.707   5.327   1.00 8.47  ? 27  ALA A O   1 
ATOM   193  C CB  . ALA A 1 27  ? -4.699  3.888   6.689   1.00 7.02  ? 27  ALA A CB  1 
ATOM   194  N N   . PHE A 1 28  ? -3.773  1.515   4.858   1.00 10.09 ? 28  PHE A N   1 
ATOM   195  C CA  . PHE A 1 28  ? -3.025  0.287   4.613   1.00 10.96 ? 28  PHE A CA  1 
ATOM   196  C C   . PHE A 1 28  ? -2.053  0.459   3.451   1.00 10.91 ? 28  PHE A C   1 
ATOM   197  O O   . PHE A 1 28  ? -0.886  0.093   3.598   1.00 12.12 ? 28  PHE A O   1 
ATOM   198  C CB  . PHE A 1 28  ? -3.986  -0.882  4.347   1.00 8.77  ? 28  PHE A CB  1 
ATOM   199  C CG  . PHE A 1 28  ? -4.529  -1.375  5.675   1.00 10.68 ? 28  PHE A CG  1 
ATOM   200  C CD1 . PHE A 1 28  ? -5.594  -0.710  6.284   1.00 10.55 ? 28  PHE A CD1 1 
ATOM   201  C CD2 . PHE A 1 28  ? -3.895  -2.438  6.324   1.00 10.18 ? 28  PHE A CD2 1 
ATOM   202  C CE1 . PHE A 1 28  ? -6.000  -1.107  7.555   1.00 7.06  ? 28  PHE A CE1 1 
ATOM   203  C CE2 . PHE A 1 28  ? -4.313  -2.826  7.596   1.00 7.41  ? 28  PHE A CE2 1 
ATOM   204  C CZ  . PHE A 1 28  ? -5.366  -2.163  8.219   1.00 10.57 ? 28  PHE A CZ  1 
ATOM   205  N N   . SER A 1 29  ? -2.458  1.051   2.335   1.00 9.27  ? 29  SER A N   1 
ATOM   206  C CA  . SER A 1 29  ? -1.591  1.325   1.200   1.00 8.11  ? 29  SER A CA  1 
ATOM   207  C C   . SER A 1 29  ? -0.431  2.225   1.610   1.00 10.08 ? 29  SER A C   1 
ATOM   208  O O   . SER A 1 29  ? 0.724   1.876   1.336   1.00 10.34 ? 29  SER A O   1 
ATOM   209  C CB  . SER A 1 29  ? -2.423  1.998   0.127   1.00 8.71  ? 29  SER A CB  1 
ATOM   210  O OG  . SER A 1 29  ? -1.799  2.294   -1.107  1.00 9.16  ? 29  SER A OG  1 
ATOM   211  N N   . ALA A 1 30  ? -0.712  3.349   2.270   1.00 7.90  ? 30  ALA A N   1 
ATOM   212  C CA  . ALA A 1 30  ? 0.334   4.266   2.668   1.00 9.88  ? 30  ALA A CA  1 
ATOM   213  C C   . ALA A 1 30  ? 1.327   3.634   3.633   1.00 11.58 ? 30  ALA A C   1 
ATOM   214  O O   . ALA A 1 30  ? 2.536   3.690   3.402   1.00 14.53 ? 30  ALA A O   1 
ATOM   215  C CB  . ALA A 1 30  ? -0.278  5.493   3.328   1.00 9.28  ? 30  ALA A CB  1 
ATOM   216  N N   . ILE A 1 31  ? 0.879   2.955   4.685   1.00 11.57 ? 31  ILE A N   1 
ATOM   217  C CA  . ILE A 1 31  ? 1.792   2.366   5.646   1.00 9.48  ? 31  ILE A CA  1 
ATOM   218  C C   . ILE A 1 31  ? 2.564   1.202   5.022   1.00 10.36 ? 31  ILE A C   1 
ATOM   219  O O   . ILE A 1 31  ? 3.766   1.103   5.271   1.00 7.92  ? 31  ILE A O   1 
ATOM   220  C CB  . ILE A 1 31  ? 0.978   1.935   6.894   1.00 9.82  ? 31  ILE A CB  1 
ATOM   221  C CG1 . ILE A 1 31  ? 0.471   3.195   7.604   1.00 11.55 ? 31  ILE A CG1 1 
ATOM   222  C CG2 . ILE A 1 31  ? 1.820   1.125   7.859   1.00 10.60 ? 31  ILE A CG2 1 
ATOM   223  C CD1 . ILE A 1 31  ? 1.522   4.226   8.088   1.00 8.80  ? 31  ILE A CD1 1 
ATOM   224  N N   . GLY A 1 32  ? 1.969   0.372   4.163   1.00 8.84  ? 32  GLY A N   1 
ATOM   225  C CA  . GLY A 1 32  ? 2.671   -0.735  3.517   1.00 11.23 ? 32  GLY A CA  1 
ATOM   226  C C   . GLY A 1 32  ? 3.843   -0.206  2.691   1.00 13.49 ? 32  GLY A C   1 
ATOM   227  O O   . GLY A 1 32  ? 4.961   -0.740  2.678   1.00 10.85 ? 32  GLY A O   1 
ATOM   228  N N   . ASN A 1 33  ? 3.594   0.923   2.027   1.00 14.22 ? 33  ASN A N   1 
ATOM   229  C CA  . ASN A 1 33  ? 4.632   1.562   1.243   1.00 12.38 ? 33  ASN A CA  1 
ATOM   230  C C   . ASN A 1 33  ? 5.745   2.057   2.154   1.00 13.04 ? 33  ASN A C   1 
ATOM   231  O O   . ASN A 1 33  ? 6.924   1.754   1.901   1.00 12.33 ? 33  ASN A O   1 
ATOM   232  C CB  . ASN A 1 33  ? 4.041   2.713   0.449   1.00 11.69 ? 33  ASN A CB  1 
ATOM   233  C CG  . ASN A 1 33  ? 5.115   3.551   -0.231  1.00 14.41 ? 33  ASN A CG  1 
ATOM   234  O OD1 . ASN A 1 33  ? 5.415   4.653   0.217   1.00 12.25 ? 33  ASN A OD1 1 
ATOM   235  N ND2 . ASN A 1 33  ? 5.733   3.091   -1.312  1.00 12.30 ? 33  ASN A ND2 1 
ATOM   236  N N   . VAL A 1 34  ? 5.387   2.713   3.268   1.00 11.70 ? 34  VAL A N   1 
ATOM   237  C CA  . VAL A 1 34  ? 6.377   3.216   4.211   1.00 11.26 ? 34  VAL A CA  1 
ATOM   238  C C   . VAL A 1 34  ? 7.167   2.051   4.796   1.00 11.81 ? 34  VAL A C   1 
ATOM   239  O O   . VAL A 1 34  ? 8.396   2.150   4.859   1.00 11.76 ? 34  VAL A O   1 
ATOM   240  C CB  . VAL A 1 34  ? 5.696   4.028   5.339   1.00 9.76  ? 34  VAL A CB  1 
ATOM   241  C CG1 . VAL A 1 34  ? 6.703   4.483   6.374   1.00 6.59  ? 34  VAL A CG1 1 
ATOM   242  C CG2 . VAL A 1 34  ? 5.088   5.300   4.754   1.00 9.39  ? 34  VAL A CG2 1 
ATOM   243  N N   . GLU A 1 35  ? 6.555   0.924   5.159   1.00 11.41 ? 35  GLU A N   1 
ATOM   244  C CA  . GLU A 1 35  ? 7.277   -0.216  5.719   1.00 13.13 ? 35  GLU A CA  1 
ATOM   245  C C   . GLU A 1 35  ? 8.337   -0.728  4.753   1.00 13.40 ? 35  GLU A C   1 
ATOM   246  O O   . GLU A 1 35  ? 9.466   -0.997  5.179   1.00 14.54 ? 35  GLU A O   1 
ATOM   247  C CB  . GLU A 1 35  ? 6.338   -1.379  6.030   1.00 12.59 ? 35  GLU A CB  1 
ATOM   248  C CG  . GLU A 1 35  ? 5.302   -1.127  7.149   1.00 10.56 ? 35  GLU A CG  1 
ATOM   249  C CD  . GLU A 1 35  ? 4.211   -2.181  7.278   1.00 8.36  ? 35  GLU A CD  1 
ATOM   250  O OE1 . GLU A 1 35  ? 3.850   -2.826  6.290   1.00 13.13 ? 35  GLU A OE1 1 
ATOM   251  O OE2 . GLU A 1 35  ? 3.687   -2.371  8.373   1.00 9.56  ? 35  GLU A OE2 1 
ATOM   252  N N   . CYS A 1 36  ? 7.999   -0.812  3.470   1.00 10.89 ? 36  CYS A N   1 
ATOM   253  C CA  . CYS A 1 36  ? 8.940   -1.297  2.478   1.00 13.86 ? 36  CYS A CA  1 
ATOM   254  C C   . CYS A 1 36  ? 10.047  -0.282  2.263   1.00 11.89 ? 36  CYS A C   1 
ATOM   255  O O   . CYS A 1 36  ? 11.222  -0.657  2.266   1.00 12.88 ? 36  CYS A O   1 
ATOM   256  C CB  . CYS A 1 36  ? 8.218   -1.550  1.177   1.00 13.12 ? 36  CYS A CB  1 
ATOM   257  S SG  . CYS A 1 36  ? 6.939   -2.846  1.266   1.00 12.51 ? 36  CYS A SG  1 
ATOM   258  N N   . GLN A 1 37  ? 9.753   1.016   2.115   1.00 11.01 ? 37  GLN A N   1 
ATOM   259  C CA  . GLN A 1 37  ? 10.770  2.032   1.911   1.00 11.60 ? 37  GLN A CA  1 
ATOM   260  C C   . GLN A 1 37  ? 11.702  2.147   3.099   1.00 12.17 ? 37  GLN A C   1 
ATOM   261  O O   . GLN A 1 37  ? 12.910  2.290   2.892   1.00 10.51 ? 37  GLN A O   1 
ATOM   262  C CB  . GLN A 1 37  ? 10.097  3.370   1.617   1.00 10.96 ? 37  GLN A CB  1 
ATOM   263  C CG  . GLN A 1 37  ? 9.389   3.378   0.258   1.00 11.74 ? 37  GLN A CG  1 
ATOM   264  C CD  . GLN A 1 37  ? 10.280  3.069   -0.947  1.00 11.90 ? 37  GLN A CD  1 
ATOM   265  O OE1 . GLN A 1 37  ? 11.438  3.496   -1.024  1.00 15.61 ? 37  GLN A OE1 1 
ATOM   266  N NE2 . GLN A 1 37  ? 9.796   2.327   -1.929  1.00 9.50  ? 37  GLN A NE2 1 
ATOM   267  N N   . TRP A 1 38  ? 11.217  2.036   4.335   1.00 12.83 ? 38  TRP A N   1 
ATOM   268  C CA  . TRP A 1 38  ? 12.070  2.020   5.515   1.00 13.53 ? 38  TRP A CA  1 
ATOM   269  C C   . TRP A 1 38  ? 13.080  0.865   5.459   1.00 12.85 ? 38  TRP A C   1 
ATOM   270  O O   . TRP A 1 38  ? 14.275  1.102   5.662   1.00 12.13 ? 38  TRP A O   1 
ATOM   271  C CB  . TRP A 1 38  ? 11.203  1.890   6.754   1.00 12.03 ? 38  TRP A CB  1 
ATOM   272  C CG  . TRP A 1 38  ? 11.947  2.102   8.068   1.00 13.26 ? 38  TRP A CG  1 
ATOM   273  C CD1 . TRP A 1 38  ? 12.019  1.079   8.969   1.00 10.76 ? 38  TRP A CD1 1 
ATOM   274  C CD2 . TRP A 1 38  ? 12.558  3.256   8.510   1.00 11.01 ? 38  TRP A CD2 1 
ATOM   275  N NE1 . TRP A 1 38  ? 12.660  1.582   9.991   1.00 12.61 ? 38  TRP A NE1 1 
ATOM   276  C CE2 . TRP A 1 38  ? 13.007  2.862   9.776   1.00 11.52 ? 38  TRP A CE2 1 
ATOM   277  C CE3 . TRP A 1 38  ? 12.798  4.550   8.050   1.00 10.57 ? 38  TRP A CE3 1 
ATOM   278  C CZ2 . TRP A 1 38  ? 13.704  3.761   10.595  1.00 12.99 ? 38  TRP A CZ2 1 
ATOM   279  C CZ3 . TRP A 1 38  ? 13.490  5.445   8.862   1.00 10.49 ? 38  TRP A CZ3 1 
ATOM   280  C CH2 . TRP A 1 38  ? 13.943  5.055   10.127  1.00 11.84 ? 38  TRP A CH2 1 
ATOM   281  N N   . PHE A 1 39  ? 12.645  -0.364  5.157   1.00 12.33 ? 39  PHE A N   1 
ATOM   282  C CA  . PHE A 1 39  ? 13.562  -1.485  5.043   1.00 13.73 ? 39  PHE A CA  1 
ATOM   283  C C   . PHE A 1 39  ? 14.625  -1.190  3.983   1.00 14.38 ? 39  PHE A C   1 
ATOM   284  O O   . PHE A 1 39  ? 15.821  -1.332  4.250   1.00 15.68 ? 39  PHE A O   1 
ATOM   285  C CB  . PHE A 1 39  ? 12.784  -2.758  4.669   1.00 13.17 ? 39  PHE A CB  1 
ATOM   286  C CG  . PHE A 1 39  ? 13.681  -3.926  4.292   1.00 12.94 ? 39  PHE A CG  1 
ATOM   287  C CD1 . PHE A 1 39  ? 14.389  -4.627  5.276   1.00 14.95 ? 39  PHE A CD1 1 
ATOM   288  C CD2 . PHE A 1 39  ? 13.816  -4.287  2.948   1.00 14.76 ? 39  PHE A CD2 1 
ATOM   289  C CE1 . PHE A 1 39  ? 15.227  -5.686  4.906   1.00 15.19 ? 39  PHE A CE1 1 
ATOM   290  C CE2 . PHE A 1 39  ? 14.655  -5.346  2.584   1.00 15.34 ? 39  PHE A CE2 1 
ATOM   291  C CZ  . PHE A 1 39  ? 15.365  -6.040  3.563   1.00 13.75 ? 39  PHE A CZ  1 
ATOM   292  N N   . LEU A 1 40  ? 14.204  -0.765  2.782   1.00 14.49 ? 40  LEU A N   1 
ATOM   293  C CA  . LEU A 1 40  ? 15.131  -0.530  1.698   1.00 14.58 ? 40  LEU A CA  1 
ATOM   294  C C   . LEU A 1 40  ? 16.127  0.605   1.939   1.00 18.45 ? 40  LEU A C   1 
ATOM   295  O O   . LEU A 1 40  ? 17.197  0.677   1.323   1.00 17.69 ? 40  LEU A O   1 
ATOM   296  C CB  . LEU A 1 40  ? 14.313  -0.302  0.433   1.00 13.69 ? 40  LEU A CB  1 
ATOM   297  C CG  . LEU A 1 40  ? 13.582  -1.572  -0.069  1.00 12.95 ? 40  LEU A CG  1 
ATOM   298  C CD1 . LEU A 1 40  ? 12.795  -1.265  -1.330  1.00 9.45  ? 40  LEU A CD1 1 
ATOM   299  C CD2 . LEU A 1 40  ? 14.596  -2.678  -0.362  1.00 16.35 ? 40  LEU A CD2 1 
ATOM   300  N N   . ALA A 1 41  ? 15.805  1.497   2.870   1.00 17.24 ? 41  ALA A N   1 
ATOM   301  C CA  . ALA A 1 41  ? 16.748  2.522   3.266   1.00 18.01 ? 41  ALA A CA  1 
ATOM   302  C C   . ALA A 1 41  ? 17.797  1.970   4.240   1.00 18.75 ? 41  ALA A C   1 
ATOM   303  O O   . ALA A 1 41  ? 18.558  2.758   4.817   1.00 19.65 ? 41  ALA A O   1 
ATOM   304  C CB  . ALA A 1 41  ? 15.990  3.666   3.934   1.00 17.41 ? 41  ALA A CB  1 
ATOM   305  N N   . GLY A 1 42  ? 17.849  0.662   4.546   1.00 17.57 ? 42  GLY A N   1 
ATOM   306  C CA  . GLY A 1 42  ? 18.853  0.083   5.428   1.00 16.82 ? 42  GLY A CA  1 
ATOM   307  C C   . GLY A 1 42  ? 18.425  -0.018  6.889   1.00 19.47 ? 42  GLY A C   1 
ATOM   308  O O   . GLY A 1 42  ? 19.205  0.205   7.821   1.00 22.09 ? 42  GLY A O   1 
ATOM   309  N N   . HIS A 1 43  ? 17.157  -0.321  7.143   1.00 17.42 ? 43  HIS A N   1 
ATOM   310  C CA  . HIS A 1 43  ? 16.658  -0.452  8.504   1.00 16.58 ? 43  HIS A CA  1 
ATOM   311  C C   . HIS A 1 43  ? 15.947  -1.793  8.600   1.00 16.74 ? 43  HIS A C   1 
ATOM   312  O O   . HIS A 1 43  ? 15.500  -2.289  7.554   1.00 16.49 ? 43  HIS A O   1 
ATOM   313  C CB  . HIS A 1 43  ? 15.685  0.675   8.810   1.00 15.69 ? 43  HIS A CB  1 
ATOM   314  C CG  . HIS A 1 43  ? 16.324  2.050   8.773   1.00 13.06 ? 43  HIS A CG  1 
ATOM   315  N ND1 . HIS A 1 43  ? 17.075  2.659   9.684   1.00 16.19 ? 43  HIS A ND1 1 
ATOM   316  C CD2 . HIS A 1 43  ? 16.195  2.888   7.701   1.00 13.14 ? 43  HIS A CD2 1 
ATOM   317  C CE1 . HIS A 1 43  ? 17.404  3.830   9.206   1.00 12.68 ? 43  HIS A CE1 1 
ATOM   318  N NE2 . HIS A 1 43  ? 16.875  3.955   8.016   1.00 15.03 ? 43  HIS A NE2 1 
ATOM   319  N N   . PRO A 1 44  ? 15.824  -2.461  9.765   1.00 15.96 ? 44  PRO A N   1 
ATOM   320  C CA  . PRO A 1 44  ? 15.124  -3.744  9.873   1.00 15.71 ? 44  PRO A CA  1 
ATOM   321  C C   . PRO A 1 44  ? 13.665  -3.574  9.460   1.00 15.72 ? 44  PRO A C   1 
ATOM   322  O O   . PRO A 1 44  ? 13.096  -2.498  9.660   1.00 13.80 ? 44  PRO A O   1 
ATOM   323  C CB  . PRO A 1 44  ? 15.270  -4.154  11.322  1.00 15.98 ? 44  PRO A CB  1 
ATOM   324  C CG  . PRO A 1 44  ? 16.450  -3.332  11.804  1.00 17.80 ? 44  PRO A CG  1 
ATOM   325  C CD  . PRO A 1 44  ? 16.274  -2.004  11.079  1.00 15.46 ? 44  PRO A CD  1 
ATOM   326  N N   . LEU A 1 45  ? 13.045  -4.606  8.878   1.00 14.54 ? 45  LEU A N   1 
ATOM   327  C CA  . LEU A 1 45  ? 11.653  -4.540  8.462   1.00 14.76 ? 45  LEU A CA  1 
ATOM   328  C C   . LEU A 1 45  ? 10.846  -4.489  9.761   1.00 14.03 ? 45  LEU A C   1 
ATOM   329  O O   . LEU A 1 45  ? 11.003  -5.371  10.625  1.00 15.55 ? 45  LEU A O   1 
ATOM   330  C CB  . LEU A 1 45  ? 11.292  -5.791  7.664   1.00 13.46 ? 45  LEU A CB  1 
ATOM   331  C CG  . LEU A 1 45  ? 9.938   -5.925  6.995   1.00 12.88 ? 45  LEU A CG  1 
ATOM   332  C CD1 . LEU A 1 45  ? 9.805   -4.933  5.856   1.00 8.94  ? 45  LEU A CD1 1 
ATOM   333  C CD2 . LEU A 1 45  ? 9.799   -7.324  6.453   1.00 10.05 ? 45  LEU A CD2 1 
ATOM   334  N N   . THR A 1 46  ? 10.104  -3.400  9.911   1.00 12.91 ? 46  THR A N   1 
ATOM   335  C CA  . THR A 1 46  ? 9.270   -3.173  11.080  1.00 13.85 ? 46  THR A CA  1 
ATOM   336  C C   . THR A 1 46  ? 7.819   -3.031  10.642  1.00 13.71 ? 46  THR A C   1 
ATOM   337  O O   . THR A 1 46  ? 7.534   -2.435  9.595   1.00 14.80 ? 46  THR A O   1 
ATOM   338  C CB  . THR A 1 46  ? 9.767   -1.884  11.794  1.00 14.63 ? 46  THR A CB  1 
ATOM   339  O OG1 . THR A 1 46  ? 11.150  -2.085  12.106  1.00 18.01 ? 46  THR A OG1 1 
ATOM   340  C CG2 . THR A 1 46  ? 9.013   -1.589  13.083  1.00 15.26 ? 46  THR A CG2 1 
ATOM   341  N N   . ASN A 1 47  ? 6.882   -3.595  11.403  1.00 11.63 ? 47  ASN A N   1 
ATOM   342  C CA  . ASN A 1 47  ? 5.456   -3.409  11.170  1.00 12.71 ? 47  ASN A CA  1 
ATOM   343  C C   . ASN A 1 47  ? 5.077   -2.040  11.717  1.00 10.32 ? 47  ASN A C   1 
ATOM   344  O O   . ASN A 1 47  ? 5.405   -1.707  12.871  1.00 10.58 ? 47  ASN A O   1 
ATOM   345  C CB  . ASN A 1 47  ? 4.639   -4.459  11.902  1.00 13.33 ? 47  ASN A CB  1 
ATOM   346  C CG  . ASN A 1 47  ? 4.403   -5.694  11.079  1.00 16.18 ? 47  ASN A CG  1 
ATOM   347  O OD1 . ASN A 1 47  ? 5.328   -6.389  10.653  1.00 15.88 ? 47  ASN A OD1 1 
ATOM   348  N ND2 . ASN A 1 47  ? 3.167   -6.046  10.797  1.00 19.37 ? 47  ASN A ND2 1 
ATOM   349  N N   . LEU A 1 48  ? 4.393   -1.212  10.932  1.00 11.95 ? 48  LEU A N   1 
ATOM   350  C CA  . LEU A 1 48  ? 4.040   0.143   11.324  1.00 9.55  ? 48  LEU A CA  1 
ATOM   351  C C   . LEU A 1 48  ? 2.526   0.308   11.412  1.00 10.87 ? 48  LEU A C   1 
ATOM   352  O O   . LEU A 1 48  ? 1.771   -0.506  10.874  1.00 8.47  ? 48  LEU A O   1 
ATOM   353  C CB  . LEU A 1 48  ? 4.679   1.081   10.311  1.00 8.06  ? 48  LEU A CB  1 
ATOM   354  C CG  . LEU A 1 48  ? 6.238   1.009   10.229  1.00 9.81  ? 48  LEU A CG  1 
ATOM   355  C CD1 . LEU A 1 48  ? 6.721   1.816   9.036   1.00 10.11 ? 48  LEU A CD1 1 
ATOM   356  C CD2 . LEU A 1 48  ? 6.879   1.522   11.517  1.00 7.92  ? 48  LEU A CD2 1 
ATOM   357  N N   . SER A 1 49  ? 2.071   1.346   12.111  1.00 10.75 ? 49  SER A N   1 
ATOM   358  C CA  . SER A 1 49  ? 0.672   1.524   12.464  1.00 12.03 ? 49  SER A CA  1 
ATOM   359  C C   . SER A 1 49  ? -0.263  2.199   11.473  1.00 10.45 ? 49  SER A C   1 
ATOM   360  O O   . SER A 1 49  ? -0.143  3.407   11.216  1.00 7.87  ? 49  SER A O   1 
ATOM   361  C CB  . SER A 1 49  ? 0.628   2.289   13.787  1.00 11.30 ? 49  SER A CB  1 
ATOM   362  O OG  . SER A 1 49  ? -0.694  2.560   14.255  1.00 14.55 ? 49  SER A OG  1 
ATOM   363  N N   . GLU A 1 50  ? -1.237  1.462   10.943  1.00 10.50 ? 50  GLU A N   1 
ATOM   364  C CA  . GLU A 1 50  ? -2.315  2.068   10.145  1.00 13.32 ? 50  GLU A CA  1 
ATOM   365  C C   . GLU A 1 50  ? -3.259  2.902   11.013  1.00 11.20 ? 50  GLU A C   1 
ATOM   366  O O   . GLU A 1 50  ? -3.832  3.909   10.580  1.00 10.77 ? 50  GLU A O   1 
ATOM   367  C CB  . GLU A 1 50  ? -3.188  1.032   9.464   1.00 11.88 ? 50  GLU A CB  1 
ATOM   368  C CG  . GLU A 1 50  ? -2.476  0.284   8.377   1.00 13.77 ? 50  GLU A CG  1 
ATOM   369  C CD  . GLU A 1 50  ? -1.466  -0.774  8.796   1.00 12.99 ? 50  GLU A CD  1 
ATOM   370  O OE1 . GLU A 1 50  ? -1.419  -1.248  9.931   1.00 12.68 ? 50  GLU A OE1 1 
ATOM   371  O OE2 . GLU A 1 50  ? -0.717  -1.183  7.929   1.00 13.03 ? 50  GLU A OE2 1 
ATOM   372  N N   . GLN A 1 51  ? -3.394  2.497   12.281  1.00 10.86 ? 51  GLN A N   1 
ATOM   373  C CA  . GLN A 1 51  ? -4.306  3.133   13.209  1.00 9.51  ? 51  GLN A CA  1 
ATOM   374  C C   . GLN A 1 51  ? -3.913  4.573   13.473  1.00 11.32 ? 51  GLN A C   1 
ATOM   375  O O   . GLN A 1 51  ? -4.782  5.434   13.655  1.00 9.40  ? 51  GLN A O   1 
ATOM   376  C CB  . GLN A 1 51  ? -4.324  2.358   14.509  1.00 8.59  ? 51  GLN A CB  1 
ATOM   377  C CG  . GLN A 1 51  ? -5.507  2.716   15.407  1.00 8.15  ? 51  GLN A CG  1 
ATOM   378  C CD  . GLN A 1 51  ? -6.842  2.514   14.729  1.00 10.92 ? 51  GLN A CD  1 
ATOM   379  O OE1 . GLN A 1 51  ? -7.129  1.453   14.171  1.00 14.68 ? 51  GLN A OE1 1 
ATOM   380  N NE2 . GLN A 1 51  ? -7.714  3.500   14.710  1.00 15.32 ? 51  GLN A NE2 1 
ATOM   381  N N   . MET A 1 52  ? -2.601  4.854   13.418  1.00 11.67 ? 52  MET A N   1 
ATOM   382  C CA  . MET A 1 52  ? -2.091  6.205   13.579  1.00 9.06  ? 52  MET A CA  1 
ATOM   383  C C   . MET A 1 52  ? -2.763  7.109   12.546  1.00 9.40  ? 52  MET A C   1 
ATOM   384  O O   . MET A 1 52  ? -3.303  8.168   12.889  1.00 9.75  ? 52  MET A O   1 
ATOM   385  C CB  . MET A 1 52  ? -0.575  6.206   13.382  1.00 9.41  ? 52  MET A CB  1 
ATOM   386  C CG  . MET A 1 52  ? 0.036   7.622   13.400  1.00 11.28 ? 52  MET A CG  1 
ATOM   387  S SD  . MET A 1 52  ? 1.767   7.673   12.875  1.00 12.45 ? 52  MET A SD  1 
ATOM   388  C CE  . MET A 1 52  ? 1.472   7.568   11.145  1.00 10.98 ? 52  MET A CE  1 
ATOM   389  N N   . LEU A 1 53  ? -2.806  6.686   11.284  1.00 8.40  ? 53  LEU A N   1 
ATOM   390  C CA  . LEU A 1 53  ? -3.453  7.476   10.253  1.00 10.58 ? 53  LEU A CA  1 
ATOM   391  C C   . LEU A 1 53  ? -4.965  7.535   10.436  1.00 13.75 ? 53  LEU A C   1 
ATOM   392  O O   . LEU A 1 53  ? -5.508  8.642   10.517  1.00 11.54 ? 53  LEU A O   1 
ATOM   393  C CB  . LEU A 1 53  ? -3.122  6.908   8.874   1.00 12.18 ? 53  LEU A CB  1 
ATOM   394  C CG  . LEU A 1 53  ? -1.679  7.043   8.385   1.00 14.09 ? 53  LEU A CG  1 
ATOM   395  C CD1 . LEU A 1 53  ? -1.548  6.431   7.007   1.00 10.80 ? 53  LEU A CD1 1 
ATOM   396  C CD2 . LEU A 1 53  ? -1.273  8.514   8.336   1.00 12.88 ? 53  LEU A CD2 1 
ATOM   397  N N   . VAL A 1 54  ? -5.641  6.386   10.611  1.00 11.97 ? 54  VAL A N   1 
ATOM   398  C CA  . VAL A 1 54  ? -7.106  6.340   10.733  1.00 10.59 ? 54  VAL A CA  1 
ATOM   399  C C   . VAL A 1 54  ? -7.637  7.242   11.853  1.00 11.71 ? 54  VAL A C   1 
ATOM   400  O O   . VAL A 1 54  ? -8.645  7.934   11.665  1.00 13.67 ? 54  VAL A O   1 
ATOM   401  C CB  . VAL A 1 54  ? -7.555  4.848   10.963  1.00 11.83 ? 54  VAL A CB  1 
ATOM   402  C CG1 . VAL A 1 54  ? -9.076  4.708   11.013  1.00 13.36 ? 54  VAL A CG1 1 
ATOM   403  C CG2 . VAL A 1 54  ? -7.132  3.995   9.776   1.00 10.03 ? 54  VAL A CG2 1 
ATOM   404  N N   . SER A 1 55  ? -6.984  7.243   13.021  1.00 9.59  ? 55  SER A N   1 
ATOM   405  C CA  . SER A 1 55  ? -7.409  8.052   14.135  1.00 10.48 ? 55  SER A CA  1 
ATOM   406  C C   . SER A 1 55  ? -6.858  9.478   14.158  1.00 12.02 ? 55  SER A C   1 
ATOM   407  O O   . SER A 1 55  ? -7.555  10.430  14.581  1.00 13.28 ? 55  SER A O   1 
ATOM   408  C CB  . SER A 1 55  ? -7.017  7.362   15.426  1.00 7.70  ? 55  SER A CB  1 
ATOM   409  O OG  . SER A 1 55  ? -7.722  6.133   15.620  1.00 13.33 ? 55  SER A OG  1 
ATOM   410  N N   . CYS A 1 56  ? -5.612  9.696   13.726  1.00 11.20 ? 56  CYS A N   1 
ATOM   411  C CA  . CYS A 1 56  ? -4.986  10.989  13.925  1.00 10.70 ? 56  CYS A CA  1 
ATOM   412  C C   . CYS A 1 56  ? -4.922  11.886  12.710  1.00 11.79 ? 56  CYS A C   1 
ATOM   413  O O   . CYS A 1 56  ? -4.937  13.111  12.866  1.00 13.63 ? 56  CYS A O   1 
ATOM   414  C CB  . CYS A 1 56  ? -3.580  10.769  14.494  1.00 11.55 ? 56  CYS A CB  1 
ATOM   415  S SG  . CYS A 1 56  ? -3.613  9.784   16.015  1.00 12.51 ? 56  CYS A SG  1 
ATOM   416  N N   . ASP A 1 57  ? -4.999  11.342  11.501  1.00 11.60 ? 57  ASP A N   1 
ATOM   417  C CA  . ASP A 1 57  ? -4.893  12.153  10.314  1.00 11.53 ? 57  ASP A CA  1 
ATOM   418  C C   . ASP A 1 57  ? -6.223  12.785  9.970   1.00 13.23 ? 57  ASP A C   1 
ATOM   419  O O   . ASP A 1 57  ? -7.137  12.211  9.384   1.00 12.08 ? 57  ASP A O   1 
ATOM   420  C CB  . ASP A 1 57  ? -4.409  11.291  9.177   1.00 8.92  ? 57  ASP A CB  1 
ATOM   421  C CG  . ASP A 1 57  ? -4.348  11.940  7.807   1.00 11.58 ? 57  ASP A CG  1 
ATOM   422  O OD1 . ASP A 1 57  ? -4.491  13.160  7.665   1.00 10.26 ? 57  ASP A OD1 1 
ATOM   423  O OD2 . ASP A 1 57  ? -4.080  11.185  6.891   1.00 11.60 ? 57  ASP A OD2 1 
ATOM   424  N N   . LYS A 1 58  ? -6.327  14.020  10.418  1.00 14.24 ? 58  LYS A N   1 
ATOM   425  C CA  . LYS A 1 58  ? -7.509  14.792  10.156  1.00 14.63 ? 58  LYS A CA  1 
ATOM   426  C C   . LYS A 1 58  ? -7.613  15.364  8.762   1.00 15.10 ? 58  LYS A C   1 
ATOM   427  O O   . LYS A 1 58  ? -8.524  16.167  8.551   1.00 15.91 ? 58  LYS A O   1 
ATOM   428  C CB  . LYS A 1 58  ? -7.561  15.875  11.204  1.00 17.05 ? 58  LYS A CB  1 
ATOM   429  C CG  . LYS A 1 58  ? -8.311  15.589  12.486  1.00 20.63 ? 58  LYS A CG  1 
ATOM   430  C CD  . LYS A 1 58  ? -7.973  14.358  13.301  1.00 21.04 ? 58  LYS A CD  1 
ATOM   431  C CE  . LYS A 1 58  ? -9.079  13.332  13.075  1.00 20.90 ? 58  LYS A CE  1 
ATOM   432  N NZ  . LYS A 1 58  ? -9.271  12.533  14.263  1.00 16.64 ? 58  LYS A NZ  1 
ATOM   433  N N   . THR A 1 59  ? -6.710  15.089  7.811   1.00 14.25 ? 59  THR A N   1 
ATOM   434  C CA  . THR A 1 59  ? -6.929  15.621  6.473   1.00 12.07 ? 59  THR A CA  1 
ATOM   435  C C   . THR A 1 59  ? -7.514  14.494  5.611   1.00 11.96 ? 59  THR A C   1 
ATOM   436  O O   . THR A 1 59  ? -7.822  14.651  4.425   1.00 12.97 ? 59  THR A O   1 
ATOM   437  C CB  . THR A 1 59  ? -5.582  16.203  5.918   1.00 13.91 ? 59  THR A CB  1 
ATOM   438  O OG1 . THR A 1 59  ? -4.646  15.156  5.720   1.00 15.45 ? 59  THR A OG1 1 
ATOM   439  C CG2 . THR A 1 59  ? -4.971  17.203  6.904   1.00 12.38 ? 59  THR A CG2 1 
ATOM   440  N N   . ASP A 1 60  ? -7.601  13.305  6.214   1.00 12.41 ? 60  ASP A N   1 
ATOM   441  C CA  . ASP A 1 60  ? -8.363  12.224  5.624   1.00 13.41 ? 60  ASP A CA  1 
ATOM   442  C C   . ASP A 1 60  ? -9.568  11.901  6.491   1.00 13.65 ? 60  ASP A C   1 
ATOM   443  O O   . ASP A 1 60  ? -9.770  12.526  7.531   1.00 13.37 ? 60  ASP A O   1 
ATOM   444  C CB  . ASP A 1 60  ? -7.446  11.030  5.436   1.00 13.43 ? 60  ASP A CB  1 
ATOM   445  C CG  . ASP A 1 60  ? -6.545  11.277  4.226   1.00 15.54 ? 60  ASP A CG  1 
ATOM   446  O OD1 . ASP A 1 60  ? -7.057  11.442  3.112   1.00 17.00 ? 60  ASP A OD1 1 
ATOM   447  O OD2 . ASP A 1 60  ? -5.328  11.334  4.353   1.00 15.23 ? 60  ASP A OD2 1 
ATOM   448  N N   . SER A 1 61  ? -10.425 10.954  6.115   1.00 16.52 ? 61  SER A N   1 
ATOM   449  C CA  . SER A 1 61  ? -11.678 10.720  6.822   1.00 16.17 ? 61  SER A CA  1 
ATOM   450  C C   . SER A 1 61  ? -11.849 9.360   7.523   1.00 17.78 ? 61  SER A C   1 
ATOM   451  O O   . SER A 1 61  ? -12.937 8.761   7.485   1.00 19.18 ? 61  SER A O   1 
ATOM   452  C CB  . SER A 1 61  ? -12.801 10.961  5.799   1.00 16.43 ? 61  SER A CB  1 
ATOM   453  O OG  . SER A 1 61  ? -12.705 12.218  5.130   1.00 18.28 ? 61  SER A OG  1 
ATOM   454  N N   . GLY A 1 62  ? -10.810 8.828   8.182   1.00 14.68 ? 62  GLY A N   1 
ATOM   455  C CA  . GLY A 1 62  ? -10.854 7.583   8.946   1.00 13.37 ? 62  GLY A CA  1 
ATOM   456  C C   . GLY A 1 62  ? -11.424 6.408   8.173   1.00 14.09 ? 62  GLY A C   1 
ATOM   457  O O   . GLY A 1 62  ? -11.005 6.081   7.052   1.00 13.18 ? 62  GLY A O   1 
ATOM   458  N N   . CYS A 1 63  ? -12.456 5.815   8.784   1.00 12.40 ? 63  CYS A N   1 
ATOM   459  C CA  . CYS A 1 63  ? -13.169 4.713   8.179   1.00 11.70 ? 63  CYS A CA  1 
ATOM   460  C C   . CYS A 1 63  ? -14.048 5.126   7.010   1.00 11.18 ? 63  CYS A C   1 
ATOM   461  O O   . CYS A 1 63  ? -14.601 4.246   6.360   1.00 10.42 ? 63  CYS A O   1 
ATOM   462  C CB  . CYS A 1 63  ? -14.013 4.003   9.237   1.00 11.48 ? 63  CYS A CB  1 
ATOM   463  S SG  . CYS A 1 63  ? -12.960 3.170   10.447  1.00 11.42 ? 63  CYS A SG  1 
ATOM   464  N N   . SER A 1 64  ? -14.227 6.403   6.683   1.00 13.62 ? 64  SER A N   1 
ATOM   465  C CA  . SER A 1 64  ? -14.978 6.760   5.491   1.00 15.98 ? 64  SER A CA  1 
ATOM   466  C C   . SER A 1 64  ? -14.066 6.858   4.281   1.00 15.63 ? 64  SER A C   1 
ATOM   467  O O   . SER A 1 64  ? -14.559 6.975   3.155   1.00 19.54 ? 64  SER A O   1 
ATOM   468  C CB  . SER A 1 64  ? -15.694 8.081   5.727   1.00 17.46 ? 64  SER A CB  1 
ATOM   469  O OG  . SER A 1 64  ? -16.647 7.903   6.770   1.00 21.17 ? 64  SER A OG  1 
ATOM   470  N N   . GLY A 1 65  ? -12.740 6.816   4.449   1.00 15.32 ? 65  GLY A N   1 
ATOM   471  C CA  . GLY A 1 65  ? -11.856 6.833   3.300   1.00 12.54 ? 65  GLY A CA  1 
ATOM   472  C C   . GLY A 1 65  ? -10.843 7.956   3.395   1.00 13.03 ? 65  GLY A C   1 
ATOM   473  O O   . GLY A 1 65  ? -10.820 8.748   4.350   1.00 12.46 ? 65  GLY A O   1 
ATOM   474  N N   . GLY A 1 66  ? -9.991  8.028   2.382   1.00 15.54 ? 66  GLY A N   1 
ATOM   475  C CA  . GLY A 1 66  ? -8.936  9.017   2.341   1.00 13.05 ? 66  GLY A CA  1 
ATOM   476  C C   . GLY A 1 66  ? -8.053  8.806   1.133   1.00 11.14 ? 66  GLY A C   1 
ATOM   477  O O   . GLY A 1 66  ? -8.384  8.032   0.233   1.00 12.28 ? 66  GLY A O   1 
ATOM   478  N N   . LEU A 1 67  ? -6.887  9.432   1.128   1.00 11.28 ? 67  LEU A N   1 
ATOM   479  C CA  . LEU A 1 67  ? -5.966  9.438   0.008   1.00 12.91 ? 67  LEU A CA  1 
ATOM   480  C C   . LEU A 1 67  ? -4.559  9.199   0.507   1.00 10.94 ? 67  LEU A C   1 
ATOM   481  O O   . LEU A 1 67  ? -4.113  9.889   1.422   1.00 8.17  ? 67  LEU A O   1 
ATOM   482  C CB  . LEU A 1 67  ? -5.975  10.796  -0.715  1.00 13.04 ? 67  LEU A CB  1 
ATOM   483  C CG  . LEU A 1 67  ? -7.269  11.403  -1.227  1.00 15.18 ? 67  LEU A CG  1 
ATOM   484  C CD1 . LEU A 1 67  ? -7.012  12.813  -1.729  1.00 15.94 ? 67  LEU A CD1 1 
ATOM   485  C CD2 . LEU A 1 67  ? -7.816  10.551  -2.359  1.00 14.15 ? 67  LEU A CD2 1 
ATOM   486  N N   . MET A 1 68  ? -3.804  8.268   -0.094  1.00 10.95 ? 68  MET A N   1 
ATOM   487  C CA  . MET A 1 68  ? -2.417  8.012   0.292   1.00 10.42 ? 68  MET A CA  1 
ATOM   488  C C   . MET A 1 68  ? -1.538  9.260   0.299   1.00 9.57  ? 68  MET A C   1 
ATOM   489  O O   . MET A 1 68  ? -0.808  9.478   1.262   1.00 9.82  ? 68  MET A O   1 
ATOM   490  C CB  . MET A 1 68  ? -1.764  7.009   -0.640  1.00 10.29 ? 68  MET A CB  1 
ATOM   491  C CG  . MET A 1 68  ? -2.336  5.604   -0.491  1.00 13.28 ? 68  MET A CG  1 
ATOM   492  S SD  . MET A 1 68  ? -3.925  5.344   -1.325  1.00 13.46 ? 68  MET A SD  1 
ATOM   493  C CE  . MET A 1 68  ? -3.343  5.059   -2.965  1.00 10.99 ? 68  MET A CE  1 
ATOM   494  N N   . ASN A 1 69  ? -1.637  10.125  -0.729  1.00 11.32 ? 69  ASN A N   1 
ATOM   495  C CA  . ASN A 1 69  ? -0.833  11.342  -0.791  1.00 11.00 ? 69  ASN A CA  1 
ATOM   496  C C   . ASN A 1 69  ? -1.128  12.287  0.360   1.00 10.21 ? 69  ASN A C   1 
ATOM   497  O O   . ASN A 1 69  ? -0.205  12.941  0.841   1.00 10.81 ? 69  ASN A O   1 
ATOM   498  C CB  . ASN A 1 69  ? -1.061  12.110  -2.114  1.00 10.49 ? 69  ASN A CB  1 
ATOM   499  C CG  . ASN A 1 69  ? -0.515  11.343  -3.304  1.00 15.50 ? 69  ASN A CG  1 
ATOM   500  O OD1 . ASN A 1 69  ? 0.441   10.573  -3.175  1.00 15.42 ? 69  ASN A OD1 1 
ATOM   501  N ND2 . ASN A 1 69  ? -1.066  11.529  -4.491  1.00 12.02 ? 69  ASN A ND2 1 
ATOM   502  N N   . ASN A 1 70  ? -2.374  12.359  0.849   1.00 8.26  ? 70  ASN A N   1 
ATOM   503  C CA  . ASN A 1 70  ? -2.675  13.215  1.997   1.00 9.08  ? 70  ASN A CA  1 
ATOM   504  C C   . ASN A 1 70  ? -2.063  12.643  3.273   1.00 7.67  ? 70  ASN A C   1 
ATOM   505  O O   . ASN A 1 70  ? -1.479  13.386  4.075   1.00 7.14  ? 70  ASN A O   1 
ATOM   506  C CB  . ASN A 1 70  ? -4.174  13.348  2.231   1.00 11.59 ? 70  ASN A CB  1 
ATOM   507  C CG  . ASN A 1 70  ? -4.887  14.422  1.435   1.00 14.43 ? 70  ASN A CG  1 
ATOM   508  O OD1 . ASN A 1 70  ? -4.379  14.984  0.466   1.00 13.91 ? 70  ASN A OD1 1 
ATOM   509  N ND2 . ASN A 1 70  ? -6.116  14.751  1.775   1.00 15.41 ? 70  ASN A ND2 1 
ATOM   510  N N   . ALA A 1 71  ? -2.164  11.322  3.423   1.00 7.16  ? 71  ALA A N   1 
ATOM   511  C CA  . ALA A 1 71  ? -1.550  10.602  4.529   1.00 8.12  ? 71  ALA A CA  1 
ATOM   512  C C   . ALA A 1 71  ? -0.039  10.862  4.579   1.00 7.57  ? 71  ALA A C   1 
ATOM   513  O O   . ALA A 1 71  ? 0.484   11.245  5.640   1.00 8.31  ? 71  ALA A O   1 
ATOM   514  C CB  . ALA A 1 71  ? -1.814  9.110   4.352   1.00 5.53  ? 71  ALA A CB  1 
ATOM   515  N N   . PHE A 1 72  ? 0.692   10.719  3.456   1.00 8.32  ? 72  PHE A N   1 
ATOM   516  C CA  . PHE A 1 72  ? 2.142   10.998  3.458   1.00 11.42 ? 72  PHE A CA  1 
ATOM   517  C C   . PHE A 1 72  ? 2.469   12.421  3.920   1.00 14.00 ? 72  PHE A C   1 
ATOM   518  O O   . PHE A 1 72  ? 3.296   12.637  4.826   1.00 15.32 ? 72  PHE A O   1 
ATOM   519  C CB  . PHE A 1 72  ? 2.727   10.800  2.064   1.00 10.12 ? 72  PHE A CB  1 
ATOM   520  C CG  . PHE A 1 72  ? 2.694   9.360   1.554   1.00 7.41  ? 72  PHE A CG  1 
ATOM   521  C CD1 . PHE A 1 72  ? 2.972   8.278   2.398   1.00 9.59  ? 72  PHE A CD1 1 
ATOM   522  C CD2 . PHE A 1 72  ? 2.397   9.132   0.209   1.00 6.15  ? 72  PHE A CD2 1 
ATOM   523  C CE1 . PHE A 1 72  ? 2.940   6.974   1.893   1.00 7.96  ? 72  PHE A CE1 1 
ATOM   524  C CE2 . PHE A 1 72  ? 2.366   7.832   -0.288  1.00 7.10  ? 72  PHE A CE2 1 
ATOM   525  C CZ  . PHE A 1 72  ? 2.636   6.749   0.553   1.00 9.02  ? 72  PHE A CZ  1 
ATOM   526  N N   . GLU A 1 73  ? 1.715   13.391  3.374   1.00 13.28 ? 73  GLU A N   1 
ATOM   527  C CA  . GLU A 1 73  ? 1.881   14.782  3.758   1.00 13.38 ? 73  GLU A CA  1 
ATOM   528  C C   . GLU A 1 73  ? 1.516   15.030  5.211   1.00 11.91 ? 73  GLU A C   1 
ATOM   529  O O   . GLU A 1 73  ? 2.220   15.793  5.868   1.00 10.47 ? 73  GLU A O   1 
ATOM   530  C CB  . GLU A 1 73  ? 1.040   15.683  2.853   1.00 17.76 ? 73  GLU A CB  1 
ATOM   531  C CG  . GLU A 1 73  ? 1.644   15.909  1.472   1.00 27.42 ? 73  GLU A CG  1 
ATOM   532  C CD  . GLU A 1 73  ? 3.059   16.481  1.471   1.00 34.12 ? 73  GLU A CD  1 
ATOM   533  O OE1 . GLU A 1 73  ? 3.374   17.350  2.272   1.00 35.10 ? 73  GLU A OE1 1 
ATOM   534  O OE2 . GLU A 1 73  ? 3.875   16.033  0.662   1.00 39.10 ? 73  GLU A OE2 1 
ATOM   535  N N   . TRP A 1 74  ? 0.497   14.380  5.797   1.00 13.92 ? 74  TRP A N   1 
ATOM   536  C CA  . TRP A 1 74  ? 0.158   14.558  7.203   1.00 10.99 ? 74  TRP A CA  1 
ATOM   537  C C   . TRP A 1 74  ? 1.323   14.088  8.087   1.00 12.88 ? 74  TRP A C   1 
ATOM   538  O O   . TRP A 1 74  ? 1.669   14.742  9.081   1.00 13.31 ? 74  TRP A O   1 
ATOM   539  C CB  . TRP A 1 74  ? -1.130  13.758  7.551   1.00 9.43  ? 74  TRP A CB  1 
ATOM   540  C CG  . TRP A 1 74  ? -1.467  13.823  9.041   1.00 10.69 ? 74  TRP A CG  1 
ATOM   541  C CD1 . TRP A 1 74  ? -2.179  14.881  9.539   1.00 11.52 ? 74  TRP A CD1 1 
ATOM   542  C CD2 . TRP A 1 74  ? -1.071  12.954  10.027  1.00 11.96 ? 74  TRP A CD2 1 
ATOM   543  N NE1 . TRP A 1 74  ? -2.231  14.698  10.833  1.00 11.58 ? 74  TRP A NE1 1 
ATOM   544  C CE2 . TRP A 1 74  ? -1.592  13.570  11.172  1.00 12.20 ? 74  TRP A CE2 1 
ATOM   545  C CE3 . TRP A 1 74  ? -0.361  11.755  10.127  1.00 10.17 ? 74  TRP A CE3 1 
ATOM   546  C CZ2 . TRP A 1 74  ? -1.406  12.993  12.424  1.00 11.62 ? 74  TRP A CZ2 1 
ATOM   547  C CZ3 . TRP A 1 74  ? -0.163  11.178  11.379  1.00 11.79 ? 74  TRP A CZ3 1 
ATOM   548  C CH2 . TRP A 1 74  ? -0.688  11.795  12.521  1.00 14.88 ? 74  TRP A CH2 1 
ATOM   549  N N   . ILE A 1 75  ? 1.923   12.933  7.785   1.00 11.61 ? 75  ILE A N   1 
ATOM   550  C CA  . ILE A 1 75  ? 3.069   12.435  8.539   1.00 10.44 ? 75  ILE A CA  1 
ATOM   551  C C   . ILE A 1 75  ? 4.181   13.501  8.607   1.00 11.36 ? 75  ILE A C   1 
ATOM   552  O O   . ILE A 1 75  ? 4.648   13.869  9.688   1.00 10.57 ? 75  ILE A O   1 
ATOM   553  C CB  . ILE A 1 75  ? 3.568   11.117  7.845   1.00 12.37 ? 75  ILE A CB  1 
ATOM   554  C CG1 . ILE A 1 75  ? 2.504   10.024  8.014   1.00 9.35  ? 75  ILE A CG1 1 
ATOM   555  C CG2 . ILE A 1 75  ? 4.902   10.673  8.432   1.00 6.24  ? 75  ILE A CG2 1 
ATOM   556  C CD1 . ILE A 1 75  ? 2.803   8.715   7.251   1.00 10.06 ? 75  ILE A CD1 1 
ATOM   557  N N   . VAL A 1 76  ? 4.575   14.046  7.461   1.00 13.78 ? 76  VAL A N   1 
ATOM   558  C CA  . VAL A 1 76  ? 5.632   15.051  7.392   1.00 16.33 ? 76  VAL A CA  1 
ATOM   559  C C   . VAL A 1 76  ? 5.202   16.359  8.047   1.00 17.30 ? 76  VAL A C   1 
ATOM   560  O O   . VAL A 1 76  ? 5.858   16.798  8.988   1.00 17.70 ? 76  VAL A O   1 
ATOM   561  C CB  . VAL A 1 76  ? 6.045   15.344  5.910   1.00 16.10 ? 76  VAL A CB  1 
ATOM   562  C CG1 . VAL A 1 76  ? 7.257   16.264  5.892   1.00 16.32 ? 76  VAL A CG1 1 
ATOM   563  C CG2 . VAL A 1 76  ? 6.402   14.061  5.187   1.00 17.69 ? 76  VAL A CG2 1 
ATOM   564  N N   . GLN A 1 77  ? 4.107   16.959  7.575   1.00 19.75 ? 77  GLN A N   1 
ATOM   565  C CA  . GLN A 1 77  ? 3.637   18.260  8.017   1.00 19.57 ? 77  GLN A CA  1 
ATOM   566  C C   . GLN A 1 77  ? 3.068   18.335  9.414   1.00 19.35 ? 77  GLN A C   1 
ATOM   567  O O   . GLN A 1 77  ? 3.356   19.319  10.095  1.00 20.04 ? 77  GLN A O   1 
ATOM   568  C CB  . GLN A 1 77  ? 2.568   18.809  7.065   1.00 22.42 ? 77  GLN A CB  1 
ATOM   569  C CG  . GLN A 1 77  ? 2.981   19.001  5.599   1.00 30.17 ? 77  GLN A CG  1 
ATOM   570  C CD  . GLN A 1 77  ? 4.202   19.884  5.371   1.00 37.05 ? 77  GLN A CD  1 
ATOM   571  O OE1 . GLN A 1 77  ? 5.024   19.659  4.488   1.00 39.16 ? 77  GLN A OE1 1 
ATOM   572  N NE2 . GLN A 1 77  ? 4.455   20.929  6.164   1.00 40.52 ? 77  GLN A NE2 1 
ATOM   573  N N   . GLU A 1 78  ? 2.288   17.347  9.848   1.00 17.19 ? 78  GLU A N   1 
ATOM   574  C CA  . GLU A 1 78  ? 1.701   17.398  11.174  1.00 18.00 ? 78  GLU A CA  1 
ATOM   575  C C   . GLU A 1 78  ? 2.284   16.448  12.203  1.00 16.95 ? 78  GLU A C   1 
ATOM   576  O O   . GLU A 1 78  ? 2.131   16.674  13.405  1.00 18.33 ? 78  GLU A O   1 
ATOM   577  C CB  . GLU A 1 78  ? 0.193   17.127  11.099  1.00 17.78 ? 78  GLU A CB  1 
ATOM   578  C CG  . GLU A 1 78  ? -0.594  18.038  10.154  1.00 23.16 ? 78  GLU A CG  1 
ATOM   579  C CD  . GLU A 1 78  ? -0.561  19.531  10.475  1.00 26.60 ? 78  GLU A CD  1 
ATOM   580  O OE1 . GLU A 1 78  ? -0.458  20.319  9.531   1.00 28.96 ? 78  GLU A OE1 1 
ATOM   581  O OE2 . GLU A 1 78  ? -0.638  19.917  11.645  1.00 26.58 ? 78  GLU A OE2 1 
ATOM   582  N N   . ASN A 1 79  A 2.913   15.335  11.827  1.00 16.42 ? 78  ASN A N   1 
ATOM   583  C CA  . ASN A 1 79  A 3.409   14.415  12.840  1.00 15.31 ? 78  ASN A CA  1 
ATOM   584  C C   . ASN A 1 79  A 4.919   14.329  12.951  1.00 16.69 ? 78  ASN A C   1 
ATOM   585  O O   . ASN A 1 79  A 5.497   13.342  13.424  1.00 19.16 ? 78  ASN A O   1 
ATOM   586  C CB  . ASN A 1 79  A 2.827   13.033  12.572  1.00 13.31 ? 78  ASN A CB  1 
ATOM   587  C CG  . ASN A 1 79  A 2.760   12.230  13.862  1.00 13.16 ? 78  ASN A CG  1 
ATOM   588  O OD1 . ASN A 1 79  A 3.038   11.032  13.905  1.00 15.98 ? 78  ASN A OD1 1 
ATOM   589  N ND2 . ASN A 1 79  A 2.338   12.824  14.970  1.00 7.43  ? 78  ASN A ND2 1 
ATOM   590  N N   . ASN A 1 80  B 5.613   15.385  12.514  1.00 16.16 ? 78  ASN A N   1 
ATOM   591  C CA  . ASN A 1 80  B 7.069   15.494  12.580  1.00 15.96 ? 78  ASN A CA  1 
ATOM   592  C C   . ASN A 1 80  B 7.809   14.327  11.950  1.00 16.89 ? 78  ASN A C   1 
ATOM   593  O O   . ASN A 1 80  B 8.859   13.877  12.426  1.00 17.80 ? 78  ASN A O   1 
ATOM   594  C CB  . ASN A 1 80  B 7.524   15.655  14.045  1.00 16.56 ? 78  ASN A CB  1 
ATOM   595  C CG  . ASN A 1 80  B 7.294   17.077  14.510  1.00 20.88 ? 78  ASN A CG  1 
ATOM   596  O OD1 . ASN A 1 80  B 6.195   17.466  14.874  1.00 22.05 ? 78  ASN A OD1 1 
ATOM   597  N ND2 . ASN A 1 80  B 8.282   17.946  14.523  1.00 18.70 ? 78  ASN A ND2 1 
ATOM   598  N N   . GLY A 1 81  C 7.226   13.872  10.837  1.00 15.55 ? 78  GLY A N   1 
ATOM   599  C CA  . GLY A 1 81  C 7.744   12.764  10.053  1.00 14.44 ? 78  GLY A CA  1 
ATOM   600  C C   . GLY A 1 81  C 7.638   11.394  10.726  1.00 14.39 ? 78  GLY A C   1 
ATOM   601  O O   . GLY A 1 81  C 8.084   10.430  10.097  1.00 13.51 ? 78  GLY A O   1 
ATOM   602  N N   . ALA A 1 82  ? 7.029   11.247  11.910  1.00 12.67 ? 79  ALA A N   1 
ATOM   603  C CA  . ALA A 1 82  ? 7.011   9.987   12.634  1.00 11.76 ? 79  ALA A CA  1 
ATOM   604  C C   . ALA A 1 82  ? 5.926   9.006   12.218  1.00 14.30 ? 79  ALA A C   1 
ATOM   605  O O   . ALA A 1 82  ? 4.790   9.381   11.908  1.00 15.17 ? 79  ALA A O   1 
ATOM   606  C CB  . ALA A 1 82  ? 6.836   10.241  14.123  1.00 10.10 ? 79  ALA A CB  1 
ATOM   607  N N   . VAL A 1 83  ? 6.288   7.723   12.159  1.00 13.15 ? 80  VAL A N   1 
ATOM   608  C CA  . VAL A 1 83  ? 5.332   6.675   11.862  1.00 10.24 ? 80  VAL A CA  1 
ATOM   609  C C   . VAL A 1 83  ? 5.562   5.709   13.016  1.00 12.46 ? 80  VAL A C   1 
ATOM   610  O O   . VAL A 1 83  ? 6.694   5.269   13.246  1.00 10.16 ? 80  VAL A O   1 
ATOM   611  C CB  . VAL A 1 83  ? 5.646   6.008   10.500  1.00 10.36 ? 80  VAL A CB  1 
ATOM   612  C CG1 . VAL A 1 83  ? 4.563   4.974   10.219  1.00 8.15  ? 80  VAL A CG1 1 
ATOM   613  C CG2 . VAL A 1 83  ? 5.695   7.037   9.367   1.00 9.35  ? 80  VAL A CG2 1 
ATOM   614  N N   . TYR A 1 84  ? 4.522   5.437   13.799  1.00 10.67 ? 81  TYR A N   1 
ATOM   615  C CA  . TYR A 1 84  ? 4.605   4.571   14.966  1.00 11.83 ? 81  TYR A CA  1 
ATOM   616  C C   . TYR A 1 84  ? 4.613   3.102   14.596  1.00 11.79 ? 81  TYR A C   1 
ATOM   617  O O   . TYR A 1 84  ? 4.135   2.718   13.518  1.00 8.69  ? 81  TYR A O   1 
ATOM   618  C CB  . TYR A 1 84  ? 3.424   4.779   15.902  1.00 12.52 ? 81  TYR A CB  1 
ATOM   619  C CG  . TYR A 1 84  ? 3.199   6.205   16.364  1.00 15.18 ? 81  TYR A CG  1 
ATOM   620  C CD1 . TYR A 1 84  ? 4.260   6.999   16.801  1.00 16.92 ? 81  TYR A CD1 1 
ATOM   621  C CD2 . TYR A 1 84  ? 1.898   6.710   16.384  1.00 17.10 ? 81  TYR A CD2 1 
ATOM   622  C CE1 . TYR A 1 84  ? 4.019   8.288   17.268  1.00 18.43 ? 81  TYR A CE1 1 
ATOM   623  C CE2 . TYR A 1 84  ? 1.647   8.003   16.847  1.00 14.44 ? 81  TYR A CE2 1 
ATOM   624  C CZ  . TYR A 1 84  ? 2.714   8.774   17.293  1.00 17.04 ? 81  TYR A CZ  1 
ATOM   625  O OH  . TYR A 1 84  ? 2.503   10.025  17.813  1.00 21.10 ? 81  TYR A OH  1 
ATOM   626  N N   . THR A 1 85  ? 5.171   2.281   15.481  1.00 12.52 ? 82  THR A N   1 
ATOM   627  C CA  . THR A 1 85  ? 5.176   0.850   15.256  1.00 13.01 ? 82  THR A CA  1 
ATOM   628  C C   . THR A 1 85  ? 3.750   0.325   15.440  1.00 12.45 ? 82  THR A C   1 
ATOM   629  O O   . THR A 1 85  ? 2.973   0.886   16.228  1.00 11.01 ? 82  THR A O   1 
ATOM   630  C CB  . THR A 1 85  ? 6.148   0.132   16.255  1.00 14.19 ? 82  THR A CB  1 
ATOM   631  O OG1 . THR A 1 85  ? 5.693   0.358   17.589  1.00 12.79 ? 82  THR A OG1 1 
ATOM   632  C CG2 . THR A 1 85  ? 7.568   0.661   16.146  1.00 11.82 ? 82  THR A CG2 1 
ATOM   633  N N   . GLU A 1 86  ? 3.399   -0.783  14.781  1.00 12.22 ? 83  GLU A N   1 
ATOM   634  C CA  . GLU A 1 86  ? 2.067   -1.347  14.889  1.00 12.01 ? 83  GLU A CA  1 
ATOM   635  C C   . GLU A 1 86  ? 1.860   -1.867  16.308  1.00 13.18 ? 83  GLU A C   1 
ATOM   636  O O   . GLU A 1 86  ? 0.784   -1.711  16.886  1.00 13.70 ? 83  GLU A O   1 
ATOM   637  C CB  . GLU A 1 86  ? 1.919   -2.468  13.875  1.00 11.18 ? 83  GLU A CB  1 
ATOM   638  C CG  . GLU A 1 86  ? 0.469   -2.845  13.618  1.00 14.14 ? 83  GLU A CG  1 
ATOM   639  C CD  . GLU A 1 86  ? 0.269   -3.945  12.586  1.00 20.29 ? 83  GLU A CD  1 
ATOM   640  O OE1 . GLU A 1 86  ? 1.114   -4.183  11.726  1.00 24.29 ? 83  GLU A OE1 1 
ATOM   641  O OE2 . GLU A 1 86  ? -0.774  -4.586  12.619  1.00 24.66 ? 83  GLU A OE2 1 
ATOM   642  N N   . ASP A 1 87  ? 2.921   -2.368  16.940  1.00 13.46 ? 84  ASP A N   1 
ATOM   643  C CA  . ASP A 1 87  ? 2.812   -2.919  18.285  1.00 14.97 ? 84  ASP A CA  1 
ATOM   644  C C   . ASP A 1 87  ? 2.479   -1.865  19.309  1.00 15.34 ? 84  ASP A C   1 
ATOM   645  O O   . ASP A 1 87  ? 1.795   -2.143  20.296  1.00 13.80 ? 84  ASP A O   1 
ATOM   646  C CB  . ASP A 1 87  ? 4.095   -3.583  18.738  1.00 19.49 ? 84  ASP A CB  1 
ATOM   647  C CG  . ASP A 1 87  ? 4.464   -4.809  17.934  1.00 27.45 ? 84  ASP A CG  1 
ATOM   648  O OD1 . ASP A 1 87  ? 3.651   -5.718  17.794  1.00 28.78 ? 84  ASP A OD1 1 
ATOM   649  O OD2 . ASP A 1 87  ? 5.575   -4.824  17.417  1.00 34.83 ? 84  ASP A OD2 1 
ATOM   650  N N   . SER A 1 88  ? 2.985   -0.642  19.117  1.00 14.80 ? 85  SER A N   1 
ATOM   651  C CA  . SER A 1 88  ? 2.672   0.412   20.056  1.00 14.15 ? 85  SER A CA  1 
ATOM   652  C C   . SER A 1 88  ? 1.395   1.149   19.682  1.00 12.91 ? 85  SER A C   1 
ATOM   653  O O   . SER A 1 88  ? 0.906   1.917   20.514  1.00 13.19 ? 85  SER A O   1 
ATOM   654  C CB  . SER A 1 88  ? 3.828   1.391   20.138  1.00 12.80 ? 85  SER A CB  1 
ATOM   655  O OG  . SER A 1 88  ? 4.088   2.134   18.952  1.00 11.69 ? 85  SER A OG  1 
ATOM   656  N N   . TYR A 1 89  ? 0.857   1.049   18.459  1.00 11.93 ? 86  TYR A N   1 
ATOM   657  C CA  . TYR A 1 89  ? -0.435  1.639   18.165  1.00 13.18 ? 86  TYR A CA  1 
ATOM   658  C C   . TYR A 1 89  ? -1.159  0.586   17.332  1.00 11.69 ? 86  TYR A C   1 
ATOM   659  O O   . TYR A 1 89  ? -1.221  0.695   16.104  1.00 12.91 ? 86  TYR A O   1 
ATOM   660  C CB  . TYR A 1 89  ? -0.308  2.955   17.370  1.00 13.00 ? 86  TYR A CB  1 
ATOM   661  C CG  . TYR A 1 89  ? -1.484  3.934   17.512  1.00 12.74 ? 86  TYR A CG  1 
ATOM   662  C CD1 . TYR A 1 89  ? -2.768  3.521   17.905  1.00 15.60 ? 86  TYR A CD1 1 
ATOM   663  C CD2 . TYR A 1 89  ? -1.262  5.287   17.252  1.00 13.71 ? 86  TYR A CD2 1 
ATOM   664  C CE1 . TYR A 1 89  ? -3.805  4.456   18.035  1.00 14.53 ? 86  TYR A CE1 1 
ATOM   665  C CE2 . TYR A 1 89  ? -2.291  6.224   17.380  1.00 14.82 ? 86  TYR A CE2 1 
ATOM   666  C CZ  . TYR A 1 89  ? -3.568  5.810   17.774  1.00 15.05 ? 86  TYR A CZ  1 
ATOM   667  O OH  . TYR A 1 89  ? -4.568  6.755   17.948  1.00 9.80  ? 86  TYR A OH  1 
ATOM   668  N N   . PRO A 1 90  ? -1.719  -0.460  17.979  1.00 11.82 ? 87  PRO A N   1 
ATOM   669  C CA  . PRO A 1 90  ? -2.382  -1.581  17.309  1.00 11.47 ? 87  PRO A CA  1 
ATOM   670  C C   . PRO A 1 90  ? -3.644  -1.161  16.564  1.00 11.44 ? 87  PRO A C   1 
ATOM   671  O O   . PRO A 1 90  ? -4.269  -0.141  16.876  1.00 12.35 ? 87  PRO A O   1 
ATOM   672  C CB  . PRO A 1 90  ? -2.687  -2.580  18.403  1.00 11.42 ? 87  PRO A CB  1 
ATOM   673  C CG  . PRO A 1 90  ? -1.855  -2.126  19.569  1.00 14.37 ? 87  PRO A CG  1 
ATOM   674  C CD  . PRO A 1 90  ? -1.791  -0.620  19.430  1.00 9.91  ? 87  PRO A CD  1 
ATOM   675  N N   . TYR A 1 91  ? -4.078  -1.959  15.612  1.00 13.27 ? 88  TYR A N   1 
ATOM   676  C CA  . TYR A 1 91  ? -5.271  -1.642  14.854  1.00 14.78 ? 88  TYR A CA  1 
ATOM   677  C C   . TYR A 1 91  ? -6.460  -1.825  15.781  1.00 15.72 ? 88  TYR A C   1 
ATOM   678  O O   . TYR A 1 91  ? -6.607  -2.832  16.469  1.00 15.16 ? 88  TYR A O   1 
ATOM   679  C CB  . TYR A 1 91  ? -5.415  -2.572  13.671  1.00 13.44 ? 88  TYR A CB  1 
ATOM   680  C CG  . TYR A 1 91  ? -6.404  -2.100  12.611  1.00 14.31 ? 88  TYR A CG  1 
ATOM   681  C CD1 . TYR A 1 91  ? -6.185  -0.897  11.952  1.00 12.57 ? 88  TYR A CD1 1 
ATOM   682  C CD2 . TYR A 1 91  ? -7.516  -2.897  12.294  1.00 10.60 ? 88  TYR A CD2 1 
ATOM   683  C CE1 . TYR A 1 91  ? -7.080  -0.483  10.969  1.00 12.05 ? 88  TYR A CE1 1 
ATOM   684  C CE2 . TYR A 1 91  ? -8.407  -2.487  11.306  1.00 10.27 ? 88  TYR A CE2 1 
ATOM   685  C CZ  . TYR A 1 91  ? -8.175  -1.272  10.648  1.00 11.73 ? 88  TYR A CZ  1 
ATOM   686  O OH  . TYR A 1 91  ? -9.019  -0.839  9.660   1.00 9.24  ? 88  TYR A OH  1 
ATOM   687  N N   . ALA A 1 92  ? -7.291  -0.801  15.818  1.00 17.65 ? 89  ALA A N   1 
ATOM   688  C CA  . ALA A 1 92  ? -8.486  -0.770  16.629  1.00 15.93 ? 89  ALA A CA  1 
ATOM   689  C C   . ALA A 1 92  ? -9.725  -0.410  15.813  1.00 15.77 ? 89  ALA A C   1 
ATOM   690  O O   . ALA A 1 92  ? -10.802 -0.250  16.393  1.00 16.31 ? 89  ALA A O   1 
ATOM   691  C CB  . ALA A 1 92  ? -8.282  0.253   17.736  1.00 16.30 ? 89  ALA A CB  1 
ATOM   692  N N   . SER A 1 93  A -9.662  -0.303  14.480  1.00 13.80 ? 89  SER A N   1 
ATOM   693  C CA  . SER A 1 93  A -10.830 0.027   13.676  1.00 11.84 ? 89  SER A CA  1 
ATOM   694  C C   . SER A 1 93  A -11.561 -1.123  12.989  1.00 12.85 ? 89  SER A C   1 
ATOM   695  O O   . SER A 1 93  A -12.375 -0.911  12.080  1.00 12.85 ? 89  SER A O   1 
ATOM   696  C CB  . SER A 1 93  A -10.381 1.075   12.651  1.00 9.24  ? 89  SER A CB  1 
ATOM   697  O OG  . SER A 1 93  A -10.090 2.275   13.350  1.00 9.87  ? 89  SER A OG  1 
ATOM   698  N N   . GLY A 1 94  B -11.352 -2.356  13.457  1.00 12.19 ? 89  GLY A N   1 
ATOM   699  C CA  . GLY A 1 94  B -11.902 -3.547  12.818  1.00 12.01 ? 89  GLY A CA  1 
ATOM   700  C C   . GLY A 1 94  B -13.434 -3.555  12.740  1.00 13.70 ? 89  GLY A C   1 
ATOM   701  O O   . GLY A 1 94  B -13.991 -3.973  11.721  1.00 12.66 ? 89  GLY A O   1 
ATOM   702  N N   . GLU A 1 95  C -14.108 -3.021  13.765  1.00 15.40 ? 89  GLU A N   1 
ATOM   703  C CA  . GLU A 1 95  C -15.563 -2.931  13.775  1.00 17.55 ? 89  GLU A CA  1 
ATOM   704  C C   . GLU A 1 95  C -16.126 -1.829  12.892  1.00 17.70 ? 89  GLU A C   1 
ATOM   705  O O   . GLU A 1 95  C -17.339 -1.779  12.675  1.00 19.59 ? 89  GLU A O   1 
ATOM   706  C CB  . GLU A 1 95  C -16.074 -2.726  15.208  1.00 14.18 ? 89  GLU A CB  1 
ATOM   707  C CG  . GLU A 1 95  C -15.701 -3.853  16.174  1.00 16.76 ? 89  GLU A CG  1 
ATOM   708  C CD  . GLU A 1 95  C -16.040 -5.253  15.687  1.00 18.21 ? 89  GLU A CD  1 
ATOM   709  O OE1 . GLU A 1 95  C -15.141 -6.101  15.649  1.00 19.82 ? 89  GLU A OE1 1 
ATOM   710  O OE2 . GLU A 1 95  C -17.192 -5.525  15.341  1.00 21.25 ? 89  GLU A OE2 1 
ATOM   711  N N   . GLY A 1 96  ? -15.301 -0.917  12.369  1.00 14.96 ? 90  GLY A N   1 
ATOM   712  C CA  . GLY A 1 96  ? -15.809 0.096   11.461  1.00 17.01 ? 90  GLY A CA  1 
ATOM   713  C C   . GLY A 1 96  ? -15.787 1.500   12.042  1.00 17.64 ? 90  GLY A C   1 
ATOM   714  O O   . GLY A 1 96  ? -16.196 2.465   11.387  1.00 19.46 ? 90  GLY A O   1 
ATOM   715  N N   . ILE A 1 97  ? -15.309 1.691   13.268  1.00 18.72 ? 91  ILE A N   1 
ATOM   716  C CA  . ILE A 1 97  ? -15.194 3.023   13.848  1.00 21.75 ? 91  ILE A CA  1 
ATOM   717  C C   . ILE A 1 97  ? -13.738 3.366   14.140  1.00 21.65 ? 91  ILE A C   1 
ATOM   718  O O   . ILE A 1 97  ? -12.902 2.489   14.382  1.00 21.07 ? 91  ILE A O   1 
ATOM   719  C CB  . ILE A 1 97  ? -16.002 3.142   15.171  1.00 25.84 ? 91  ILE A CB  1 
ATOM   720  C CG1 . ILE A 1 97  ? -15.675 1.993   16.124  1.00 26.92 ? 91  ILE A CG1 1 
ATOM   721  C CG2 . ILE A 1 97  ? -17.474 3.238   14.794  1.00 25.99 ? 91  ILE A CG2 1 
ATOM   722  C CD1 . ILE A 1 97  ? -15.420 2.454   17.563  1.00 29.55 ? 91  ILE A CD1 1 
ATOM   723  N N   . SER A 1 98  ? -13.377 4.648   14.123  1.00 22.57 ? 92  SER A N   1 
ATOM   724  C CA  . SER A 1 98  ? -12.034 5.108   14.426  1.00 21.40 ? 92  SER A CA  1 
ATOM   725  C C   . SER A 1 98  ? -12.075 5.653   15.844  1.00 20.11 ? 92  SER A C   1 
ATOM   726  O O   . SER A 1 98  ? -12.715 6.694   16.017  1.00 19.59 ? 92  SER A O   1 
ATOM   727  C CB  . SER A 1 98  ? -11.639 6.211   13.466  1.00 24.20 ? 92  SER A CB  1 
ATOM   728  O OG  . SER A 1 98  ? -12.150 5.940   12.160  1.00 35.63 ? 92  SER A OG  1 
ATOM   729  N N   . PRO A 1 99  ? -11.507 5.030   16.890  1.00 18.76 ? 93  PRO A N   1 
ATOM   730  C CA  . PRO A 1 99  ? -11.386 5.623   18.217  1.00 18.91 ? 93  PRO A CA  1 
ATOM   731  C C   . PRO A 1 99  ? -10.627 6.961   18.181  1.00 19.25 ? 93  PRO A C   1 
ATOM   732  O O   . PRO A 1 99  ? -9.913  7.219   17.205  1.00 20.05 ? 93  PRO A O   1 
ATOM   733  C CB  . PRO A 1 99  ? -10.681 4.552   19.024  1.00 19.10 ? 93  PRO A CB  1 
ATOM   734  C CG  . PRO A 1 99  ? -10.976 3.278   18.286  1.00 20.39 ? 93  PRO A CG  1 
ATOM   735  C CD  . PRO A 1 99  ? -10.841 3.733   16.841  1.00 18.56 ? 93  PRO A CD  1 
ATOM   736  N N   . PRO A 1 100 ? -10.750 7.872   19.153  1.00 18.68 ? 94  PRO A N   1 
ATOM   737  C CA  . PRO A 1 100 ? -9.984  9.111   19.220  1.00 18.39 ? 94  PRO A CA  1 
ATOM   738  C C   . PRO A 1 100 ? -8.475  8.895   19.137  1.00 19.38 ? 94  PRO A C   1 
ATOM   739  O O   . PRO A 1 100 ? -7.939  7.855   19.532  1.00 17.35 ? 94  PRO A O   1 
ATOM   740  C CB  . PRO A 1 100 ? -10.409 9.757   20.528  1.00 16.69 ? 94  PRO A CB  1 
ATOM   741  C CG  . PRO A 1 100 ? -11.807 9.209   20.714  1.00 20.05 ? 94  PRO A CG  1 
ATOM   742  C CD  . PRO A 1 100 ? -11.637 7.754   20.303  1.00 19.84 ? 94  PRO A CD  1 
ATOM   743  N N   . CYS A 1 101 ? -7.795  9.907   18.611  1.00 15.95 ? 95  CYS A N   1 
ATOM   744  C CA  . CYS A 1 101 ? -6.359  9.848   18.478  1.00 16.78 ? 95  CYS A CA  1 
ATOM   745  C C   . CYS A 1 101 ? -5.652  9.989   19.818  1.00 19.54 ? 95  CYS A C   1 
ATOM   746  O O   . CYS A 1 101 ? -6.029  10.872  20.594  1.00 20.47 ? 95  CYS A O   1 
ATOM   747  C CB  . CYS A 1 101 ? -5.890  10.966  17.572  1.00 14.56 ? 95  CYS A CB  1 
ATOM   748  S SG  . CYS A 1 101 ? -4.095  11.137  17.410  1.00 13.82 ? 95  CYS A SG  1 
ATOM   749  N N   . THR A 1 102 ? -4.652  9.151   20.126  1.00 22.02 ? 96  THR A N   1 
ATOM   750  C CA  . THR A 1 102 ? -3.812  9.399   21.288  1.00 24.98 ? 96  THR A CA  1 
ATOM   751  C C   . THR A 1 102 ? -2.426  9.772   20.766  1.00 25.68 ? 96  THR A C   1 
ATOM   752  O O   . THR A 1 102 ? -1.838  9.008   19.985  1.00 22.92 ? 96  THR A O   1 
ATOM   753  C CB  . THR A 1 102 ? -3.772  8.131   22.191  1.00 29.59 ? 96  THR A CB  1 
ATOM   754  O OG1 . THR A 1 102 ? -3.232  7.036   21.455  1.00 28.58 ? 96  THR A OG1 1 
ATOM   755  C CG2 . THR A 1 102 ? -5.169  7.790   22.667  1.00 31.63 ? 96  THR A CG2 1 
ATOM   756  N N   . THR A 1 103 ? -1.895  10.898  21.218  1.00 25.61 ? 97  THR A N   1 
ATOM   757  C CA  . THR A 1 103 ? -0.625  11.463  20.768  1.00 27.50 ? 97  THR A CA  1 
ATOM   758  C C   . THR A 1 103 ? 0.641   11.013  21.488  1.00 25.99 ? 97  THR A C   1 
ATOM   759  O O   . THR A 1 103 ? 1.764   11.407  21.144  1.00 26.97 ? 97  THR A O   1 
ATOM   760  C CB  . THR A 1 103 ? -0.757  12.984  20.855  1.00 29.65 ? 97  THR A CB  1 
ATOM   761  O OG1 . THR A 1 103 ? -1.573  13.253  22.014  1.00 32.57 ? 97  THR A OG1 1 
ATOM   762  C CG2 . THR A 1 103 ? -1.365  13.583  19.589  1.00 30.22 ? 97  THR A CG2 1 
ATOM   763  N N   . SER A 1 104 ? 0.450   10.210  22.531  1.00 23.84 ? 98  SER A N   1 
ATOM   764  C CA  . SER A 1 104 ? 1.558   9.692   23.292  1.00 22.02 ? 98  SER A CA  1 
ATOM   765  C C   . SER A 1 104 ? 1.337   8.207   23.578  1.00 21.02 ? 98  SER A C   1 
ATOM   766  O O   . SER A 1 104 ? 0.306   7.644   23.167  1.00 20.55 ? 98  SER A O   1 
ATOM   767  C CB  . SER A 1 104 ? 1.671   10.494  24.576  1.00 19.98 ? 98  SER A CB  1 
ATOM   768  O OG  . SER A 1 104 ? 0.740   10.211  25.609  1.00 19.42 ? 98  SER A OG  1 
ATOM   769  N N   . GLY A 1 105 ? 2.307   7.560   24.229  1.00 19.88 ? 99  GLY A N   1 
ATOM   770  C CA  . GLY A 1 105 ? 2.240   6.144   24.583  1.00 18.76 ? 99  GLY A CA  1 
ATOM   771  C C   . GLY A 1 105 ? 2.578   5.282   23.380  1.00 19.73 ? 99  GLY A C   1 
ATOM   772  O O   . GLY A 1 105 ? 2.123   4.136   23.274  1.00 21.29 ? 99  GLY A O   1 
ATOM   773  N N   . HIS A 1 106 ? 3.331   5.799   22.401  1.00 17.45 ? 100 HIS A N   1 
ATOM   774  C CA  . HIS A 1 106 ? 3.666   5.030   21.209  1.00 16.82 ? 100 HIS A CA  1 
ATOM   775  C C   . HIS A 1 106 ? 5.152   5.192   20.910  1.00 17.43 ? 100 HIS A C   1 
ATOM   776  O O   . HIS A 1 106 ? 5.798   6.113   21.427  1.00 18.99 ? 100 HIS A O   1 
ATOM   777  C CB  . HIS A 1 106 ? 2.835   5.510   20.010  1.00 16.27 ? 100 HIS A CB  1 
ATOM   778  C CG  . HIS A 1 106 ? 1.336   5.507   20.277  1.00 18.11 ? 100 HIS A CG  1 
ATOM   779  N ND1 . HIS A 1 106 ? 0.578   4.543   20.775  1.00 18.87 ? 100 HIS A ND1 1 
ATOM   780  C CD2 . HIS A 1 106 ? 0.542   6.603   20.059  1.00 19.38 ? 100 HIS A CD2 1 
ATOM   781  C CE1 . HIS A 1 106 ? -0.643  4.996   20.877  1.00 17.83 ? 100 HIS A CE1 1 
ATOM   782  N NE2 . HIS A 1 106 ? -0.649  6.228   20.434  1.00 18.19 ? 100 HIS A NE2 1 
ATOM   783  N N   . THR A 1 107 ? 5.732   4.307   20.108  1.00 17.47 ? 101 THR A N   1 
ATOM   784  C CA  . THR A 1 107 ? 7.151   4.343   19.783  1.00 15.46 ? 101 THR A CA  1 
ATOM   785  C C   . THR A 1 107 ? 7.296   4.657   18.295  1.00 14.67 ? 101 THR A C   1 
ATOM   786  O O   . THR A 1 107 ? 6.508   4.149   17.482  1.00 12.18 ? 101 THR A O   1 
ATOM   787  C CB  . THR A 1 107 ? 7.748   2.981   20.134  1.00 14.33 ? 101 THR A CB  1 
ATOM   788  O OG1 . THR A 1 107 ? 7.424   2.743   21.497  1.00 16.30 ? 101 THR A OG1 1 
ATOM   789  C CG2 . THR A 1 107 ? 9.247   2.932   19.976  1.00 15.58 ? 101 THR A CG2 1 
ATOM   790  N N   . VAL A 1 108 ? 8.288   5.482   17.915  1.00 13.39 ? 102 VAL A N   1 
ATOM   791  C CA  . VAL A 1 108 ? 8.484   5.827   16.515  1.00 12.20 ? 102 VAL A CA  1 
ATOM   792  C C   . VAL A 1 108 ? 9.197   4.612   15.920  1.00 12.43 ? 102 VAL A C   1 
ATOM   793  O O   . VAL A 1 108 ? 10.122  4.050   16.511  1.00 11.97 ? 102 VAL A O   1 
ATOM   794  C CB  . VAL A 1 108 ? 9.351   7.118   16.399  1.00 12.85 ? 102 VAL A CB  1 
ATOM   795  C CG1 . VAL A 1 108 ? 9.521   7.486   14.933  1.00 12.91 ? 102 VAL A CG1 1 
ATOM   796  C CG2 . VAL A 1 108 ? 8.672   8.296   17.083  1.00 10.78 ? 102 VAL A CG2 1 
ATOM   797  N N   . GLY A 1 109 ? 8.719   4.138   14.786  1.00 11.97 ? 103 GLY A N   1 
ATOM   798  C CA  . GLY A 1 109 ? 9.297   2.981   14.144  1.00 12.49 ? 103 GLY A CA  1 
ATOM   799  C C   . GLY A 1 109 ? 9.988   3.339   12.856  1.00 15.15 ? 103 GLY A C   1 
ATOM   800  O O   . GLY A 1 109 ? 10.856  2.587   12.406  1.00 17.89 ? 103 GLY A O   1 
ATOM   801  N N   . ALA A 1 110 ? 9.619   4.468   12.251  1.00 13.21 ? 105 ALA A N   1 
ATOM   802  C CA  . ALA A 1 110 ? 10.140  4.906   10.978  1.00 12.49 ? 105 ALA A CA  1 
ATOM   803  C C   . ALA A 1 110 ? 9.871   6.404   10.855  1.00 14.15 ? 105 ALA A C   1 
ATOM   804  O O   . ALA A 1 110 ? 9.045   6.955   11.602  1.00 15.46 ? 105 ALA A O   1 
ATOM   805  C CB  . ALA A 1 110 ? 9.424   4.207   9.821   1.00 10.09 ? 105 ALA A CB  1 
ATOM   806  N N   . THR A 1 111 ? 10.573  7.084   9.960   1.00 12.03 ? 106 THR A N   1 
ATOM   807  C CA  . THR A 1 111 ? 10.329  8.473   9.662   1.00 11.04 ? 106 THR A CA  1 
ATOM   808  C C   . THR A 1 111 ? 10.431  8.594   8.149   1.00 12.06 ? 106 THR A C   1 
ATOM   809  O O   . THR A 1 111 ? 11.045  7.749   7.486   1.00 12.60 ? 106 THR A O   1 
ATOM   810  C CB  . THR A 1 111 ? 11.365  9.413   10.356  1.00 11.70 ? 106 THR A CB  1 
ATOM   811  O OG1 . THR A 1 111 ? 12.682  8.944   10.070  1.00 13.02 ? 106 THR A OG1 1 
ATOM   812  C CG2 . THR A 1 111 ? 11.142  9.460   11.862  1.00 10.09 ? 106 THR A CG2 1 
ATOM   813  N N   . ILE A 1 112 ? 9.721   9.565   7.566   1.00 12.44 ? 107 ILE A N   1 
ATOM   814  C CA  . ILE A 1 112 ? 9.831   9.832   6.143   1.00 11.40 ? 107 ILE A CA  1 
ATOM   815  C C   . ILE A 1 112 ? 10.009  11.343  6.037   1.00 11.89 ? 107 ILE A C   1 
ATOM   816  O O   . ILE A 1 112 ? 9.747   12.072  6.998   1.00 11.08 ? 107 ILE A O   1 
ATOM   817  C CB  . ILE A 1 112 ? 8.566   9.402   5.316   1.00 12.52 ? 107 ILE A CB  1 
ATOM   818  C CG1 . ILE A 1 112 ? 7.308   10.137  5.761   1.00 12.49 ? 107 ILE A CG1 1 
ATOM   819  C CG2 . ILE A 1 112 ? 8.436   7.885   5.426   1.00 13.52 ? 107 ILE A CG2 1 
ATOM   820  C CD1 . ILE A 1 112 ? 6.116   9.973   4.787   1.00 13.49 ? 107 ILE A CD1 1 
ATOM   821  N N   . THR A 1 113 ? 10.476  11.834  4.902   1.00 14.68 ? 108 THR A N   1 
ATOM   822  C CA  . THR A 1 113 ? 10.719  13.253  4.700   1.00 17.24 ? 108 THR A CA  1 
ATOM   823  C C   . THR A 1 113 ? 9.801   13.823  3.630   1.00 16.78 ? 108 THR A C   1 
ATOM   824  O O   . THR A 1 113 ? 9.728   15.036  3.439   1.00 20.01 ? 108 THR A O   1 
ATOM   825  C CB  . THR A 1 113 ? 12.203  13.448  4.295   1.00 18.05 ? 108 THR A CB  1 
ATOM   826  O OG1 . THR A 1 113 ? 12.427  12.651  3.130   1.00 18.02 ? 108 THR A OG1 1 
ATOM   827  C CG2 . THR A 1 113 ? 13.156  13.071  5.401   1.00 15.85 ? 108 THR A CG2 1 
ATOM   828  N N   . GLY A 1 114 ? 9.126   12.984  2.854   1.00 14.36 ? 109 GLY A N   1 
ATOM   829  C CA  . GLY A 1 114 ? 8.300   13.469  1.767   1.00 12.58 ? 109 GLY A CA  1 
ATOM   830  C C   . GLY A 1 114 ? 7.702   12.316  0.987   1.00 11.24 ? 109 GLY A C   1 
ATOM   831  O O   . GLY A 1 114 ? 7.619   11.201  1.508   1.00 9.12  ? 109 GLY A O   1 
ATOM   832  N N   . HIS A 1 115 ? 7.308   12.570  -0.253  1.00 9.20  ? 110 HIS A N   1 
ATOM   833  C CA  . HIS A 1 115 ? 6.708   11.560  -1.097  1.00 13.38 ? 110 HIS A CA  1 
ATOM   834  C C   . HIS A 1 115 ? 6.853   12.018  -2.546  1.00 14.13 ? 110 HIS A C   1 
ATOM   835  O O   . HIS A 1 115 ? 7.025   13.214  -2.789  1.00 14.10 ? 110 HIS A O   1 
ATOM   836  C CB  . HIS A 1 115 ? 5.206   11.357  -0.730  1.00 14.31 ? 110 HIS A CB  1 
ATOM   837  C CG  . HIS A 1 115 ? 4.183   12.381  -1.219  1.00 18.79 ? 110 HIS A CG  1 
ATOM   838  N ND1 . HIS A 1 115 ? 3.878   13.621  -0.825  1.00 18.00 ? 110 HIS A ND1 1 
ATOM   839  C CD2 . HIS A 1 115 ? 3.369   12.104  -2.303  1.00 18.04 ? 110 HIS A CD2 1 
ATOM   840  C CE1 . HIS A 1 115 ? 2.946   14.104  -1.617  1.00 17.04 ? 110 HIS A CE1 1 
ATOM   841  N NE2 . HIS A 1 115 ? 2.663   13.177  -2.488  1.00 20.21 ? 110 HIS A NE2 1 
ATOM   842  N N   . VAL A 1 116 ? 6.780   11.114  -3.517  1.00 14.46 ? 111 VAL A N   1 
ATOM   843  C CA  . VAL A 1 116 ? 6.841   11.446  -4.936  1.00 15.68 ? 111 VAL A CA  1 
ATOM   844  C C   . VAL A 1 116 ? 5.634   10.782  -5.576  1.00 15.73 ? 111 VAL A C   1 
ATOM   845  O O   . VAL A 1 116 ? 5.169   9.734   -5.108  1.00 13.21 ? 111 VAL A O   1 
ATOM   846  C CB  . VAL A 1 116 ? 8.145   10.909  -5.634  1.00 16.61 ? 111 VAL A CB  1 
ATOM   847  C CG1 . VAL A 1 116 ? 9.332   11.727  -5.163  1.00 16.79 ? 111 VAL A CG1 1 
ATOM   848  C CG2 . VAL A 1 116 ? 8.403   9.438   -5.311  1.00 11.42 ? 111 VAL A CG2 1 
ATOM   849  N N   . GLU A 1 117 ? 5.097   11.376  -6.630  1.00 16.37 ? 112 GLU A N   1 
ATOM   850  C CA  . GLU A 1 117 ? 3.957   10.826  -7.348  1.00 18.20 ? 112 GLU A CA  1 
ATOM   851  C C   . GLU A 1 117 ? 4.590   10.384  -8.659  1.00 18.94 ? 112 GLU A C   1 
ATOM   852  O O   . GLU A 1 117 ? 5.386   11.118  -9.253  1.00 17.59 ? 112 GLU A O   1 
ATOM   853  C CB  . GLU A 1 117 ? 2.894   11.946  -7.503  1.00 19.30 ? 112 GLU A CB  1 
ATOM   854  C CG  . GLU A 1 117 ? 2.407   12.371  -6.095  1.00 19.79 ? 112 GLU A CG  1 
ATOM   855  C CD  . GLU A 1 117 ? 1.508   13.596  -5.937  1.00 22.72 ? 112 GLU A CD  1 
ATOM   856  O OE1 . GLU A 1 117 ? 0.923   14.066  -6.904  1.00 22.56 ? 112 GLU A OE1 1 
ATOM   857  O OE2 . GLU A 1 117 ? 1.375   14.069  -4.801  1.00 21.74 ? 112 GLU A OE2 1 
ATOM   858  N N   . LEU A 1 118 ? 4.325   9.144   -9.054  1.00 17.34 ? 113 LEU A N   1 
ATOM   859  C CA  . LEU A 1 118 ? 4.964   8.552   -10.205 1.00 18.28 ? 113 LEU A CA  1 
ATOM   860  C C   . LEU A 1 118 ? 4.176   8.807   -11.481 1.00 17.74 ? 113 LEU A C   1 
ATOM   861  O O   . LEU A 1 118 ? 2.972   9.058   -11.389 1.00 18.81 ? 113 LEU A O   1 
ATOM   862  C CB  . LEU A 1 118 ? 5.121   7.046   -9.973  1.00 19.03 ? 113 LEU A CB  1 
ATOM   863  C CG  . LEU A 1 118 ? 5.851   6.514   -8.739  1.00 21.90 ? 113 LEU A CG  1 
ATOM   864  C CD1 . LEU A 1 118 ? 6.274   5.089   -9.044  1.00 21.41 ? 113 LEU A CD1 1 
ATOM   865  C CD2 . LEU A 1 118 ? 7.099   7.323   -8.418  1.00 23.85 ? 113 LEU A CD2 1 
ATOM   866  N N   . PRO A 1 119 ? 4.763   8.783   -12.693 1.00 18.74 ? 114 PRO A N   1 
ATOM   867  C CA  . PRO A 1 119 ? 4.055   8.985   -13.961 1.00 17.18 ? 114 PRO A CA  1 
ATOM   868  C C   . PRO A 1 119 ? 2.880   8.014   -14.144 1.00 18.30 ? 114 PRO A C   1 
ATOM   869  O O   . PRO A 1 119 ? 2.884   6.896   -13.621 1.00 14.11 ? 114 PRO A O   1 
ATOM   870  C CB  . PRO A 1 119 ? 5.112   8.797   -15.036 1.00 16.77 ? 114 PRO A CB  1 
ATOM   871  C CG  . PRO A 1 119 ? 6.414   9.108   -14.335 1.00 18.75 ? 114 PRO A CG  1 
ATOM   872  C CD  . PRO A 1 119 ? 6.175   8.490   -12.957 1.00 19.73 ? 114 PRO A CD  1 
ATOM   873  N N   . GLN A 1 120 ? 1.867   8.378   -14.924 1.00 18.48 ? 115 GLN A N   1 
ATOM   874  C CA  . GLN A 1 120 ? 0.753   7.481   -15.163 1.00 19.86 ? 115 GLN A CA  1 
ATOM   875  C C   . GLN A 1 120 ? 1.083   6.600   -16.355 1.00 18.92 ? 115 GLN A C   1 
ATOM   876  O O   . GLN A 1 120 ? 0.421   6.598   -17.406 1.00 19.70 ? 115 GLN A O   1 
ATOM   877  C CB  . GLN A 1 120 ? -0.492  8.323   -15.403 1.00 23.03 ? 115 GLN A CB  1 
ATOM   878  C CG  . GLN A 1 120 ? -0.894  9.068   -14.143 1.00 27.47 ? 115 GLN A CG  1 
ATOM   879  C CD  . GLN A 1 120 ? -1.977  10.097  -14.407 1.00 34.89 ? 115 GLN A CD  1 
ATOM   880  O OE1 . GLN A 1 120 ? -1.806  10.984  -15.245 1.00 37.79 ? 115 GLN A OE1 1 
ATOM   881  N NE2 . GLN A 1 120 ? -3.104  10.063  -13.707 1.00 35.32 ? 115 GLN A NE2 1 
ATOM   882  N N   . ASP A 1 121 ? 2.126   5.798   -16.168 1.00 18.96 ? 116 ASP A N   1 
ATOM   883  C CA  . ASP A 1 121 ? 2.657   4.939   -17.207 1.00 17.95 ? 116 ASP A CA  1 
ATOM   884  C C   . ASP A 1 121 ? 3.206   3.704   -16.519 1.00 16.00 ? 116 ASP A C   1 
ATOM   885  O O   . ASP A 1 121 ? 4.097   3.792   -15.667 1.00 14.64 ? 116 ASP A O   1 
ATOM   886  C CB  . ASP A 1 121 ? 3.763   5.679   -17.947 1.00 20.58 ? 116 ASP A CB  1 
ATOM   887  C CG  . ASP A 1 121 ? 4.399   4.940   -19.110 1.00 20.81 ? 116 ASP A CG  1 
ATOM   888  O OD1 . ASP A 1 121 ? 4.930   3.850   -18.920 1.00 24.27 ? 116 ASP A OD1 1 
ATOM   889  O OD2 . ASP A 1 121 ? 4.421   5.497   -20.194 1.00 25.00 ? 116 ASP A OD2 1 
ATOM   890  N N   . GLU A 1 122 ? 2.689   2.544   -16.926 1.00 15.09 ? 117 GLU A N   1 
ATOM   891  C CA  . GLU A 1 122 ? 3.085   1.261   -16.366 1.00 13.74 ? 117 GLU A CA  1 
ATOM   892  C C   . GLU A 1 122 ? 4.533   0.876   -16.616 1.00 13.22 ? 117 GLU A C   1 
ATOM   893  O O   . GLU A 1 122 ? 5.165   0.282   -15.735 1.00 12.90 ? 117 GLU A O   1 
ATOM   894  C CB  . GLU A 1 122 ? 2.196   0.136   -16.905 1.00 13.66 ? 117 GLU A CB  1 
ATOM   895  C CG  . GLU A 1 122 ? 0.807   0.170   -16.284 1.00 13.11 ? 117 GLU A CG  1 
ATOM   896  C CD  . GLU A 1 122 ? -0.056  -0.937  -16.827 1.00 16.82 ? 117 GLU A CD  1 
ATOM   897  O OE1 . GLU A 1 122 ? -0.677  -0.740  -17.860 1.00 16.04 ? 117 GLU A OE1 1 
ATOM   898  O OE2 . GLU A 1 122 ? -0.090  -2.025  -16.263 1.00 18.83 ? 117 GLU A OE2 1 
ATOM   899  N N   . ALA A 1 123 ? 5.122   1.230   -17.761 1.00 11.39 ? 118 ALA A N   1 
ATOM   900  C CA  . ALA A 1 123 ? 6.517   0.904   -18.010 1.00 14.13 ? 118 ALA A CA  1 
ATOM   901  C C   . ALA A 1 123 ? 7.392   1.744   -17.070 1.00 14.66 ? 118 ALA A C   1 
ATOM   902  O O   . ALA A 1 123 ? 8.351   1.276   -16.445 1.00 14.40 ? 118 ALA A O   1 
ATOM   903  C CB  . ALA A 1 123 ? 6.889   1.217   -19.464 1.00 14.19 ? 118 ALA A CB  1 
ATOM   904  N N   . GLN A 1 124 ? 7.007   3.005   -16.893 1.00 16.49 ? 119 GLN A N   1 
ATOM   905  C CA  . GLN A 1 124 ? 7.727   3.908   -16.019 1.00 16.49 ? 119 GLN A CA  1 
ATOM   906  C C   . GLN A 1 124 ? 7.584   3.551   -14.553 1.00 15.25 ? 119 GLN A C   1 
ATOM   907  O O   . GLN A 1 124 ? 8.556   3.646   -13.795 1.00 14.29 ? 119 GLN A O   1 
ATOM   908  C CB  . GLN A 1 124 ? 7.242   5.318   -16.270 1.00 19.74 ? 119 GLN A CB  1 
ATOM   909  C CG  . GLN A 1 124 ? 7.645   5.734   -17.679 1.00 23.48 ? 119 GLN A CG  1 
ATOM   910  C CD  . GLN A 1 124 ? 7.310   7.170   -18.024 1.00 26.50 ? 119 GLN A CD  1 
ATOM   911  O OE1 . GLN A 1 124 ? 7.845   8.121   -17.436 1.00 33.71 ? 119 GLN A OE1 1 
ATOM   912  N NE2 . GLN A 1 124 ? 6.461   7.418   -18.996 1.00 29.44 ? 119 GLN A NE2 1 
ATOM   913  N N   . ILE A 1 125 ? 6.415   3.059   -14.152 1.00 13.64 ? 120 ILE A N   1 
ATOM   914  C CA  . ILE A 1 125 ? 6.195   2.620   -12.783 1.00 11.88 ? 120 ILE A CA  1 
ATOM   915  C C   . ILE A 1 125 ? 7.025   1.370   -12.530 1.00 8.62  ? 120 ILE A C   1 
ATOM   916  O O   . ILE A 1 125 ? 7.619   1.251   -11.454 1.00 7.25  ? 120 ILE A O   1 
ATOM   917  C CB  . ILE A 1 125 ? 4.667   2.354   -12.541 1.00 12.20 ? 120 ILE A CB  1 
ATOM   918  C CG1 . ILE A 1 125 ? 3.905   3.695   -12.477 1.00 10.58 ? 120 ILE A CG1 1 
ATOM   919  C CG2 . ILE A 1 125 ? 4.465   1.612   -11.210 1.00 11.20 ? 120 ILE A CG2 1 
ATOM   920  C CD1 . ILE A 1 125 ? 2.378   3.467   -12.485 1.00 8.43  ? 120 ILE A CD1 1 
ATOM   921  N N   . ALA A 1 126 ? 7.119   0.428   -13.480 1.00 11.19 ? 121 ALA A N   1 
ATOM   922  C CA  . ALA A 1 126 ? 7.927   -0.776  -13.282 1.00 12.88 ? 121 ALA A CA  1 
ATOM   923  C C   . ALA A 1 126 ? 9.411   -0.425  -13.141 1.00 12.50 ? 121 ALA A C   1 
ATOM   924  O O   . ALA A 1 126 ? 10.119  -0.974  -12.290 1.00 14.50 ? 121 ALA A O   1 
ATOM   925  C CB  . ALA A 1 126 ? 7.787   -1.733  -14.458 1.00 12.56 ? 121 ALA A CB  1 
ATOM   926  N N   . ALA A 1 127 ? 9.864   0.553   -13.935 1.00 13.04 ? 122 ALA A N   1 
ATOM   927  C CA  . ALA A 1 127 ? 11.247  1.003   -13.896 1.00 13.23 ? 122 ALA A CA  1 
ATOM   928  C C   . ALA A 1 127 ? 11.637  1.550   -12.526 1.00 12.86 ? 122 ALA A C   1 
ATOM   929  O O   . ALA A 1 127 ? 12.704  1.208   -12.018 1.00 11.67 ? 122 ALA A O   1 
ATOM   930  C CB  . ALA A 1 127 ? 11.479  2.096   -14.943 1.00 11.47 ? 122 ALA A CB  1 
ATOM   931  N N   . TRP A 1 128 ? 10.768  2.328   -11.889 1.00 11.60 ? 123 TRP A N   1 
ATOM   932  C CA  . TRP A 1 128 ? 11.016  2.903   -10.581 1.00 11.03 ? 123 TRP A CA  1 
ATOM   933  C C   . TRP A 1 128 ? 10.950  1.805   -9.528  1.00 10.88 ? 123 TRP A C   1 
ATOM   934  O O   . TRP A 1 128 ? 11.846  1.678   -8.694  1.00 9.15  ? 123 TRP A O   1 
ATOM   935  C CB  . TRP A 1 128 ? 9.955   3.983   -10.317 1.00 12.73 ? 123 TRP A CB  1 
ATOM   936  C CG  . TRP A 1 128 ? 10.208  4.878   -9.105  1.00 12.22 ? 123 TRP A CG  1 
ATOM   937  C CD1 . TRP A 1 128 ? 10.751  6.124   -9.308  1.00 13.93 ? 123 TRP A CD1 1 
ATOM   938  C CD2 . TRP A 1 128 ? 9.972   4.616   -7.771  1.00 12.90 ? 123 TRP A CD2 1 
ATOM   939  N NE1 . TRP A 1 128 ? 10.878  6.637   -8.114  1.00 16.50 ? 123 TRP A NE1 1 
ATOM   940  C CE2 . TRP A 1 128 ? 10.424  5.797   -7.168  1.00 13.46 ? 123 TRP A CE2 1 
ATOM   941  C CE3 . TRP A 1 128 ? 9.462   3.584   -6.975  1.00 14.01 ? 123 TRP A CE3 1 
ATOM   942  C CZ2 . TRP A 1 128 ? 10.383  5.951   -5.772  1.00 14.93 ? 123 TRP A CZ2 1 
ATOM   943  C CZ3 . TRP A 1 128 ? 9.411   3.735   -5.589  1.00 15.43 ? 123 TRP A CZ3 1 
ATOM   944  C CH2 . TRP A 1 128 ? 9.874   4.911   -4.989  1.00 16.42 ? 123 TRP A CH2 1 
ATOM   945  N N   . LEU A 1 129 ? 9.891   0.972   -9.547  1.00 12.32 ? 124 LEU A N   1 
ATOM   946  C CA  . LEU A 1 129 ? 9.688   -0.118  -8.604  1.00 10.33 ? 124 LEU A CA  1 
ATOM   947  C C   . LEU A 1 129 ? 10.874  -1.076  -8.577  1.00 11.04 ? 124 LEU A C   1 
ATOM   948  O O   . LEU A 1 129 ? 11.296  -1.545  -7.519  1.00 8.29  ? 124 LEU A O   1 
ATOM   949  C CB  . LEU A 1 129 ? 8.409   -0.890  -8.976  1.00 11.16 ? 124 LEU A CB  1 
ATOM   950  C CG  . LEU A 1 129 ? 7.980   -2.056  -8.060  1.00 12.61 ? 124 LEU A CG  1 
ATOM   951  C CD1 . LEU A 1 129 ? 6.504   -1.992  -7.807  1.00 12.79 ? 124 LEU A CD1 1 
ATOM   952  C CD2 . LEU A 1 129 ? 8.339   -3.372  -8.689  1.00 12.25 ? 124 LEU A CD2 1 
ATOM   953  N N   . ALA A 1 130 ? 11.404  -1.403  -9.754  1.00 12.69 ? 125 ALA A N   1 
ATOM   954  C CA  . ALA A 1 130 ? 12.547  -2.301  -9.865  1.00 15.26 ? 125 ALA A CA  1 
ATOM   955  C C   . ALA A 1 130 ? 13.784  -1.889  -9.067  1.00 15.15 ? 125 ALA A C   1 
ATOM   956  O O   . ALA A 1 130 ? 14.535  -2.777  -8.639  1.00 15.68 ? 125 ALA A O   1 
ATOM   957  C CB  . ALA A 1 130 ? 12.973  -2.429  -11.318 1.00 15.50 ? 125 ALA A CB  1 
ATOM   958  N N   . VAL A 1 131 ? 14.016  -0.589  -8.896  1.00 13.28 ? 126 VAL A N   1 
ATOM   959  C CA  . VAL A 1 131 ? 15.183  -0.083  -8.191  1.00 14.52 ? 126 VAL A CA  1 
ATOM   960  C C   . VAL A 1 131 ? 14.818  0.396   -6.798  1.00 14.88 ? 126 VAL A C   1 
ATOM   961  O O   . VAL A 1 131 ? 15.484  0.102   -5.805  1.00 14.56 ? 126 VAL A O   1 
ATOM   962  C CB  . VAL A 1 131 ? 15.809  1.080   -9.028  1.00 16.77 ? 126 VAL A CB  1 
ATOM   963  C CG1 . VAL A 1 131 ? 16.844  1.914   -8.261  1.00 15.63 ? 126 VAL A CG1 1 
ATOM   964  C CG2 . VAL A 1 131 ? 16.538  0.438   -10.198 1.00 17.65 ? 126 VAL A CG2 1 
ATOM   965  N N   . ASN A 1 132 ? 13.740  1.172   -6.713  1.00 15.29 ? 127 ASN A N   1 
ATOM   966  C CA  . ASN A 1 132 ? 13.370  1.803   -5.461  1.00 13.29 ? 127 ASN A CA  1 
ATOM   967  C C   . ASN A 1 132 ? 12.369  1.060   -4.579  1.00 13.26 ? 127 ASN A C   1 
ATOM   968  O O   . ASN A 1 132 ? 12.162  1.436   -3.420  1.00 13.09 ? 127 ASN A O   1 
ATOM   969  C CB  . ASN A 1 132 ? 12.841  3.177   -5.758  1.00 12.46 ? 127 ASN A CB  1 
ATOM   970  C CG  . ASN A 1 132 ? 13.818  4.067   -6.500  1.00 15.00 ? 127 ASN A CG  1 
ATOM   971  O OD1 . ASN A 1 132 ? 13.664  4.360   -7.683  1.00 13.06 ? 127 ASN A OD1 1 
ATOM   972  N ND2 . ASN A 1 132 ? 14.885  4.528   -5.892  1.00 13.42 ? 127 ASN A ND2 1 
ATOM   973  N N   . GLY A 1 133 ? 11.713  0.011   -5.065  1.00 10.87 ? 128 GLY A N   1 
ATOM   974  C CA  . GLY A 1 133 ? 10.849  -0.773  -4.208  1.00 11.54 ? 128 GLY A CA  1 
ATOM   975  C C   . GLY A 1 133 ? 9.367   -0.512  -4.395  1.00 10.20 ? 128 GLY A C   1 
ATOM   976  O O   . GLY A 1 133 ? 8.970   0.218   -5.304  1.00 9.95  ? 128 GLY A O   1 
ATOM   977  N N   . PRO A 1 134 ? 8.534   -1.143  -3.562  1.00 10.59 ? 129 PRO A N   1 
ATOM   978  C CA  . PRO A 1 134 ? 7.074   -1.133  -3.659  1.00 8.91  ? 129 PRO A CA  1 
ATOM   979  C C   . PRO A 1 134 ? 6.435   0.248   -3.697  1.00 11.32 ? 129 PRO A C   1 
ATOM   980  O O   . PRO A 1 134 ? 6.855   1.173   -2.977  1.00 9.95  ? 129 PRO A O   1 
ATOM   981  C CB  . PRO A 1 134 ? 6.642   -1.947  -2.466  1.00 10.24 ? 129 PRO A CB  1 
ATOM   982  C CG  . PRO A 1 134 ? 7.758   -2.952  -2.357  1.00 8.12  ? 129 PRO A CG  1 
ATOM   983  C CD  . PRO A 1 134 ? 8.953   -2.024  -2.468  1.00 9.54  ? 129 PRO A CD  1 
ATOM   984  N N   . VAL A 1 135 ? 5.356   0.343   -4.476  1.00 10.62 ? 130 VAL A N   1 
ATOM   985  C CA  . VAL A 1 135 ? 4.667   1.591   -4.775  1.00 11.40 ? 130 VAL A CA  1 
ATOM   986  C C   . VAL A 1 135 ? 3.235   1.529   -4.243  1.00 13.23 ? 130 VAL A C   1 
ATOM   987  O O   . VAL A 1 135 ? 2.584   0.484   -4.359  1.00 11.77 ? 130 VAL A O   1 
ATOM   988  C CB  . VAL A 1 135 ? 4.638   1.821   -6.333  1.00 14.57 ? 130 VAL A CB  1 
ATOM   989  C CG1 . VAL A 1 135 ? 3.920   3.124   -6.673  1.00 14.47 ? 130 VAL A CG1 1 
ATOM   990  C CG2 . VAL A 1 135 ? 6.064   1.903   -6.882  1.00 14.41 ? 130 VAL A CG2 1 
ATOM   991  N N   . ALA A 1 136 ? 2.695   2.604   -3.665  1.00 11.03 ? 131 ALA A N   1 
ATOM   992  C CA  . ALA A 1 136 ? 1.307   2.661   -3.240  1.00 10.34 ? 131 ALA A CA  1 
ATOM   993  C C   . ALA A 1 136 ? 0.480   3.024   -4.470  1.00 10.29 ? 131 ALA A C   1 
ATOM   994  O O   . ALA A 1 136 ? 0.846   3.961   -5.201  1.00 10.44 ? 131 ALA A O   1 
ATOM   995  C CB  . ALA A 1 136 ? 1.129   3.733   -2.185  1.00 7.85  ? 131 ALA A CB  1 
ATOM   996  N N   . VAL A 1 137 ? -0.565  2.261   -4.801  1.00 10.49 ? 132 VAL A N   1 
ATOM   997  C CA  . VAL A 1 137 ? -1.373  2.547   -5.985  1.00 10.88 ? 132 VAL A CA  1 
ATOM   998  C C   . VAL A 1 137 ? -2.858  2.461   -5.639  1.00 11.10 ? 132 VAL A C   1 
ATOM   999  O O   . VAL A 1 137 ? -3.248  1.907   -4.605  1.00 8.31  ? 132 VAL A O   1 
ATOM   1000 C CB  . VAL A 1 137 ? -1.137  1.562   -7.198  1.00 8.88  ? 132 VAL A CB  1 
ATOM   1001 C CG1 . VAL A 1 137 ? 0.289   1.693   -7.673  1.00 11.53 ? 132 VAL A CG1 1 
ATOM   1002 C CG2 . VAL A 1 137 ? -1.420  0.116   -6.813  1.00 9.76  ? 132 VAL A CG2 1 
ATOM   1003 N N   . ALA A 1 138 ? -3.699  2.996   -6.520  1.00 13.25 ? 133 ALA A N   1 
ATOM   1004 C CA  . ALA A 1 138 ? -5.144  2.902   -6.353  1.00 13.34 ? 133 ALA A CA  1 
ATOM   1005 C C   . ALA A 1 138 ? -5.692  2.108   -7.528  1.00 12.51 ? 133 ALA A C   1 
ATOM   1006 O O   . ALA A 1 138 ? -5.175  2.181   -8.650  1.00 15.19 ? 133 ALA A O   1 
ATOM   1007 C CB  . ALA A 1 138 ? -5.744  4.284   -6.358  1.00 9.62  ? 133 ALA A CB  1 
ATOM   1008 N N   . VAL A 1 139 ? -6.695  1.272   -7.309  1.00 11.68 ? 134 VAL A N   1 
ATOM   1009 C CA  . VAL A 1 139 ? -7.312  0.484   -8.352  1.00 12.52 ? 134 VAL A CA  1 
ATOM   1010 C C   . VAL A 1 139 ? -8.832  0.602   -8.187  1.00 13.69 ? 134 VAL A C   1 
ATOM   1011 O O   . VAL A 1 139 ? -9.334  1.180   -7.214  1.00 14.33 ? 134 VAL A O   1 
ATOM   1012 C CB  . VAL A 1 139 ? -6.913  -1.040  -8.260  1.00 12.90 ? 134 VAL A CB  1 
ATOM   1013 C CG1 . VAL A 1 139 ? -5.426  -1.207  -8.560  1.00 14.17 ? 134 VAL A CG1 1 
ATOM   1014 C CG2 . VAL A 1 139 ? -7.231  -1.606  -6.881  1.00 11.49 ? 134 VAL A CG2 1 
ATOM   1015 N N   . ASP A 1 140 ? -9.528  0.087   -9.196  1.00 12.54 ? 135 ASP A N   1 
ATOM   1016 C CA  . ASP A 1 140 ? -10.953 -0.139  -9.162  1.00 13.11 ? 135 ASP A CA  1 
ATOM   1017 C C   . ASP A 1 140 ? -11.006 -1.593  -8.691  1.00 13.84 ? 135 ASP A C   1 
ATOM   1018 O O   . ASP A 1 140 ? -10.546 -2.513  -9.382  1.00 12.44 ? 135 ASP A O   1 
ATOM   1019 C CB  . ASP A 1 140 ? -11.563 -0.001  -10.567 1.00 12.14 ? 135 ASP A CB  1 
ATOM   1020 C CG  . ASP A 1 140 ? -13.073 -0.263  -10.651 1.00 16.74 ? 135 ASP A CG  1 
ATOM   1021 O OD1 . ASP A 1 140 ? -13.676 -0.830  -9.743  1.00 12.15 ? 135 ASP A OD1 1 
ATOM   1022 O OD2 . ASP A 1 140 ? -13.680 0.104   -11.650 1.00 14.87 ? 135 ASP A OD2 1 
ATOM   1023 N N   . ALA A 1 141 ? -11.524 -1.802  -7.493  1.00 13.26 ? 136 ALA A N   1 
ATOM   1024 C CA  . ALA A 1 141 ? -11.595 -3.109  -6.894  1.00 13.53 ? 136 ALA A CA  1 
ATOM   1025 C C   . ALA A 1 141 ? -12.974 -3.748  -7.048  1.00 15.78 ? 136 ALA A C   1 
ATOM   1026 O O   . ALA A 1 141 ? -13.230 -4.776  -6.410  1.00 16.33 ? 136 ALA A O   1 
ATOM   1027 C CB  . ALA A 1 141 ? -11.262 -3.013  -5.415  1.00 10.72 ? 136 ALA A CB  1 
ATOM   1028 N N   . SER A 1 142 ? -13.873 -3.208  -7.882  1.00 18.20 ? 139 SER A N   1 
ATOM   1029 C CA  . SER A 1 142 ? -15.209 -3.729  -8.160  1.00 21.35 ? 139 SER A CA  1 
ATOM   1030 C C   . SER A 1 142 ? -15.295 -5.238  -8.379  1.00 22.03 ? 139 SER A C   1 
ATOM   1031 O O   . SER A 1 142 ? -16.119 -5.917  -7.761  1.00 23.58 ? 139 SER A O   1 
ATOM   1032 C CB  . SER A 1 142 ? -15.801 -3.073  -9.414  1.00 19.49 ? 139 SER A CB  1 
ATOM   1033 O OG  . SER A 1 142 ? -16.481 -1.855  -9.165  1.00 30.37 ? 139 SER A OG  1 
ATOM   1034 N N   . SER A 1 143 ? -14.463 -5.813  -9.249  1.00 22.26 ? 140 SER A N   1 
ATOM   1035 C CA  . SER A 1 143 ? -14.505 -7.240  -9.529  1.00 23.26 ? 140 SER A CA  1 
ATOM   1036 C C   . SER A 1 143 ? -13.668 -8.085  -8.583  1.00 21.17 ? 140 SER A C   1 
ATOM   1037 O O   . SER A 1 143 ? -13.655 -9.314  -8.672  1.00 22.87 ? 140 SER A O   1 
ATOM   1038 C CB  . SER A 1 143 ? -14.056 -7.452  -10.969 1.00 21.94 ? 140 SER A CB  1 
ATOM   1039 O OG  . SER A 1 143 ? -12.975 -6.630  -11.395 1.00 26.36 ? 140 SER A OG  1 
ATOM   1040 N N   . TRP A 1 144 ? -13.005 -7.466  -7.607  1.00 19.90 ? 141 TRP A N   1 
ATOM   1041 C CA  . TRP A 1 144 ? -12.058 -8.215  -6.798  1.00 19.53 ? 141 TRP A CA  1 
ATOM   1042 C C   . TRP A 1 144 ? -12.662 -9.203  -5.825  1.00 19.46 ? 141 TRP A C   1 
ATOM   1043 O O   . TRP A 1 144 ? -11.979 -10.117 -5.377  1.00 18.49 ? 141 TRP A O   1 
ATOM   1044 C CB  . TRP A 1 144 ? -11.162 -7.225  -6.068  1.00 15.01 ? 141 TRP A CB  1 
ATOM   1045 C CG  . TRP A 1 144 ? -10.070 -6.625  -6.950  1.00 11.22 ? 141 TRP A CG  1 
ATOM   1046 C CD1 . TRP A 1 144 ? -10.180 -6.496  -8.317  1.00 8.89  ? 141 TRP A CD1 1 
ATOM   1047 C CD2 . TRP A 1 144 ? -8.877  -6.165  -6.470  1.00 12.89 ? 141 TRP A CD2 1 
ATOM   1048 N NE1 . TRP A 1 144 ? -9.048  -5.957  -8.706  1.00 12.28 ? 141 TRP A NE1 1 
ATOM   1049 C CE2 . TRP A 1 144 ? -8.243  -5.742  -7.649  1.00 12.66 ? 141 TRP A CE2 1 
ATOM   1050 C CE3 . TRP A 1 144 ? -8.234  -6.050  -5.233  1.00 11.46 ? 141 TRP A CE3 1 
ATOM   1051 C CZ2 . TRP A 1 144 ? -6.964  -5.197  -7.607  1.00 14.31 ? 141 TRP A CZ2 1 
ATOM   1052 C CZ3 . TRP A 1 144 ? -6.948  -5.497  -5.194  1.00 15.29 ? 141 TRP A CZ3 1 
ATOM   1053 C CH2 . TRP A 1 144 ? -6.318  -5.074  -6.374  1.00 14.30 ? 141 TRP A CH2 1 
ATOM   1054 N N   . MET A 1 145 ? -13.959 -9.090  -5.544  1.00 22.97 ? 142 MET A N   1 
ATOM   1055 C CA  . MET A 1 145 ? -14.642 -10.050 -4.681  1.00 24.58 ? 142 MET A CA  1 
ATOM   1056 C C   . MET A 1 145 ? -14.810 -11.422 -5.347  1.00 22.85 ? 142 MET A C   1 
ATOM   1057 O O   . MET A 1 145 ? -15.118 -12.431 -4.701  1.00 26.19 ? 142 MET A O   1 
ATOM   1058 C CB  . MET A 1 145 ? -16.013 -9.528  -4.314  1.00 28.02 ? 142 MET A CB  1 
ATOM   1059 C CG  . MET A 1 145 ? -16.319 -9.751  -2.857  1.00 33.56 ? 142 MET A CG  1 
ATOM   1060 S SD  . MET A 1 145 ? -15.641 -8.421  -1.842  1.00 39.98 ? 142 MET A SD  1 
ATOM   1061 C CE  . MET A 1 145 ? -14.273 -9.161  -1.013  1.00 35.21 ? 142 MET A CE  1 
ATOM   1062 N N   . THR A 1 146 ? -14.692 -11.516 -6.668  1.00 19.39 ? 143 THR A N   1 
ATOM   1063 C CA  . THR A 1 146 ? -14.749 -12.810 -7.321  1.00 21.14 ? 143 THR A CA  1 
ATOM   1064 C C   . THR A 1 146 ? -13.355 -13.376 -7.645  1.00 18.08 ? 143 THR A C   1 
ATOM   1065 O O   . THR A 1 146 ? -13.240 -14.427 -8.273  1.00 18.00 ? 143 THR A O   1 
ATOM   1066 C CB  . THR A 1 146 ? -15.607 -12.642 -8.591  1.00 22.46 ? 143 THR A CB  1 
ATOM   1067 O OG1 . THR A 1 146 ? -15.095 -11.550 -9.353  1.00 23.56 ? 143 THR A OG1 1 
ATOM   1068 C CG2 . THR A 1 146 ? -17.062 -12.400 -8.231  1.00 24.05 ? 143 THR A CG2 1 
ATOM   1069 N N   . TYR A 1 147 ? -12.266 -12.690 -7.276  1.00 15.85 ? 144 TYR A N   1 
ATOM   1070 C CA  . TYR A 1 147 ? -10.942 -13.149 -7.628  1.00 15.92 ? 144 TYR A CA  1 
ATOM   1071 C C   . TYR A 1 147 ? -10.575 -14.368 -6.794  1.00 16.41 ? 144 TYR A C   1 
ATOM   1072 O O   . TYR A 1 147 ? -10.439 -14.258 -5.569  1.00 18.61 ? 144 TYR A O   1 
ATOM   1073 C CB  . TYR A 1 147 ? -9.919  -12.021 -7.400  1.00 12.29 ? 144 TYR A CB  1 
ATOM   1074 C CG  . TYR A 1 147 ? -8.490  -12.486 -7.672  1.00 8.68  ? 144 TYR A CG  1 
ATOM   1075 C CD1 . TYR A 1 147 ? -8.015  -12.672 -8.969  1.00 11.10 ? 144 TYR A CD1 1 
ATOM   1076 C CD2 . TYR A 1 147 ? -7.656  -12.738 -6.582  1.00 12.92 ? 144 TYR A CD2 1 
ATOM   1077 C CE1 . TYR A 1 147 ? -6.694  -13.099 -9.176  1.00 10.29 ? 144 TYR A CE1 1 
ATOM   1078 C CE2 . TYR A 1 147 ? -6.344  -13.160 -6.784  1.00 12.28 ? 144 TYR A CE2 1 
ATOM   1079 C CZ  . TYR A 1 147 ? -5.870  -13.329 -8.078  1.00 13.64 ? 144 TYR A CZ  1 
ATOM   1080 O OH  . TYR A 1 147 ? -4.541  -13.702 -8.213  1.00 16.07 ? 144 TYR A OH  1 
ATOM   1081 N N   . THR A 1 148 ? -10.358 -15.510 -7.447  1.00 17.54 ? 145 THR A N   1 
ATOM   1082 C CA  . THR A 1 148 ? -9.972  -16.726 -6.752  1.00 18.15 ? 145 THR A CA  1 
ATOM   1083 C C   . THR A 1 148 ? -8.523  -17.146 -6.999  1.00 20.71 ? 145 THR A C   1 
ATOM   1084 O O   . THR A 1 148 ? -8.118  -18.205 -6.522  1.00 23.87 ? 145 THR A O   1 
ATOM   1085 C CB  . THR A 1 148 ? -10.951 -17.865 -7.166  1.00 17.91 ? 145 THR A CB  1 
ATOM   1086 O OG1 . THR A 1 148 ? -10.986 -17.921 -8.591  1.00 15.55 ? 145 THR A OG1 1 
ATOM   1087 C CG2 . THR A 1 148 ? -12.351 -17.632 -6.627  1.00 20.57 ? 145 THR A CG2 1 
ATOM   1088 N N   . GLY A 1 149 ? -7.683  -16.417 -7.729  1.00 18.73 ? 146 GLY A N   1 
ATOM   1089 C CA  . GLY A 1 149 ? -6.310  -16.845 -7.956  1.00 16.54 ? 146 GLY A CA  1 
ATOM   1090 C C   . GLY A 1 149 ? -6.002  -16.762 -9.443  1.00 16.38 ? 146 GLY A C   1 
ATOM   1091 O O   . GLY A 1 149 ? -6.908  -16.514 -10.248 1.00 12.95 ? 146 GLY A O   1 
ATOM   1092 N N   . GLY A 1 150 ? -4.746  -16.960 -9.831  1.00 15.60 ? 147 GLY A N   1 
ATOM   1093 C CA  . GLY A 1 150 ? -4.318  -16.866 -11.220 1.00 16.16 ? 147 GLY A CA  1 
ATOM   1094 C C   . GLY A 1 150 ? -4.047  -15.425 -11.645 1.00 15.53 ? 147 GLY A C   1 
ATOM   1095 O O   . GLY A 1 150 ? -4.042  -14.492 -10.833 1.00 13.46 ? 147 GLY A O   1 
ATOM   1096 N N   . VAL A 1 151 ? -3.745  -15.233 -12.928 1.00 15.31 ? 148 VAL A N   1 
ATOM   1097 C CA  . VAL A 1 151 ? -3.538  -13.894 -13.453 1.00 15.47 ? 148 VAL A CA  1 
ATOM   1098 C C   . VAL A 1 151 ? -4.896  -13.419 -13.970 1.00 16.99 ? 148 VAL A C   1 
ATOM   1099 O O   . VAL A 1 151 ? -5.459  -13.998 -14.898 1.00 16.14 ? 148 VAL A O   1 
ATOM   1100 C CB  . VAL A 1 151 ? -2.505  -13.875 -14.619 1.00 15.21 ? 148 VAL A CB  1 
ATOM   1101 C CG1 . VAL A 1 151 ? -2.312  -12.432 -15.091 1.00 15.08 ? 148 VAL A CG1 1 
ATOM   1102 C CG2 . VAL A 1 151 ? -1.159  -14.441 -14.161 1.00 15.24 ? 148 VAL A CG2 1 
ATOM   1103 N N   . MET A 1 152 ? -5.458  -12.376 -13.363 1.00 17.18 ? 149 MET A N   1 
ATOM   1104 C CA  . MET A 1 152 ? -6.692  -11.791 -13.842 1.00 18.17 ? 149 MET A CA  1 
ATOM   1105 C C   . MET A 1 152 ? -6.336  -11.038 -15.120 1.00 17.73 ? 149 MET A C   1 
ATOM   1106 O O   . MET A 1 152 ? -5.553  -10.080 -15.133 1.00 19.47 ? 149 MET A O   1 
ATOM   1107 C CB  . MET A 1 152 ? -7.246  -10.862 -12.768 1.00 17.12 ? 149 MET A CB  1 
ATOM   1108 C CG  . MET A 1 152 ? -8.585  -10.254 -13.147 1.00 23.45 ? 149 MET A CG  1 
ATOM   1109 S SD  . MET A 1 152 ? -9.386  -9.378  -11.771 1.00 25.17 ? 149 MET A SD  1 
ATOM   1110 C CE  . MET A 1 152 ? -10.422 -10.729 -11.342 1.00 24.99 ? 149 MET A CE  1 
ATOM   1111 N N   . THR A 1 153 ? -6.870  -11.527 -16.223 1.00 17.83 ? 151 THR A N   1 
ATOM   1112 C CA  . THR A 1 153 ? -6.578  -10.946 -17.531 1.00 20.57 ? 151 THR A CA  1 
ATOM   1113 C C   . THR A 1 153 ? -7.571  -9.903  -18.010 1.00 20.77 ? 151 THR A C   1 
ATOM   1114 O O   . THR A 1 153 ? -7.410  -9.353  -19.090 1.00 23.26 ? 151 THR A O   1 
ATOM   1115 C CB  . THR A 1 153 ? -6.487  -12.068 -18.585 1.00 20.79 ? 151 THR A CB  1 
ATOM   1116 O OG1 . THR A 1 153 ? -7.651  -12.883 -18.434 1.00 21.68 ? 151 THR A OG1 1 
ATOM   1117 C CG2 . THR A 1 153 ? -5.213  -12.893 -18.431 1.00 23.65 ? 151 THR A CG2 1 
ATOM   1118 N N   . SER A 1 154 ? -8.643  -9.630  -17.277 1.00 21.20 ? 152 SER A N   1 
ATOM   1119 C CA  . SER A 1 154 ? -9.634  -8.637  -17.645 1.00 22.34 ? 152 SER A CA  1 
ATOM   1120 C C   . SER A 1 154 ? -10.129 -8.124  -16.290 1.00 21.90 ? 152 SER A C   1 
ATOM   1121 O O   . SER A 1 154 ? -10.337 -8.926  -15.379 1.00 25.37 ? 152 SER A O   1 
ATOM   1122 C CB  . SER A 1 154 ? -10.750 -9.306  -18.435 1.00 23.96 ? 152 SER A CB  1 
ATOM   1123 O OG  . SER A 1 154 ? -11.609 -8.373  -19.065 1.00 26.54 ? 152 SER A OG  1 
ATOM   1124 N N   . CYS A 1 155 ? -10.297 -6.812  -16.107 1.00 19.56 ? 153 CYS A N   1 
ATOM   1125 C CA  . CYS A 1 155 ? -10.674 -6.238  -14.824 1.00 18.58 ? 153 CYS A CA  1 
ATOM   1126 C C   . CYS A 1 155 ? -11.572 -5.061  -15.118 1.00 17.05 ? 153 CYS A C   1 
ATOM   1127 O O   . CYS A 1 155 ? -11.239 -4.301  -16.031 1.00 20.57 ? 153 CYS A O   1 
ATOM   1128 C CB  . CYS A 1 155 ? -9.430  -5.752  -14.079 1.00 18.11 ? 153 CYS A CB  1 
ATOM   1129 S SG  . CYS A 1 155 ? -9.640  -5.127  -12.382 1.00 16.52 ? 153 CYS A SG  1 
ATOM   1130 N N   . VAL A 1 156 ? -12.680 -4.859  -14.407 1.00 16.02 ? 154 VAL A N   1 
ATOM   1131 C CA  . VAL A 1 156 ? -13.533 -3.684  -14.577 1.00 18.27 ? 154 VAL A CA  1 
ATOM   1132 C C   . VAL A 1 156 ? -12.678 -2.475  -14.202 1.00 17.24 ? 154 VAL A C   1 
ATOM   1133 O O   . VAL A 1 156 ? -11.990 -2.488  -13.170 1.00 17.46 ? 154 VAL A O   1 
ATOM   1134 C CB  . VAL A 1 156 ? -14.788 -3.818  -13.656 1.00 17.74 ? 154 VAL A CB  1 
ATOM   1135 C CG1 . VAL A 1 156 ? -15.631 -2.539  -13.676 1.00 16.45 ? 154 VAL A CG1 1 
ATOM   1136 C CG2 . VAL A 1 156 ? -15.638 -4.994  -14.156 1.00 16.51 ? 154 VAL A CG2 1 
ATOM   1137 N N   . SER A 1 157 ? -12.619 -1.482  -15.080 1.00 17.21 ? 155 SER A N   1 
ATOM   1138 C CA  . SER A 1 157 ? -11.742 -0.344  -14.891 1.00 18.98 ? 155 SER A CA  1 
ATOM   1139 C C   . SER A 1 157 ? -12.518 0.939   -15.133 1.00 18.82 ? 155 SER A C   1 
ATOM   1140 O O   . SER A 1 157 ? -12.403 1.578   -16.174 1.00 21.58 ? 155 SER A O   1 
ATOM   1141 C CB  . SER A 1 157 ? -10.553 -0.514  -15.865 1.00 18.45 ? 155 SER A CB  1 
ATOM   1142 O OG  . SER A 1 157 ? -9.830  -1.709  -15.546 1.00 21.34 ? 155 SER A OG  1 
ATOM   1143 N N   . GLU A 1 158 ? -13.361 1.269   -14.177 1.00 19.16 ? 156 GLU A N   1 
ATOM   1144 C CA  . GLU A 1 158 ? -14.218 2.431   -14.252 1.00 21.54 ? 156 GLU A CA  1 
ATOM   1145 C C   . GLU A 1 158 ? -13.969 3.487   -13.207 1.00 20.64 ? 156 GLU A C   1 
ATOM   1146 O O   . GLU A 1 158 ? -13.923 4.653   -13.594 1.00 16.30 ? 156 GLU A O   1 
ATOM   1147 C CB  . GLU A 1 158 ? -15.656 1.990   -14.167 1.00 23.26 ? 156 GLU A CB  1 
ATOM   1148 C CG  . GLU A 1 158 ? -16.085 1.458   -15.524 1.00 31.57 ? 156 GLU A CG  1 
ATOM   1149 C CD  . GLU A 1 158 ? -17.335 0.606   -15.481 1.00 37.55 ? 156 GLU A CD  1 
ATOM   1150 O OE1 . GLU A 1 158 ? -17.291 -0.505  -16.016 1.00 42.86 ? 156 GLU A OE1 1 
ATOM   1151 O OE2 . GLU A 1 158 ? -18.343 1.043   -14.923 1.00 42.45 ? 156 GLU A OE2 1 
ATOM   1152 N N   . GLN A 1 159 A -13.801 3.194   -11.914 1.00 21.11 ? 156 GLN A N   1 
ATOM   1153 C CA  . GLN A 1 159 A -13.583 4.248   -10.944 1.00 21.92 ? 156 GLN A CA  1 
ATOM   1154 C C   . GLN A 1 159 A -12.651 3.764   -9.852  1.00 21.26 ? 156 GLN A C   1 
ATOM   1155 O O   . GLN A 1 159 A -12.858 2.701   -9.281  1.00 20.89 ? 156 GLN A O   1 
ATOM   1156 C CB  . GLN A 1 159 A -14.898 4.670   -10.302 1.00 26.62 ? 156 GLN A CB  1 
ATOM   1157 C CG  . GLN A 1 159 A -14.803 5.867   -9.349  1.00 32.60 ? 156 GLN A CG  1 
ATOM   1158 C CD  . GLN A 1 159 A -15.992 5.958   -8.405  1.00 39.26 ? 156 GLN A CD  1 
ATOM   1159 O OE1 . GLN A 1 159 A -17.156 5.799   -8.784  1.00 39.51 ? 156 GLN A OE1 1 
ATOM   1160 N NE2 . GLN A 1 159 A -15.768 6.178   -7.117  1.00 42.45 ? 156 GLN A NE2 1 
ATOM   1161 N N   . LEU A 1 160 ? -11.618 4.526   -9.534  1.00 17.93 ? 157 LEU A N   1 
ATOM   1162 C CA  . LEU A 1 160 ? -10.731 4.171   -8.434  1.00 18.18 ? 157 LEU A CA  1 
ATOM   1163 C C   . LEU A 1 160 ? -11.523 4.159   -7.140  1.00 17.19 ? 157 LEU A C   1 
ATOM   1164 O O   . LEU A 1 160 ? -12.297 5.099   -6.936  1.00 19.70 ? 157 LEU A O   1 
ATOM   1165 C CB  . LEU A 1 160 ? -9.600  5.193   -8.304  1.00 17.36 ? 157 LEU A CB  1 
ATOM   1166 C CG  . LEU A 1 160 ? -8.637  5.447   -9.464  1.00 17.24 ? 157 LEU A CG  1 
ATOM   1167 C CD1 . LEU A 1 160 ? -7.668  6.542   -9.058  1.00 16.03 ? 157 LEU A CD1 1 
ATOM   1168 C CD2 . LEU A 1 160 ? -7.877  4.188   -9.833  1.00 13.13 ? 157 LEU A CD2 1 
ATOM   1169 N N   . ASP A 1 161 ? -11.389 3.106   -6.343  1.00 15.57 ? 158 ASP A N   1 
ATOM   1170 C CA  . ASP A 1 161 ? -12.072 3.043   -5.065  1.00 14.15 ? 158 ASP A CA  1 
ATOM   1171 C C   . ASP A 1 161 ? -11.254 2.352   -3.975  1.00 13.94 ? 158 ASP A C   1 
ATOM   1172 O O   . ASP A 1 161 ? -11.620 2.299   -2.790  1.00 13.30 ? 158 ASP A O   1 
ATOM   1173 C CB  . ASP A 1 161 ? -13.409 2.300   -5.271  1.00 17.87 ? 158 ASP A CB  1 
ATOM   1174 C CG  . ASP A 1 161 ? -13.314 0.840   -5.711  1.00 20.43 ? 158 ASP A CG  1 
ATOM   1175 O OD1 . ASP A 1 161 ? -12.199 0.320   -5.840  1.00 19.43 ? 158 ASP A OD1 1 
ATOM   1176 O OD2 . ASP A 1 161 ? -14.341 0.201   -5.927  1.00 19.84 ? 158 ASP A OD2 1 
ATOM   1177 N N   . HIS A 1 162 ? -10.086 1.792   -4.305  1.00 15.77 ? 159 HIS A N   1 
ATOM   1178 C CA  . HIS A 1 162 ? -9.333  1.009   -3.339  1.00 12.35 ? 159 HIS A CA  1 
ATOM   1179 C C   . HIS A 1 162 ? -7.822  1.220   -3.454  1.00 13.90 ? 159 HIS A C   1 
ATOM   1180 O O   . HIS A 1 162 ? -7.255  1.071   -4.536  1.00 16.68 ? 159 HIS A O   1 
ATOM   1181 C CB  . HIS A 1 162 ? -9.728  -0.443  -3.578  1.00 8.91  ? 159 HIS A CB  1 
ATOM   1182 C CG  . HIS A 1 162 ? -9.287  -1.414  -2.498  1.00 10.23 ? 159 HIS A CG  1 
ATOM   1183 N ND1 . HIS A 1 162 ? -9.585  -1.451  -1.201  1.00 12.11 ? 159 HIS A ND1 1 
ATOM   1184 C CD2 . HIS A 1 162 ? -8.433  -2.453  -2.754  1.00 14.62 ? 159 HIS A CD2 1 
ATOM   1185 C CE1 . HIS A 1 162 ? -8.949  -2.458  -0.657  1.00 8.13  ? 159 HIS A CE1 1 
ATOM   1186 N NE2 . HIS A 1 162 ? -8.252  -3.041  -1.599  1.00 11.96 ? 159 HIS A NE2 1 
ATOM   1187 N N   . GLY A 1 163 ? -7.161  1.638   -2.382  1.00 9.94  ? 160 GLY A N   1 
ATOM   1188 C CA  . GLY A 1 163 ? -5.710  1.741   -2.355  1.00 12.73 ? 160 GLY A CA  1 
ATOM   1189 C C   . GLY A 1 163 ? -5.124  0.405   -1.923  1.00 12.77 ? 160 GLY A C   1 
ATOM   1190 O O   . GLY A 1 163 ? -5.739  -0.291  -1.087  1.00 11.54 ? 160 GLY A O   1 
ATOM   1191 N N   . VAL A 1 164 ? -3.991  0.054   -2.541  1.00 13.42 ? 161 VAL A N   1 
ATOM   1192 C CA  . VAL A 1 164 ? -3.268  -1.208  -2.353  1.00 12.57 ? 161 VAL A CA  1 
ATOM   1193 C C   . VAL A 1 164 ? -1.758  -0.987  -2.538  1.00 12.45 ? 161 VAL A C   1 
ATOM   1194 O O   . VAL A 1 164 ? -1.306  0.143   -2.740  1.00 10.80 ? 161 VAL A O   1 
ATOM   1195 C CB  . VAL A 1 164 ? -3.721  -2.298  -3.367  1.00 13.23 ? 161 VAL A CB  1 
ATOM   1196 C CG1 . VAL A 1 164 ? -5.031  -2.884  -2.902  1.00 12.96 ? 161 VAL A CG1 1 
ATOM   1197 C CG2 . VAL A 1 164 ? -3.841  -1.721  -4.780  1.00 12.49 ? 161 VAL A CG2 1 
ATOM   1198 N N   . LEU A 1 165 ? -0.940  -2.041  -2.521  1.00 13.29 ? 162 LEU A N   1 
ATOM   1199 C CA  . LEU A 1 165 ? 0.519   -1.899  -2.602  1.00 14.00 ? 162 LEU A CA  1 
ATOM   1200 C C   . LEU A 1 165 ? 1.044   -2.775  -3.724  1.00 13.14 ? 162 LEU A C   1 
ATOM   1201 O O   . LEU A 1 165 ? 0.812   -3.993  -3.726  1.00 11.86 ? 162 LEU A O   1 
ATOM   1202 C CB  . LEU A 1 165 ? 1.145   -2.353  -1.277  1.00 14.98 ? 162 LEU A CB  1 
ATOM   1203 C CG  . LEU A 1 165 ? 2.370   -1.764  -0.579  1.00 18.85 ? 162 LEU A CG  1 
ATOM   1204 C CD1 . LEU A 1 165 ? 3.168   -2.946  -0.070  1.00 14.95 ? 162 LEU A CD1 1 
ATOM   1205 C CD2 . LEU A 1 165 ? 3.210   -0.877  -1.470  1.00 15.55 ? 162 LEU A CD2 1 
ATOM   1206 N N   . LEU A 1 166 ? 1.753   -2.197  -4.682  1.00 12.33 ? 163 LEU A N   1 
ATOM   1207 C CA  . LEU A 1 166 ? 2.389   -2.906  -5.774  1.00 12.40 ? 163 LEU A CA  1 
ATOM   1208 C C   . LEU A 1 166 ? 3.729   -3.414  -5.244  1.00 12.46 ? 163 LEU A C   1 
ATOM   1209 O O   . LEU A 1 166 ? 4.555   -2.610  -4.792  1.00 14.84 ? 163 LEU A O   1 
ATOM   1210 C CB  . LEU A 1 166 ? 2.688   -1.989  -6.919  1.00 7.83  ? 163 LEU A CB  1 
ATOM   1211 C CG  . LEU A 1 166 ? 1.877   -1.901  -8.152  1.00 16.08 ? 163 LEU A CG  1 
ATOM   1212 C CD1 . LEU A 1 166 ? 2.652   -1.023  -9.123  1.00 13.57 ? 163 LEU A CD1 1 
ATOM   1213 C CD2 . LEU A 1 166 ? 1.629   -3.277  -8.749  1.00 16.91 ? 163 LEU A CD2 1 
ATOM   1214 N N   . VAL A 1 167 ? 3.981   -4.721  -5.266  1.00 11.96 ? 164 VAL A N   1 
ATOM   1215 C CA  . VAL A 1 167 ? 5.221   -5.252  -4.724  1.00 12.98 ? 164 VAL A CA  1 
ATOM   1216 C C   . VAL A 1 167 ? 6.105   -5.909  -5.780  1.00 13.52 ? 164 VAL A C   1 
ATOM   1217 O O   . VAL A 1 167 ? 7.206   -6.369  -5.456  1.00 15.43 ? 164 VAL A O   1 
ATOM   1218 C CB  . VAL A 1 167 ? 4.930   -6.275  -3.555  1.00 14.02 ? 164 VAL A CB  1 
ATOM   1219 C CG1 . VAL A 1 167 ? 4.171   -5.545  -2.444  1.00 10.85 ? 164 VAL A CG1 1 
ATOM   1220 C CG2 . VAL A 1 167 ? 4.118   -7.471  -4.024  1.00 9.20  ? 164 VAL A CG2 1 
ATOM   1221 N N   . GLY A 1 168 ? 5.689   -5.993  -7.048  1.00 13.23 ? 165 GLY A N   1 
ATOM   1222 C CA  . GLY A 1 168 ? 6.536   -6.597  -8.060  1.00 11.88 ? 165 GLY A CA  1 
ATOM   1223 C C   . GLY A 1 168 ? 5.810   -6.791  -9.369  1.00 15.14 ? 165 GLY A C   1 
ATOM   1224 O O   . GLY A 1 168 ? 4.624   -6.440  -9.488  1.00 15.28 ? 165 GLY A O   1 
ATOM   1225 N N   . TYR A 1 169 ? 6.506   -7.368  -10.344 1.00 12.77 ? 166 TYR A N   1 
ATOM   1226 C CA  . TYR A 1 169 ? 5.966   -7.635  -11.661 1.00 13.12 ? 166 TYR A CA  1 
ATOM   1227 C C   . TYR A 1 169 ? 6.767   -8.782  -12.256 1.00 12.75 ? 166 TYR A C   1 
ATOM   1228 O O   . TYR A 1 169 ? 7.892   -9.050  -11.819 1.00 12.14 ? 166 TYR A O   1 
ATOM   1229 C CB  . TYR A 1 169 ? 6.098   -6.424  -12.599 1.00 12.41 ? 166 TYR A CB  1 
ATOM   1230 C CG  . TYR A 1 169 ? 7.526   -5.980  -12.911 1.00 17.21 ? 166 TYR A CG  1 
ATOM   1231 C CD1 . TYR A 1 169 ? 8.255   -6.516  -13.987 1.00 17.68 ? 166 TYR A CD1 1 
ATOM   1232 C CD2 . TYR A 1 169 ? 8.111   -5.020  -12.089 1.00 17.86 ? 166 TYR A CD2 1 
ATOM   1233 C CE1 . TYR A 1 169 ? 9.570   -6.106  -14.241 1.00 17.44 ? 166 TYR A CE1 1 
ATOM   1234 C CE2 . TYR A 1 169 ? 9.416   -4.611  -12.343 1.00 17.13 ? 166 TYR A CE2 1 
ATOM   1235 C CZ  . TYR A 1 169 ? 10.142  -5.149  -13.405 1.00 16.02 ? 166 TYR A CZ  1 
ATOM   1236 O OH  . TYR A 1 169 ? 11.436  -4.706  -13.581 1.00 19.07 ? 166 TYR A OH  1 
ATOM   1237 N N   . ASN A 1 170 ? 6.244   -9.377  -13.308 1.00 13.37 ? 167 ASN A N   1 
ATOM   1238 C CA  . ASN A 1 170 ? 6.948   -10.428 -14.013 1.00 14.29 ? 167 ASN A CA  1 
ATOM   1239 C C   . ASN A 1 170 ? 6.590   -10.281 -15.478 1.00 14.84 ? 167 ASN A C   1 
ATOM   1240 O O   . ASN A 1 170 ? 5.450   -10.557 -15.870 1.00 13.43 ? 167 ASN A O   1 
ATOM   1241 C CB  . ASN A 1 170 ? 6.506   -11.778 -13.455 1.00 14.62 ? 167 ASN A CB  1 
ATOM   1242 C CG  . ASN A 1 170 ? 7.250   -12.968 -14.039 1.00 15.09 ? 167 ASN A CG  1 
ATOM   1243 O OD1 . ASN A 1 170 ? 7.932   -12.910 -15.054 1.00 17.50 ? 167 ASN A OD1 1 
ATOM   1244 N ND2 . ASN A 1 170 ? 7.065   -14.126 -13.459 1.00 13.91 ? 167 ASN A ND2 1 
ATOM   1245 N N   . ASP A 1 171 A 7.552   -9.800  -16.270 1.00 16.17 ? 167 ASP A N   1 
ATOM   1246 C CA  . ASP A 1 171 A 7.390   -9.638  -17.704 1.00 17.45 ? 167 ASP A CA  1 
ATOM   1247 C C   . ASP A 1 171 A 7.809   -10.859 -18.498 1.00 18.73 ? 167 ASP A C   1 
ATOM   1248 O O   . ASP A 1 171 A 7.601   -10.892 -19.716 1.00 20.59 ? 167 ASP A O   1 
ATOM   1249 C CB  . ASP A 1 171 A 8.184   -8.400  -18.187 1.00 18.26 ? 167 ASP A CB  1 
ATOM   1250 C CG  . ASP A 1 171 A 7.555   -7.060  -17.807 1.00 22.80 ? 167 ASP A CG  1 
ATOM   1251 O OD1 . ASP A 1 171 A 6.416   -7.014  -17.334 1.00 24.20 ? 167 ASP A OD1 1 
ATOM   1252 O OD2 . ASP A 1 171 A 8.144   -5.983  -17.962 1.00 21.75 ? 167 ASP A OD2 1 
ATOM   1253 N N   . SER A 1 172 B 8.397   -11.896 -17.908 1.00 18.48 ? 167 SER A N   1 
ATOM   1254 C CA  . SER A 1 172 B 8.719   -13.089 -18.666 1.00 20.27 ? 167 SER A CA  1 
ATOM   1255 C C   . SER A 1 172 B 7.636   -14.164 -18.586 1.00 19.99 ? 167 SER A C   1 
ATOM   1256 O O   . SER A 1 172 B 7.800   -15.243 -19.169 1.00 19.32 ? 167 SER A O   1 
ATOM   1257 C CB  . SER A 1 172 B 10.060  -13.646 -18.178 1.00 19.50 ? 167 SER A CB  1 
ATOM   1258 O OG  . SER A 1 172 B 10.120  -13.684 -16.762 1.00 26.79 ? 167 SER A OG  1 
ATOM   1259 N N   . ALA A 1 173 C 6.545   -13.940 -17.839 1.00 18.26 ? 167 ALA A N   1 
ATOM   1260 C CA  . ALA A 1 173 C 5.451   -14.899 -17.787 1.00 15.96 ? 167 ALA A CA  1 
ATOM   1261 C C   . ALA A 1 173 C 4.639   -14.865 -19.078 1.00 15.36 ? 167 ALA A C   1 
ATOM   1262 O O   . ALA A 1 173 C 4.859   -13.965 -19.893 1.00 13.76 ? 167 ALA A O   1 
ATOM   1263 C CB  . ALA A 1 173 C 4.545   -14.574 -16.637 1.00 15.92 ? 167 ALA A CB  1 
ATOM   1264 N N   . ALA A 1 174 D 3.686   -15.787 -19.298 1.00 16.36 ? 167 ALA A N   1 
ATOM   1265 C CA  . ALA A 1 174 D 2.941   -15.853 -20.546 1.00 15.61 ? 167 ALA A CA  1 
ATOM   1266 C C   . ALA A 1 174 D 2.180   -14.565 -20.819 1.00 16.24 ? 167 ALA A C   1 
ATOM   1267 O O   . ALA A 1 174 D 2.150   -14.078 -21.954 1.00 16.03 ? 167 ALA A O   1 
ATOM   1268 C CB  . ALA A 1 174 D 1.941   -16.996 -20.509 1.00 16.25 ? 167 ALA A CB  1 
ATOM   1269 N N   . VAL A 1 175 ? 1.563   -14.028 -19.772 1.00 15.09 ? 168 VAL A N   1 
ATOM   1270 C CA  . VAL A 1 175 ? 0.912   -12.730 -19.809 1.00 14.56 ? 168 VAL A CA  1 
ATOM   1271 C C   . VAL A 1 175 ? 1.690   -11.993 -18.724 1.00 13.51 ? 168 VAL A C   1 
ATOM   1272 O O   . VAL A 1 175 ? 1.705   -12.446 -17.574 1.00 15.09 ? 168 VAL A O   1 
ATOM   1273 C CB  . VAL A 1 175 ? -0.609  -12.810 -19.422 1.00 14.42 ? 168 VAL A CB  1 
ATOM   1274 C CG1 . VAL A 1 175 ? -1.229  -11.420 -19.312 1.00 10.22 ? 168 VAL A CG1 1 
ATOM   1275 C CG2 . VAL A 1 175 ? -1.366  -13.536 -20.527 1.00 14.00 ? 168 VAL A CG2 1 
ATOM   1276 N N   . PRO A 1 176 ? 2.374   -10.882 -19.027 1.00 12.91 ? 169 PRO A N   1 
ATOM   1277 C CA  . PRO A 1 176 ? 3.060   -10.062 -18.038 1.00 14.25 ? 169 PRO A CA  1 
ATOM   1278 C C   . PRO A 1 176 ? 2.098   -9.674  -16.933 1.00 12.72 ? 169 PRO A C   1 
ATOM   1279 O O   . PRO A 1 176 ? 0.945   -9.350  -17.246 1.00 14.66 ? 169 PRO A O   1 
ATOM   1280 C CB  . PRO A 1 176 ? 3.586   -8.872  -18.811 1.00 12.71 ? 169 PRO A CB  1 
ATOM   1281 C CG  . PRO A 1 176 ? 3.755   -9.449  -20.200 1.00 17.69 ? 169 PRO A CG  1 
ATOM   1282 C CD  . PRO A 1 176 ? 2.498   -10.302 -20.364 1.00 13.45 ? 169 PRO A CD  1 
ATOM   1283 N N   . TYR A 1 177 ? 2.499   -9.731  -15.668 1.00 12.52 ? 170 TYR A N   1 
ATOM   1284 C CA  . TYR A 1 177 ? 1.616   -9.326  -14.589 1.00 13.55 ? 170 TYR A CA  1 
ATOM   1285 C C   . TYR A 1 177 ? 2.274   -8.517  -13.482 1.00 15.40 ? 170 TYR A C   1 
ATOM   1286 O O   . TYR A 1 177 ? 3.498   -8.532  -13.316 1.00 16.19 ? 170 TYR A O   1 
ATOM   1287 C CB  . TYR A 1 177 ? 0.951   -10.541 -13.945 1.00 13.03 ? 170 TYR A CB  1 
ATOM   1288 C CG  . TYR A 1 177 ? 1.870   -11.585 -13.373 1.00 11.64 ? 170 TYR A CG  1 
ATOM   1289 C CD1 . TYR A 1 177 ? 2.407   -11.423 -12.092 1.00 8.91  ? 170 TYR A CD1 1 
ATOM   1290 C CD2 . TYR A 1 177 ? 2.178   -12.701 -14.149 1.00 10.90 ? 170 TYR A CD2 1 
ATOM   1291 C CE1 . TYR A 1 177 ? 3.266   -12.386 -11.591 1.00 13.43 ? 170 TYR A CE1 1 
ATOM   1292 C CE2 . TYR A 1 177 ? 3.034   -13.668 -13.631 1.00 11.69 ? 170 TYR A CE2 1 
ATOM   1293 C CZ  . TYR A 1 177 ? 3.576   -13.504 -12.363 1.00 13.36 ? 170 TYR A CZ  1 
ATOM   1294 O OH  . TYR A 1 177 ? 4.426   -14.466 -11.861 1.00 13.19 ? 170 TYR A OH  1 
ATOM   1295 N N   . TRP A 1 178 ? 1.415   -7.844  -12.723 1.00 14.23 ? 171 TRP A N   1 
ATOM   1296 C CA  . TRP A 1 178 ? 1.769   -7.086  -11.534 1.00 13.26 ? 171 TRP A CA  1 
ATOM   1297 C C   . TRP A 1 178 ? 1.415   -7.955  -10.329 1.00 11.46 ? 171 TRP A C   1 
ATOM   1298 O O   . TRP A 1 178 ? 0.504   -8.785  -10.434 1.00 11.04 ? 171 TRP A O   1 
ATOM   1299 C CB  . TRP A 1 178 ? 0.961   -5.803  -11.405 1.00 14.28 ? 171 TRP A CB  1 
ATOM   1300 C CG  . TRP A 1 178 ? 1.334   -4.653  -12.329 1.00 15.49 ? 171 TRP A CG  1 
ATOM   1301 C CD1 . TRP A 1 178 ? 0.435   -4.240  -13.271 1.00 16.04 ? 171 TRP A CD1 1 
ATOM   1302 C CD2 . TRP A 1 178 ? 2.469   -3.873  -12.292 1.00 15.61 ? 171 TRP A CD2 1 
ATOM   1303 N NE1 . TRP A 1 178 ? 0.985   -3.191  -13.832 1.00 14.63 ? 171 TRP A NE1 1 
ATOM   1304 C CE2 . TRP A 1 178 ? 2.181   -2.922  -13.285 1.00 17.67 ? 171 TRP A CE2 1 
ATOM   1305 C CE3 . TRP A 1 178 ? 3.670   -3.806  -11.592 1.00 13.61 ? 171 TRP A CE3 1 
ATOM   1306 C CZ2 . TRP A 1 178 ? 3.099   -1.904  -13.580 1.00 17.18 ? 171 TRP A CZ2 1 
ATOM   1307 C CZ3 . TRP A 1 178 ? 4.582   -2.785  -11.877 1.00 16.39 ? 171 TRP A CZ3 1 
ATOM   1308 C CH2 . TRP A 1 178 ? 4.300   -1.840  -12.869 1.00 16.03 ? 171 TRP A CH2 1 
ATOM   1309 N N   . ILE A 1 179 ? 2.097   -7.793  -9.201  1.00 8.75  ? 172 ILE A N   1 
ATOM   1310 C CA  . ILE A 1 179 ? 1.820   -8.532  -7.974  1.00 8.20  ? 172 ILE A CA  1 
ATOM   1311 C C   . ILE A 1 179 ? 1.387   -7.466  -6.968  1.00 10.25 ? 172 ILE A C   1 
ATOM   1312 O O   . ILE A 1 179 ? 2.150   -6.516  -6.699  1.00 10.55 ? 172 ILE A O   1 
ATOM   1313 C CB  . ILE A 1 179 ? 3.111   -9.264  -7.481  1.00 8.88  ? 172 ILE A CB  1 
ATOM   1314 C CG1 . ILE A 1 179 ? 3.657   -10.191 -8.566  1.00 8.47  ? 172 ILE A CG1 1 
ATOM   1315 C CG2 . ILE A 1 179 ? 2.789   -10.059 -6.227  1.00 4.51  ? 172 ILE A CG2 1 
ATOM   1316 C CD1 . ILE A 1 179 ? 5.116   -10.671 -8.345  1.00 12.59 ? 172 ILE A CD1 1 
ATOM   1317 N N   . ILE A 1 180 ? 0.191   -7.585  -6.397  1.00 9.73  ? 173 ILE A N   1 
ATOM   1318 C CA  . ILE A 1 180 ? -0.346  -6.579  -5.475  1.00 10.62 ? 173 ILE A CA  1 
ATOM   1319 C C   . ILE A 1 180 ? -0.738  -7.179  -4.119  1.00 9.41  ? 173 ILE A C   1 
ATOM   1320 O O   . ILE A 1 180 ? -1.417  -8.217  -4.053  1.00 9.28  ? 173 ILE A O   1 
ATOM   1321 C CB  . ILE A 1 180 ? -1.584  -5.902  -6.149  1.00 9.36  ? 173 ILE A CB  1 
ATOM   1322 C CG1 . ILE A 1 180 ? -1.181  -5.128  -7.386  1.00 10.66 ? 173 ILE A CG1 1 
ATOM   1323 C CG2 . ILE A 1 180 ? -2.241  -4.969  -5.161  1.00 12.00 ? 173 ILE A CG2 1 
ATOM   1324 C CD1 . ILE A 1 180 ? -2.371  -4.703  -8.262  1.00 11.66 ? 173 ILE A CD1 1 
ATOM   1325 N N   . LYS A 1 181 ? -0.250  -6.551  -3.051  1.00 6.99  ? 174 LYS A N   1 
ATOM   1326 C CA  . LYS A 1 181 ? -0.606  -6.858  -1.680  1.00 8.55  ? 174 LYS A CA  1 
ATOM   1327 C C   . LYS A 1 181 ? -1.949  -6.203  -1.338  1.00 10.76 ? 174 LYS A C   1 
ATOM   1328 O O   . LYS A 1 181 ? -2.090  -4.983  -1.538  1.00 9.66  ? 174 LYS A O   1 
ATOM   1329 C CB  . LYS A 1 181 ? 0.457   -6.318  -0.712  1.00 5.83  ? 174 LYS A CB  1 
ATOM   1330 C CG  . LYS A 1 181 ? 0.259   -6.750  0.751   1.00 4.60  ? 174 LYS A CG  1 
ATOM   1331 C CD  . LYS A 1 181 ? 1.285   -6.083  1.671   1.00 5.57  ? 174 LYS A CD  1 
ATOM   1332 C CE  . LYS A 1 181 ? 1.242   -6.774  3.039   1.00 3.65  ? 174 LYS A CE  1 
ATOM   1333 N NZ  . LYS A 1 181 ? 2.155   -6.165  3.988   1.00 10.43 ? 174 LYS A NZ  1 
ATOM   1334 N N   . ASN A 1 182 ? -2.937  -6.957  -0.842  1.00 12.31 ? 175 ASN A N   1 
ATOM   1335 C CA  . ASN A 1 182 ? -4.210  -6.359  -0.465  1.00 11.59 ? 175 ASN A CA  1 
ATOM   1336 C C   . ASN A 1 182 ? -4.375  -6.458  1.056   1.00 13.16 ? 175 ASN A C   1 
ATOM   1337 O O   . ASN A 1 182 ? -3.511  -7.036  1.729   1.00 10.47 ? 175 ASN A O   1 
ATOM   1338 C CB  . ASN A 1 182 ? -5.318  -7.096  -1.186  1.00 10.27 ? 175 ASN A CB  1 
ATOM   1339 C CG  . ASN A 1 182 ? -6.668  -6.392  -1.174  1.00 14.07 ? 175 ASN A CG  1 
ATOM   1340 O OD1 . ASN A 1 182 ? -6.829  -5.233  -0.784  1.00 12.52 ? 175 ASN A OD1 1 
ATOM   1341 N ND2 . ASN A 1 182 ? -7.728  -7.073  -1.565  1.00 11.72 ? 175 ASN A ND2 1 
ATOM   1342 N N   . SER A 1 183 ? -5.420  -5.835  1.625   1.00 11.26 ? 176 SER A N   1 
ATOM   1343 C CA  . SER A 1 183 ? -5.645  -5.850  3.053   1.00 10.39 ? 176 SER A CA  1 
ATOM   1344 C C   . SER A 1 183 ? -6.945  -6.558  3.451   1.00 10.57 ? 176 SER A C   1 
ATOM   1345 O O   . SER A 1 183 ? -7.671  -6.115  4.350   1.00 10.45 ? 176 SER A O   1 
ATOM   1346 C CB  . SER A 1 183 ? -5.625  -4.401  3.508   1.00 8.75  ? 176 SER A CB  1 
ATOM   1347 O OG  . SER A 1 183 ? -6.480  -3.614  2.683   1.00 12.14 ? 176 SER A OG  1 
ATOM   1348 N N   . TRP A 1 184 ? -7.260  -7.676  2.795   1.00 11.32 ? 177 TRP A N   1 
ATOM   1349 C CA  . TRP A 1 184 ? -8.462  -8.466  3.077   1.00 12.35 ? 177 TRP A CA  1 
ATOM   1350 C C   . TRP A 1 184 ? -8.158  -9.871  3.647   1.00 13.36 ? 177 TRP A C   1 
ATOM   1351 O O   . TRP A 1 184 ? -8.818  -10.869 3.362   1.00 14.23 ? 177 TRP A O   1 
ATOM   1352 C CB  . TRP A 1 184 ? -9.292  -8.601  1.798   1.00 9.56  ? 177 TRP A CB  1 
ATOM   1353 C CG  . TRP A 1 184 ? -9.930  -7.317  1.252   1.00 12.95 ? 177 TRP A CG  1 
ATOM   1354 C CD1 . TRP A 1 184 ? -9.990  -6.154  1.992   1.00 11.80 ? 177 TRP A CD1 1 
ATOM   1355 C CD2 . TRP A 1 184 ? -10.495 -7.166  0.006   1.00 10.28 ? 177 TRP A CD2 1 
ATOM   1356 N NE1 . TRP A 1 184 ? -10.583 -5.281  1.221   1.00 10.50 ? 177 TRP A NE1 1 
ATOM   1357 C CE2 . TRP A 1 184 ? -10.901 -5.821  0.026   1.00 11.43 ? 177 TRP A CE2 1 
ATOM   1358 C CE3 . TRP A 1 184 ? -10.723 -7.938  -1.137  1.00 9.12  ? 177 TRP A CE3 1 
ATOM   1359 C CZ2 . TRP A 1 184 ? -11.534 -5.244  -1.079  1.00 13.39 ? 177 TRP A CZ2 1 
ATOM   1360 C CZ3 . TRP A 1 184 ? -11.345 -7.366  -2.250  1.00 10.40 ? 177 TRP A CZ3 1 
ATOM   1361 C CH2 . TRP A 1 184 ? -11.756 -6.025  -2.221  1.00 12.88 ? 177 TRP A CH2 1 
ATOM   1362 N N   . THR A 1 185 ? -7.127  -9.963  4.486   1.00 12.59 ? 178 THR A N   1 
ATOM   1363 C CA  . THR A 1 185 ? -6.591  -11.173 5.115   1.00 13.45 ? 178 THR A CA  1 
ATOM   1364 C C   . THR A 1 185 ? -5.995  -12.152 4.091   1.00 13.65 ? 178 THR A C   1 
ATOM   1365 O O   . THR A 1 185 ? -6.069  -11.954 2.871   1.00 12.24 ? 178 THR A O   1 
ATOM   1366 C CB  . THR A 1 185 ? -7.641  -12.010 6.024   1.00 16.08 ? 178 THR A CB  1 
ATOM   1367 O OG1 . THR A 1 185 ? -8.303  -12.976 5.208   1.00 16.77 ? 178 THR A OG1 1 
ATOM   1368 C CG2 . THR A 1 185 ? -8.656  -11.128 6.729   1.00 14.16 ? 178 THR A CG2 1 
ATOM   1369 N N   . THR A 1 186 ? -5.334  -13.207 4.591   1.00 12.87 ? 179 THR A N   1 
ATOM   1370 C CA  . THR A 1 186 ? -4.737  -14.245 3.753   1.00 13.80 ? 179 THR A CA  1 
ATOM   1371 C C   . THR A 1 186 ? -5.752  -15.178 3.105   1.00 13.34 ? 179 THR A C   1 
ATOM   1372 O O   . THR A 1 186 ? -5.435  -15.901 2.155   1.00 14.95 ? 179 THR A O   1 
ATOM   1373 C CB  . THR A 1 186 ? -3.733  -15.055 4.601   1.00 15.26 ? 179 THR A CB  1 
ATOM   1374 O OG1 . THR A 1 186 ? -4.401  -15.525 5.779   1.00 19.10 ? 179 THR A OG1 1 
ATOM   1375 C CG2 . THR A 1 186 ? -2.525  -14.192 4.959   1.00 17.66 ? 179 THR A CG2 1 
ATOM   1376 N N   . GLN A 1 187 ? -6.996  -15.138 3.580   1.00 14.60 ? 180 GLN A N   1 
ATOM   1377 C CA  . GLN A 1 187 ? -8.022  -16.003 3.039   1.00 16.60 ? 180 GLN A CA  1 
ATOM   1378 C C   . GLN A 1 187 ? -8.558  -15.530 1.694   1.00 16.91 ? 180 GLN A C   1 
ATOM   1379 O O   . GLN A 1 187 ? -9.352  -16.245 1.072   1.00 19.77 ? 180 GLN A O   1 
ATOM   1380 C CB  . GLN A 1 187 ? -9.169  -16.113 4.038   1.00 18.96 ? 180 GLN A CB  1 
ATOM   1381 C CG  . GLN A 1 187 ? -8.807  -16.823 5.332   1.00 26.26 ? 180 GLN A CG  1 
ATOM   1382 C CD  . GLN A 1 187 ? -8.278  -18.235 5.132   1.00 32.85 ? 180 GLN A CD  1 
ATOM   1383 O OE1 . GLN A 1 187 ? -8.952  -19.140 4.605   1.00 36.18 ? 180 GLN A OE1 1 
ATOM   1384 N NE2 . GLN A 1 187 ? -7.056  -18.488 5.572   1.00 34.33 ? 180 GLN A NE2 1 
ATOM   1385 N N   . TRP A 1 188 ? -8.206  -14.330 1.234   1.00 15.06 ? 181 TRP A N   1 
ATOM   1386 C CA  . TRP A 1 188 ? -8.660  -13.818 -0.053  1.00 13.46 ? 181 TRP A CA  1 
ATOM   1387 C C   . TRP A 1 188 ? -7.519  -13.982 -1.050  1.00 13.72 ? 181 TRP A C   1 
ATOM   1388 O O   . TRP A 1 188 ? -6.347  -13.840 -0.685  1.00 15.36 ? 181 TRP A O   1 
ATOM   1389 C CB  . TRP A 1 188 ? -9.036  -12.317 0.054   1.00 11.23 ? 181 TRP A CB  1 
ATOM   1390 C CG  . TRP A 1 188 ? -9.357  -11.634 -1.273  1.00 10.64 ? 181 TRP A CG  1 
ATOM   1391 C CD1 . TRP A 1 188 ? -10.623 -11.685 -1.805  1.00 10.06 ? 181 TRP A CD1 1 
ATOM   1392 C CD2 . TRP A 1 188 ? -8.471  -10.956 -2.065  1.00 9.13  ? 181 TRP A CD2 1 
ATOM   1393 N NE1 . TRP A 1 188 ? -10.538 -11.053 -2.953  1.00 8.40  ? 181 TRP A NE1 1 
ATOM   1394 C CE2 . TRP A 1 188 ? -9.285  -10.597 -3.140  1.00 10.77 ? 181 TRP A CE2 1 
ATOM   1395 C CE3 . TRP A 1 188 ? -7.124  -10.596 -2.058  1.00 8.79  ? 181 TRP A CE3 1 
ATOM   1396 C CZ2 . TRP A 1 188 ? -8.745  -9.884  -4.213  1.00 11.05 ? 181 TRP A CZ2 1 
ATOM   1397 C CZ3 . TRP A 1 188 ? -6.599  -9.874  -3.126  1.00 9.45  ? 181 TRP A CZ3 1 
ATOM   1398 C CH2 . TRP A 1 188 ? -7.403  -9.514  -4.202  1.00 7.16  ? 181 TRP A CH2 1 
ATOM   1399 N N   . GLY A 1 189 ? -7.829  -14.190 -2.326  1.00 10.89 ? 182 GLY A N   1 
ATOM   1400 C CA  . GLY A 1 189 ? -6.842  -14.272 -3.386  1.00 14.52 ? 182 GLY A CA  1 
ATOM   1401 C C   . GLY A 1 189 ? -5.774  -15.339 -3.185  1.00 14.45 ? 182 GLY A C   1 
ATOM   1402 O O   . GLY A 1 189 ? -6.060  -16.431 -2.699  1.00 14.67 ? 182 GLY A O   1 
ATOM   1403 N N   . GLU A 1 190 ? -4.541  -15.019 -3.569  1.00 14.67 ? 183 GLU A N   1 
ATOM   1404 C CA  . GLU A 1 190 ? -3.417  -15.934 -3.443  1.00 15.01 ? 183 GLU A CA  1 
ATOM   1405 C C   . GLU A 1 190 ? -2.676  -15.550 -2.180  1.00 15.27 ? 183 GLU A C   1 
ATOM   1406 O O   . GLU A 1 190 ? -1.676  -14.809 -2.183  1.00 14.52 ? 183 GLU A O   1 
ATOM   1407 C CB  . GLU A 1 190 ? -2.489  -15.818 -4.648  1.00 13.62 ? 183 GLU A CB  1 
ATOM   1408 C CG  . GLU A 1 190 ? -3.109  -16.206 -5.984  1.00 15.58 ? 183 GLU A CG  1 
ATOM   1409 C CD  . GLU A 1 190 ? -2.169  -16.170 -7.174  1.00 18.05 ? 183 GLU A CD  1 
ATOM   1410 O OE1 . GLU A 1 190 ? -1.158  -15.482 -7.158  1.00 19.68 ? 183 GLU A OE1 1 
ATOM   1411 O OE2 . GLU A 1 190 ? -2.430  -16.833 -8.174  1.00 20.68 ? 183 GLU A OE2 1 
ATOM   1412 N N   . GLU A 1 191 ? -3.245  -16.047 -1.080  1.00 13.92 ? 184 GLU A N   1 
ATOM   1413 C CA  . GLU A 1 191 ? -2.780  -15.764 0.272   1.00 16.42 ? 184 GLU A CA  1 
ATOM   1414 C C   . GLU A 1 191 ? -2.704  -14.253 0.553   1.00 15.96 ? 184 GLU A C   1 
ATOM   1415 O O   . GLU A 1 191 ? -1.736  -13.703 1.083   1.00 15.23 ? 184 GLU A O   1 
ATOM   1416 C CB  . GLU A 1 191 ? -1.415  -16.396 0.503   1.00 18.53 ? 184 GLU A CB  1 
ATOM   1417 C CG  . GLU A 1 191 ? -1.527  -17.892 0.446   1.00 31.47 ? 184 GLU A CG  1 
ATOM   1418 C CD  . GLU A 1 191 ? -0.581  -18.506 1.452   1.00 39.93 ? 184 GLU A CD  1 
ATOM   1419 O OE1 . GLU A 1 191 ? -0.941  -18.576 2.632   1.00 43.56 ? 184 GLU A OE1 1 
ATOM   1420 O OE2 . GLU A 1 191 ? 0.513   -18.899 1.048   1.00 43.99 ? 184 GLU A OE2 1 
ATOM   1421 N N   . GLY A 1 192 ? -3.758  -13.536 0.171   1.00 14.01 ? 185 GLY A N   1 
ATOM   1422 C CA  . GLY A 1 192 ? -3.837  -12.099 0.383   1.00 13.53 ? 185 GLY A CA  1 
ATOM   1423 C C   . GLY A 1 192 ? -3.327  -11.274 -0.787  1.00 11.68 ? 185 GLY A C   1 
ATOM   1424 O O   . GLY A 1 192 ? -3.447  -10.044 -0.765  1.00 11.91 ? 185 GLY A O   1 
ATOM   1425 N N   . TYR A 1 193 ? -2.730  -11.915 -1.800  1.00 9.93  ? 186 TYR A N   1 
ATOM   1426 C CA  . TYR A 1 193 ? -2.191  -11.238 -2.976  1.00 9.33  ? 186 TYR A CA  1 
ATOM   1427 C C   . TYR A 1 193 ? -3.044  -11.405 -4.204  1.00 8.00  ? 186 TYR A C   1 
ATOM   1428 O O   . TYR A 1 193 ? -3.859  -12.325 -4.235  1.00 10.65 ? 186 TYR A O   1 
ATOM   1429 C CB  . TYR A 1 193 ? -0.786  -11.759 -3.327  1.00 10.14 ? 186 TYR A CB  1 
ATOM   1430 C CG  . TYR A 1 193 ? 0.232   -11.229 -2.341  1.00 8.71  ? 186 TYR A CG  1 
ATOM   1431 C CD1 . TYR A 1 193 ? 0.390   -11.862 -1.114  1.00 8.29  ? 186 TYR A CD1 1 
ATOM   1432 C CD2 . TYR A 1 193 ? 0.926   -10.059 -2.648  1.00 10.67 ? 186 TYR A CD2 1 
ATOM   1433 C CE1 . TYR A 1 193 ? 1.247   -11.310 -0.174  1.00 8.32  ? 186 TYR A CE1 1 
ATOM   1434 C CE2 . TYR A 1 193 ? 1.789   -9.503  -1.709  1.00 10.74 ? 186 TYR A CE2 1 
ATOM   1435 C CZ  . TYR A 1 193 ? 1.936   -10.139 -0.481  1.00 11.57 ? 186 TYR A CZ  1 
ATOM   1436 O OH  . TYR A 1 193 ? 2.773   -9.610  0.465   1.00 13.95 ? 186 TYR A OH  1 
ATOM   1437 N N   . ILE A 1 194 ? -2.860  -10.537 -5.198  1.00 9.91  ? 187 ILE A N   1 
ATOM   1438 C CA  . ILE A 1 194 ? -3.527  -10.657 -6.491  1.00 11.06 ? 187 ILE A CA  1 
ATOM   1439 C C   . ILE A 1 194 ? -2.542  -10.337 -7.607  1.00 10.58 ? 187 ILE A C   1 
ATOM   1440 O O   . ILE A 1 194 ? -1.679  -9.472  -7.451  1.00 11.28 ? 187 ILE A O   1 
ATOM   1441 C CB  . ILE A 1 194 ? -4.793  -9.702  -6.538  1.00 10.81 ? 187 ILE A CB  1 
ATOM   1442 C CG1 . ILE A 1 194 ? -5.481  -9.790  -7.896  1.00 12.54 ? 187 ILE A CG1 1 
ATOM   1443 C CG2 . ILE A 1 194 ? -4.392  -8.247  -6.288  1.00 11.46 ? 187 ILE A CG2 1 
ATOM   1444 C CD1 . ILE A 1 194 ? -6.871  -9.114  -7.988  1.00 11.77 ? 187 ILE A CD1 1 
ATOM   1445 N N   . ARG A 1 195 ? -2.631  -11.059 -8.715  1.00 11.82 ? 188 ARG A N   1 
ATOM   1446 C CA  . ARG A 1 195 ? -1.838  -10.785 -9.900  1.00 11.94 ? 188 ARG A CA  1 
ATOM   1447 C C   . ARG A 1 195 ? -2.773  -10.331 -11.002 1.00 11.47 ? 188 ARG A C   1 
ATOM   1448 O O   . ARG A 1 195 ? -3.778  -10.996 -11.272 1.00 11.82 ? 188 ARG A O   1 
ATOM   1449 C CB  . ARG A 1 195 ? -1.085  -12.040 -10.337 1.00 12.70 ? 188 ARG A CB  1 
ATOM   1450 C CG  . ARG A 1 195 ? 0.085   -12.232 -9.397  1.00 12.89 ? 188 ARG A CG  1 
ATOM   1451 C CD  . ARG A 1 195 ? 0.329   -13.687 -9.090  1.00 19.51 ? 188 ARG A CD  1 
ATOM   1452 N NE  . ARG A 1 195 ? 0.904   -14.443 -10.184 1.00 20.74 ? 188 ARG A NE  1 
ATOM   1453 C CZ  . ARG A 1 195 ? 0.476   -15.669 -10.535 1.00 18.34 ? 188 ARG A CZ  1 
ATOM   1454 N NH1 . ARG A 1 195 ? -0.505  -16.269 -9.876  1.00 20.01 ? 188 ARG A NH1 1 
ATOM   1455 N NH2 . ARG A 1 195 ? 1.077   -16.287 -11.561 1.00 19.91 ? 188 ARG A NH2 1 
ATOM   1456 N N   . ILE A 1 196 ? -2.493  -9.200  -11.632 1.00 10.75 ? 189 ILE A N   1 
ATOM   1457 C CA  . ILE A 1 196 ? -3.356  -8.693  -12.690 1.00 13.50 ? 189 ILE A CA  1 
ATOM   1458 C C   . ILE A 1 196 ? -2.464  -8.497  -13.900 1.00 12.62 ? 189 ILE A C   1 
ATOM   1459 O O   . ILE A 1 196 ? -1.262  -8.255  -13.726 1.00 13.50 ? 189 ILE A O   1 
ATOM   1460 C CB  . ILE A 1 196 ? -4.041  -7.314  -12.343 1.00 12.79 ? 189 ILE A CB  1 
ATOM   1461 C CG1 . ILE A 1 196 ? -3.029  -6.206  -12.037 1.00 11.99 ? 189 ILE A CG1 1 
ATOM   1462 C CG2 . ILE A 1 196 ? -4.959  -7.531  -11.136 1.00 12.67 ? 189 ILE A CG2 1 
ATOM   1463 C CD1 . ILE A 1 196 ? -3.686  -4.833  -11.871 1.00 9.04  ? 189 ILE A CD1 1 
ATOM   1464 N N   . ALA A 1 197 ? -2.999  -8.619  -15.119 1.00 14.33 ? 190 ALA A N   1 
ATOM   1465 C CA  . ALA A 1 197 ? -2.223  -8.413  -16.340 1.00 14.78 ? 190 ALA A CA  1 
ATOM   1466 C C   . ALA A 1 197 ? -1.598  -7.015  -16.355 1.00 15.44 ? 190 ALA A C   1 
ATOM   1467 O O   . ALA A 1 197 ? -2.225  -6.040  -15.924 1.00 14.51 ? 190 ALA A O   1 
ATOM   1468 C CB  . ALA A 1 197 ? -3.120  -8.561  -17.559 1.00 12.33 ? 190 ALA A CB  1 
ATOM   1469 N N   . LYS A 1 198 ? -0.331  -6.909  -16.750 1.00 12.78 ? 191 LYS A N   1 
ATOM   1470 C CA  . LYS A 1 198 ? 0.420   -5.669  -16.824 1.00 13.37 ? 191 LYS A CA  1 
ATOM   1471 C C   . LYS A 1 198 ? 0.496   -5.160  -18.265 1.00 13.29 ? 191 LYS A C   1 
ATOM   1472 O O   . LYS A 1 198 ? 0.608   -5.954  -19.203 1.00 13.12 ? 191 LYS A O   1 
ATOM   1473 C CB  . LYS A 1 198 ? 1.827   -5.913  -16.261 1.00 13.84 ? 191 LYS A CB  1 
ATOM   1474 C CG  . LYS A 1 198 ? 2.874   -4.814  -16.490 1.00 15.58 ? 191 LYS A CG  1 
ATOM   1475 C CD  . LYS A 1 198 ? 4.123   -5.097  -15.672 1.00 16.82 ? 191 LYS A CD  1 
ATOM   1476 C CE  . LYS A 1 198 ? 5.216   -4.068  -15.958 1.00 14.62 ? 191 LYS A CE  1 
ATOM   1477 N NZ  . LYS A 1 198 ? 6.050   -4.458  -17.077 1.00 17.81 ? 191 LYS A NZ  1 
ATOM   1478 N N   . GLY A 1 199 ? 0.389   -3.854  -18.483 1.00 15.29 ? 192 GLY A N   1 
ATOM   1479 C CA  . GLY A 1 199 ? 0.526   -3.264  -19.805 1.00 17.52 ? 192 GLY A CA  1 
ATOM   1480 C C   . GLY A 1 199 ? -0.780  -2.827  -20.454 1.00 19.44 ? 192 GLY A C   1 
ATOM   1481 O O   . GLY A 1 199 ? -0.778  -2.514  -21.650 1.00 20.41 ? 192 GLY A O   1 
ATOM   1482 N N   . SER A 1 200 ? -1.915  -2.805  -19.750 1.00 19.86 ? 193 SER A N   1 
ATOM   1483 C CA  . SER A 1 200 ? -3.184  -2.428  -20.364 1.00 17.51 ? 193 SER A CA  1 
ATOM   1484 C C   . SER A 1 200 ? -4.082  -1.686  -19.382 1.00 17.56 ? 193 SER A C   1 
ATOM   1485 O O   . SER A 1 200 ? -5.304  -1.665  -19.506 1.00 17.22 ? 193 SER A O   1 
ATOM   1486 C CB  . SER A 1 200 ? -3.888  -3.687  -20.880 1.00 17.39 ? 193 SER A CB  1 
ATOM   1487 O OG  . SER A 1 200 ? -3.607  -4.806  -20.056 1.00 18.45 ? 193 SER A OG  1 
ATOM   1488 N N   . ASN A 1 201 ? -3.474  -1.055  -18.380 1.00 14.99 ? 198 ASN A N   1 
ATOM   1489 C CA  . ASN A 1 201 ? -4.127  -0.319  -17.314 1.00 15.00 ? 198 ASN A CA  1 
ATOM   1490 C C   . ASN A 1 201 ? -5.295  -1.062  -16.672 1.00 15.46 ? 198 ASN A C   1 
ATOM   1491 O O   . ASN A 1 201 ? -6.381  -0.521  -16.398 1.00 15.91 ? 198 ASN A O   1 
ATOM   1492 C CB  . ASN A 1 201 ? -4.597  1.041   -17.854 1.00 14.89 ? 198 ASN A CB  1 
ATOM   1493 C CG  . ASN A 1 201 ? -4.852  2.044   -16.745 1.00 9.99  ? 198 ASN A CG  1 
ATOM   1494 O OD1 . ASN A 1 201 ? -4.355  1.928   -15.630 1.00 9.94  ? 198 ASN A OD1 1 
ATOM   1495 N ND2 . ASN A 1 201 ? -5.625  3.077   -17.001 1.00 12.93 ? 198 ASN A ND2 1 
ATOM   1496 N N   . GLN A 1 202 ? -5.011  -2.324  -16.344 1.00 14.57 ? 199 GLN A N   1 
ATOM   1497 C CA  . GLN A 1 202 ? -5.986  -3.219  -15.740 1.00 12.32 ? 199 GLN A CA  1 
ATOM   1498 C C   . GLN A 1 202 ? -6.340  -2.678  -14.368 1.00 13.12 ? 199 GLN A C   1 
ATOM   1499 O O   . GLN A 1 202 ? -5.464  -2.324  -13.593 1.00 12.40 ? 199 GLN A O   1 
ATOM   1500 C CB  . GLN A 1 202 ? -5.422  -4.625  -15.574 1.00 16.28 ? 199 GLN A CB  1 
ATOM   1501 C CG  . GLN A 1 202 ? -5.286  -5.385  -16.883 1.00 16.93 ? 199 GLN A CG  1 
ATOM   1502 C CD  . GLN A 1 202 ? -6.599  -5.504  -17.621 1.00 18.87 ? 199 GLN A CD  1 
ATOM   1503 O OE1 . GLN A 1 202 ? -6.728  -5.155  -18.783 1.00 20.89 ? 199 GLN A OE1 1 
ATOM   1504 N NE2 . GLN A 1 202 ? -7.658  -5.964  -16.978 1.00 17.35 ? 199 GLN A NE2 1 
ATOM   1505 N N   . CYS A 1 203 ? -7.630  -2.513  -14.090 1.00 11.88 ? 200 CYS A N   1 
ATOM   1506 C CA  . CYS A 1 203 ? -8.124  -1.985  -12.824 1.00 11.06 ? 200 CYS A CA  1 
ATOM   1507 C C   . CYS A 1 203 ? -7.659  -0.541  -12.587 1.00 12.77 ? 200 CYS A C   1 
ATOM   1508 O O   . CYS A 1 203 ? -7.729  -0.042  -11.462 1.00 11.47 ? 200 CYS A O   1 
ATOM   1509 C CB  . CYS A 1 203 ? -7.652  -2.856  -11.644 1.00 11.79 ? 200 CYS A CB  1 
ATOM   1510 S SG  . CYS A 1 203 ? -7.760  -4.650  -11.847 1.00 13.94 ? 200 CYS A SG  1 
ATOM   1511 N N   . LEU A 1 204 ? -7.253  0.165   -13.657 1.00 13.37 ? 201 LEU A N   1 
ATOM   1512 C CA  . LEU A 1 204 ? -6.729  1.532   -13.585 1.00 14.36 ? 201 LEU A CA  1 
ATOM   1513 C C   . LEU A 1 204 ? -5.488  1.667   -12.695 1.00 13.33 ? 201 LEU A C   1 
ATOM   1514 O O   . LEU A 1 204 ? -5.203  2.717   -12.120 1.00 11.17 ? 201 LEU A O   1 
ATOM   1515 C CB  . LEU A 1 204 ? -7.846  2.488   -13.094 1.00 15.31 ? 201 LEU A CB  1 
ATOM   1516 C CG  . LEU A 1 204 ? -9.142  2.532   -13.905 1.00 11.80 ? 201 LEU A CG  1 
ATOM   1517 C CD1 . LEU A 1 204 ? -10.147 3.365   -13.126 1.00 16.14 ? 201 LEU A CD1 1 
ATOM   1518 C CD2 . LEU A 1 204 ? -8.895  3.094   -15.310 1.00 12.30 ? 201 LEU A CD2 1 
ATOM   1519 N N   . VAL A 1 205 ? -4.662  0.615   -12.695 1.00 13.64 ? 202 VAL A N   1 
ATOM   1520 C CA  . VAL A 1 205 ? -3.479  0.532   -11.844 1.00 14.87 ? 202 VAL A CA  1 
ATOM   1521 C C   . VAL A 1 205 ? -2.450  1.648   -12.042 1.00 15.11 ? 202 VAL A C   1 
ATOM   1522 O O   . VAL A 1 205 ? -1.729  1.998   -11.095 1.00 15.45 ? 202 VAL A O   1 
ATOM   1523 C CB  . VAL A 1 205 ? -2.854  -0.890  -12.063 1.00 13.82 ? 202 VAL A CB  1 
ATOM   1524 C CG1 . VAL A 1 205 ? -2.200  -1.002  -13.429 1.00 12.14 ? 202 VAL A CG1 1 
ATOM   1525 C CG2 . VAL A 1 205 ? -1.889  -1.185  -10.931 1.00 11.50 ? 202 VAL A CG2 1 
ATOM   1526 N N   . LYS A 1 206 ? -2.402  2.297   -13.210 1.00 12.98 ? 203 LYS A N   1 
ATOM   1527 C CA  . LYS A 1 206 ? -1.378  3.301   -13.429 1.00 14.00 ? 203 LYS A CA  1 
ATOM   1528 C C   . LYS A 1 206 ? -1.758  4.710   -12.967 1.00 14.73 ? 203 LYS A C   1 
ATOM   1529 O O   . LYS A 1 206 ? -0.893  5.591   -12.943 1.00 15.85 ? 203 LYS A O   1 
ATOM   1530 C CB  . LYS A 1 206 ? -1.029  3.324   -14.922 1.00 12.54 ? 203 LYS A CB  1 
ATOM   1531 C CG  . LYS A 1 206 ? -1.980  4.172   -15.743 1.00 14.17 ? 203 LYS A CG  1 
ATOM   1532 C CD  . LYS A 1 206 ? -1.642  3.974   -17.173 1.00 17.18 ? 203 LYS A CD  1 
ATOM   1533 C CE  . LYS A 1 206 ? -2.426  4.982   -17.975 1.00 18.17 ? 203 LYS A CE  1 
ATOM   1534 N NZ  . LYS A 1 206 ? -1.939  4.772   -19.321 1.00 24.93 ? 203 LYS A NZ  1 
ATOM   1535 N N   . GLU A 1 207 ? -3.023  4.924   -12.594 1.00 13.53 ? 204 GLU A N   1 
ATOM   1536 C CA  . GLU A 1 207 ? -3.510  6.276   -12.429 1.00 14.27 ? 204 GLU A CA  1 
ATOM   1537 C C   . GLU A 1 207 ? -3.082  7.075   -11.216 1.00 13.01 ? 204 GLU A C   1 
ATOM   1538 O O   . GLU A 1 207 ? -2.939  8.287   -11.363 1.00 12.16 ? 204 GLU A O   1 
ATOM   1539 C CB  . GLU A 1 207 ? -5.057  6.279   -12.496 1.00 12.40 ? 204 GLU A CB  1 
ATOM   1540 C CG  . GLU A 1 207 ? -5.666  5.758   -13.816 1.00 16.60 ? 204 GLU A CG  1 
ATOM   1541 C CD  . GLU A 1 207 ? -5.229  6.396   -15.132 1.00 20.26 ? 204 GLU A CD  1 
ATOM   1542 O OE1 . GLU A 1 207 ? -4.732  7.526   -15.162 1.00 26.54 ? 204 GLU A OE1 1 
ATOM   1543 O OE2 . GLU A 1 207 ? -5.376  5.746   -16.167 1.00 20.01 ? 204 GLU A OE2 1 
ATOM   1544 N N   . GLU A 1 208 ? -2.841  6.459   -10.067 1.00 10.55 ? 205 GLU A N   1 
ATOM   1545 C CA  . GLU A 1 208 ? -2.551  7.194   -8.850  1.00 11.65 ? 205 GLU A CA  1 
ATOM   1546 C C   . GLU A 1 208 ? -1.447  6.467   -8.068  1.00 12.10 ? 205 GLU A C   1 
ATOM   1547 O O   . GLU A 1 208 ? -1.648  5.914   -6.983  1.00 9.15  ? 205 GLU A O   1 
ATOM   1548 C CB  . GLU A 1 208 ? -3.882  7.290   -8.098  1.00 15.98 ? 205 GLU A CB  1 
ATOM   1549 C CG  . GLU A 1 208 ? -3.987  8.401   -7.059  1.00 27.59 ? 205 GLU A CG  1 
ATOM   1550 C CD  . GLU A 1 208 ? -3.836  9.810   -7.617  1.00 29.93 ? 205 GLU A CD  1 
ATOM   1551 O OE1 . GLU A 1 208 ? -4.581  10.166  -8.531  1.00 32.65 ? 205 GLU A OE1 1 
ATOM   1552 O OE2 . GLU A 1 208 ? -2.981  10.537  -7.098  1.00 36.56 ? 205 GLU A OE2 1 
ATOM   1553 N N   . ALA A 1 209 ? -0.232  6.443   -8.619  1.00 11.46 ? 206 ALA A N   1 
ATOM   1554 C CA  . ALA A 1 209 ? 0.868   5.730   -7.993  1.00 12.79 ? 206 ALA A CA  1 
ATOM   1555 C C   . ALA A 1 209 ? 1.800   6.687   -7.254  1.00 11.62 ? 206 ALA A C   1 
ATOM   1556 O O   . ALA A 1 209 ? 2.220   7.694   -7.817  1.00 11.71 ? 206 ALA A O   1 
ATOM   1557 C CB  . ALA A 1 209 ? 1.653   4.984   -9.060  1.00 7.27  ? 206 ALA A CB  1 
ATOM   1558 N N   . SER A 1 210 ? 2.192   6.417   -6.017  1.00 12.74 ? 207 SER A N   1 
ATOM   1559 C CA  . SER A 1 210 ? 3.109   7.287   -5.306  1.00 13.65 ? 207 SER A CA  1 
ATOM   1560 C C   . SER A 1 210 ? 3.957   6.504   -4.307  1.00 13.95 ? 207 SER A C   1 
ATOM   1561 O O   . SER A 1 210 ? 3.724   5.297   -4.107  1.00 11.76 ? 207 SER A O   1 
ATOM   1562 C CB  . SER A 1 210 ? 2.304   8.383   -4.587  1.00 15.01 ? 207 SER A CB  1 
ATOM   1563 O OG  . SER A 1 210 ? 1.308   7.816   -3.752  1.00 19.07 ? 207 SER A OG  1 
ATOM   1564 N N   . SER A 1 211 ? 4.969   7.141   -3.717  1.00 10.39 ? 208 SER A N   1 
ATOM   1565 C CA  . SER A 1 211 ? 5.790   6.506   -2.717  1.00 12.41 ? 208 SER A CA  1 
ATOM   1566 C C   . SER A 1 211 ? 6.316   7.562   -1.757  1.00 13.15 ? 208 SER A C   1 
ATOM   1567 O O   . SER A 1 211 ? 6.490   8.723   -2.134  1.00 11.96 ? 208 SER A O   1 
ATOM   1568 C CB  . SER A 1 211 ? 6.987   5.793   -3.354  1.00 9.25  ? 208 SER A CB  1 
ATOM   1569 O OG  . SER A 1 211 ? 7.627   4.988   -2.376  1.00 12.23 ? 208 SER A OG  1 
ATOM   1570 N N   . ALA A 1 212 ? 6.525   7.157   -0.508  1.00 12.30 ? 209 ALA A N   1 
ATOM   1571 C CA  . ALA A 1 212 ? 7.126   7.984   0.507   1.00 11.52 ? 209 ALA A CA  1 
ATOM   1572 C C   . ALA A 1 212 ? 8.626   8.001   0.227   1.00 12.85 ? 209 ALA A C   1 
ATOM   1573 O O   . ALA A 1 212 ? 9.172   7.126   -0.454  1.00 12.36 ? 209 ALA A O   1 
ATOM   1574 C CB  . ALA A 1 212 ? 6.935   7.411   1.904   1.00 9.72  ? 209 ALA A CB  1 
ATOM   1575 N N   . VAL A 1 213 ? 9.288   9.042   0.709   1.00 14.59 ? 210 VAL A N   1 
ATOM   1576 C CA  . VAL A 1 213 ? 10.724  9.174   0.573   1.00 14.86 ? 210 VAL A CA  1 
ATOM   1577 C C   . VAL A 1 213 ? 11.192  9.197   2.008   1.00 16.55 ? 210 VAL A C   1 
ATOM   1578 O O   . VAL A 1 213 ? 10.645  9.954   2.809   1.00 16.93 ? 210 VAL A O   1 
ATOM   1579 C CB  . VAL A 1 213 ? 11.091  10.493  -0.154  1.00 13.14 ? 210 VAL A CB  1 
ATOM   1580 C CG1 . VAL A 1 213 ? 12.594  10.669  -0.180  1.00 18.67 ? 210 VAL A CG1 1 
ATOM   1581 C CG2 . VAL A 1 213 ? 10.637  10.449  -1.606  1.00 13.23 ? 210 VAL A CG2 1 
ATOM   1582 N N   . VAL A 1 214 ? 12.151  8.351   2.340   1.00 19.97 ? 211 VAL A N   1 
ATOM   1583 C CA  . VAL A 1 214 ? 12.798  8.365   3.637   1.00 28.69 ? 211 VAL A CA  1 
ATOM   1584 C C   . VAL A 1 214 ? 14.230  8.751   3.270   1.00 32.29 ? 211 VAL A C   1 
ATOM   1585 O O   . VAL A 1 214 ? 14.854  8.150   2.376   1.00 34.09 ? 211 VAL A O   1 
ATOM   1586 C CB  . VAL A 1 214 ? 12.637  6.934   4.336   1.00 30.67 ? 211 VAL A CB  1 
ATOM   1587 C CG1 . VAL A 1 214 ? 12.558  5.803   3.340   1.00 30.53 ? 211 VAL A CG1 1 
ATOM   1588 C CG2 . VAL A 1 214 ? 13.837  6.657   5.236   1.00 29.88 ? 211 VAL A CG2 1 
ATOM   1589 N N   . GLY A 1 215 ? 14.674  9.843   3.883   1.00 37.07 ? 212 GLY A N   1 
ATOM   1590 C CA  . GLY A 1 215 ? 15.988  10.418  3.654   1.00 42.80 ? 212 GLY A CA  1 
ATOM   1591 C C   . GLY A 1 215 ? 16.331  11.363  4.809   1.00 46.60 ? 212 GLY A C   1 
ATOM   1592 O O   . GLY A 1 215 ? 16.798  12.488  4.574   1.00 49.52 ? 212 GLY A O   1 
ATOM   1593 O OXT . GLY A 1 215 ? 16.094  10.985  5.961   1.00 50.01 ? 212 GLY A OXT 1 
HETATM 1594 C C4  . R99 B 2 .   ? -11.298 4.581   0.539   1.00 15.66 ? 280 R99 A C4  1 
HETATM 1595 O O9  . R99 B 2 .   ? -10.319 5.200   0.958   1.00 13.53 ? 280 R99 A O9  1 
HETATM 1596 C C3  . R99 B 2 .   ? -11.644 3.260   1.165   1.00 16.23 ? 280 R99 A C3  1 
HETATM 1597 O O8  . R99 B 2 .   ? -13.054 3.038   1.184   1.00 18.37 ? 280 R99 A O8  1 
HETATM 1598 C C2  . R99 B 2 .   ? -10.856 2.089   0.535   1.00 13.93 ? 280 R99 A C2  1 
HETATM 1599 C C1  . R99 B 2 .   ? -11.296 0.776   1.105   1.00 11.12 ? 280 R99 A C1  1 
HETATM 1600 O O6  . R99 B 2 .   ? -11.363 0.641   2.424   1.00 11.88 ? 280 R99 A O6  1 
HETATM 1601 O O7  . R99 B 2 .   ? -11.471 -0.213  0.399   1.00 6.37  ? 280 R99 A O7  1 
HETATM 1602 N N5  . R99 B 2 .   ? -12.028 5.027   -0.532  1.00 23.75 ? 280 R99 A N5  1 
HETATM 1603 C C10 . R99 B 2 .   ? -11.717 6.291   -1.235  1.00 29.79 ? 280 R99 A C10 1 
HETATM 1604 C C11 . R99 B 2 .   ? -10.840 5.958   -2.396  1.00 36.44 ? 280 R99 A C11 1 
HETATM 1605 O O26 . R99 B 2 .   ? -11.053 6.309   -3.567  1.00 42.07 ? 280 R99 A O26 1 
HETATM 1606 C C12 . R99 B 2 .   ? -13.005 6.964   -1.750  1.00 31.11 ? 280 R99 A C12 1 
HETATM 1607 C C13 . R99 B 2 .   ? -13.725 7.775   -0.663  1.00 25.03 ? 280 R99 A C13 1 
HETATM 1608 C C14 . R99 B 2 .   ? -12.926 9.000   -0.252  1.00 25.62 ? 280 R99 A C14 1 
HETATM 1609 C C15 . R99 B 2 .   ? -13.115 9.518   1.038   1.00 27.71 ? 280 R99 A C15 1 
HETATM 1610 C C19 . R99 B 2 .   ? -12.021 9.652   -1.111  1.00 24.32 ? 280 R99 A C19 1 
HETATM 1611 C C16 . R99 B 2 .   ? -12.407 10.653  1.470   1.00 27.01 ? 280 R99 A C16 1 
HETATM 1612 C C18 . R99 B 2 .   ? -11.306 10.777  -0.683  1.00 26.54 ? 280 R99 A C18 1 
HETATM 1613 C C17 . R99 B 2 .   ? -11.499 11.281  0.610   1.00 27.43 ? 280 R99 A C17 1 
HETATM 1614 C C25 . R99 B 2 .   ? -5.691  7.788   -3.491  1.00 49.38 ? 280 R99 A C25 1 
HETATM 1615 C C23 . R99 B 2 .   ? -6.676  6.707   -3.892  1.00 45.57 ? 280 R99 A C23 1 
HETATM 1616 C C24 . R99 B 2 .   ? -7.521  7.228   -5.063  1.00 48.38 ? 280 R99 A C24 1 
HETATM 1617 C C22 . R99 B 2 .   ? -7.558  6.386   -2.694  1.00 44.34 ? 280 R99 A C22 1 
HETATM 1618 C C21 . R99 B 2 .   ? -8.609  5.342   -3.033  1.00 41.71 ? 280 R99 A C21 1 
HETATM 1619 N N20 . R99 B 2 .   ? -9.651  5.423   -2.009  1.00 42.27 ? 280 R99 A N20 1 
HETATM 1620 O O   . HOH C 3 .   ? 4.919   -13.957 -9.200  1.00 32.65 ? 281 HOH A O   1 
HETATM 1621 O O   . HOH C 3 .   ? 7.867   -11.909 -10.423 1.00 30.41 ? 282 HOH A O   1 
HETATM 1622 O O   . HOH C 3 .   ? 10.529  -12.531 -9.835  1.00 36.42 ? 283 HOH A O   1 
HETATM 1623 O O   . HOH C 3 .   ? 13.361  -9.807  -7.424  1.00 29.02 ? 284 HOH A O   1 
HETATM 1624 O O   . HOH C 3 .   ? -11.701 -11.454 2.924   1.00 18.62 ? 285 HOH A O   1 
HETATM 1625 O O   . HOH C 3 .   ? 1.148   -14.761 -3.634  1.00 29.68 ? 286 HOH A O   1 
HETATM 1626 O O   . HOH C 3 .   ? 0.774   -14.116 2.316   1.00 20.35 ? 287 HOH A O   1 
HETATM 1627 O O   . HOH C 3 .   ? 1.298   -12.979 5.347   1.00 28.47 ? 288 HOH A O   1 
HETATM 1628 O O   . HOH C 3 .   ? 3.507   -10.600 2.785   1.00 14.45 ? 289 HOH A O   1 
HETATM 1629 O O   . HOH C 3 .   ? 9.335   -9.980  2.187   1.00 22.02 ? 290 HOH A O   1 
HETATM 1630 O O   . HOH C 3 .   ? 9.400   -10.633 5.633   1.00 35.67 ? 291 HOH A O   1 
HETATM 1631 O O   . HOH C 3 .   ? 13.717  -8.637  6.129   1.00 13.34 ? 292 HOH A O   1 
HETATM 1632 O O   . HOH C 3 .   ? 17.843  -2.926  2.684   1.00 35.47 ? 293 HOH A O   1 
HETATM 1633 O O   . HOH C 3 .   ? 4.914   -4.199  3.934   1.00 13.11 ? 294 HOH A O   1 
HETATM 1634 O O   . HOH C 3 .   ? 1.520   -3.827  4.982   1.00 14.27 ? 295 HOH A O   1 
HETATM 1635 O O   . HOH C 3 .   ? -0.442  -2.082  5.297   1.00 15.41 ? 296 HOH A O   1 
HETATM 1636 O O   . HOH C 3 .   ? -1.047  -4.018  3.371   1.00 17.78 ? 297 HOH A O   1 
HETATM 1637 O O   . HOH C 3 .   ? -2.035  -6.394  3.940   1.00 9.99  ? 298 HOH A O   1 
HETATM 1638 O O   . HOH C 3 .   ? -4.894  -2.165  1.117   1.00 12.92 ? 299 HOH A O   1 
HETATM 1639 O O   . HOH C 3 .   ? -2.296  -3.179  0.773   1.00 17.10 ? 300 HOH A O   1 
HETATM 1640 O O   . HOH C 3 .   ? 1.731   -7.865  8.958   1.00 24.63 ? 301 HOH A O   1 
HETATM 1641 O O   . HOH C 3 .   ? -2.931  -2.866  11.948  1.00 29.63 ? 302 HOH A O   1 
HETATM 1642 O O   . HOH C 3 .   ? -2.430  -0.046  13.317  1.00 12.74 ? 303 HOH A O   1 
HETATM 1643 O O   . HOH C 3 .   ? -2.516  -4.175  14.702  1.00 17.56 ? 304 HOH A O   1 
HETATM 1644 O O   . HOH C 3 .   ? -12.106 -8.836  11.119  1.00 56.82 ? 305 HOH A O   1 
HETATM 1645 O O   . HOH C 3 .   ? 9.577   -1.505  7.968   1.00 12.65 ? 306 HOH A O   1 
HETATM 1646 O O   . HOH C 3 .   ? 11.340  6.285   -2.487  1.00 34.97 ? 307 HOH A O   1 
HETATM 1647 O O   . HOH C 3 .   ? 13.091  6.504   0.386   1.00 28.08 ? 308 HOH A O   1 
HETATM 1648 O O   . HOH C 3 .   ? 14.072  3.898   0.915   1.00 19.00 ? 309 HOH A O   1 
HETATM 1649 O O   . HOH C 3 .   ? 13.938  3.104   -2.151  1.00 24.46 ? 310 HOH A O   1 
HETATM 1650 O O   . HOH C 3 .   ? 12.706  0.338   12.559  1.00 38.67 ? 311 HOH A O   1 
HETATM 1651 O O   . HOH C 3 .   ? 5.380   -3.221  15.268  1.00 12.23 ? 312 HOH A O   1 
HETATM 1652 O O   . HOH C 3 .   ? -8.377  9.807   9.053   1.00 12.62 ? 313 HOH A O   1 
HETATM 1653 O O   . HOH C 3 .   ? -9.011  12.077  16.797  1.00 23.62 ? 314 HOH A O   1 
HETATM 1654 O O   . HOH C 3 .   ? -2.346  15.869  4.559   1.00 15.08 ? 315 HOH A O   1 
HETATM 1655 O O   . HOH C 3 .   ? -0.902  18.057  5.910   1.00 25.14 ? 316 HOH A O   1 
HETATM 1656 O O   . HOH C 3 .   ? -3.103  9.204   -3.083  1.00 15.46 ? 317 HOH A O   1 
HETATM 1657 O O   . HOH C 3 .   ? -1.256  7.239   -4.308  1.00 15.22 ? 318 HOH A O   1 
HETATM 1658 O O   . HOH C 3 .   ? -0.357  9.370   -6.664  1.00 37.46 ? 319 HOH A O   1 
HETATM 1659 O O   . HOH C 3 .   ? 0.354   7.520   -11.254 1.00 10.65 ? 320 HOH A O   1 
HETATM 1660 O O   . HOH C 3 .   ? -3.007  3.692   -9.325  1.00 10.42 ? 321 HOH A O   1 
HETATM 1661 O O   . HOH C 3 .   ? -4.463  17.212  11.029  1.00 42.71 ? 322 HOH A O   1 
HETATM 1662 O O   . HOH C 3 .   ? 5.195   18.033  11.950  1.00 33.76 ? 323 HOH A O   1 
HETATM 1663 O O   . HOH C 3 .   ? -13.334 -1.054  15.596  1.00 30.22 ? 324 HOH A O   1 
HETATM 1664 O O   . HOH C 3 .   ? -10.481 -14.995 -2.830  1.00 17.19 ? 325 HOH A O   1 
HETATM 1665 O O   . HOH C 3 .   ? -12.433 -4.250  -10.506 1.00 10.66 ? 326 HOH A O   1 
HETATM 1666 O O   . HOH C 3 .   ? 0.717   -15.246 -17.465 1.00 17.19 ? 327 HOH A O   1 
HETATM 1667 O O   . HOH C 3 .   ? -5.897  -9.565  1.240   1.00 11.06 ? 328 HOH A O   1 
HETATM 1668 O O   . HOH C 3 .   ? -2.399  -3.602  -17.028 1.00 17.64 ? 329 HOH A O   1 
HETATM 1669 O O   . HOH C 3 .   ? 14.678  -6.438  7.800   1.00 47.67 ? 330 HOH A O   1 
HETATM 1670 O O   . HOH C 3 .   ? 13.086  -7.128  10.539  1.00 16.58 ? 331 HOH A O   1 
HETATM 1671 O O   . HOH C 3 .   ? 5.027   -8.799  9.125   1.00 27.49 ? 332 HOH A O   1 
HETATM 1672 O O   . HOH C 3 .   ? 8.486   -6.952  10.620  1.00 47.42 ? 333 HOH A O   1 
HETATM 1673 O O   . HOH C 3 .   ? 7.702   -5.427  13.492  1.00 26.70 ? 334 HOH A O   1 
HETATM 1674 O O   . HOH C 3 .   ? -4.605  -5.372  10.160  1.00 46.11 ? 335 HOH A O   1 
HETATM 1675 O O   . HOH C 3 .   ? -11.992 12.375  18.151  1.00 32.43 ? 336 HOH A O   1 
HETATM 1676 O O   . HOH C 3 .   ? -14.084 7.222   10.600  1.00 21.97 ? 337 HOH A O   1 
HETATM 1677 O O   . HOH C 3 .   ? -14.957 8.176   14.476  1.00 70.39 ? 338 HOH A O   1 
HETATM 1678 O O   . HOH C 3 .   ? 5.008   13.817  1.695   1.00 34.03 ? 339 HOH A O   1 
HETATM 1679 O O   . HOH C 3 .   ? -4.898  0.796   19.336  1.00 28.89 ? 340 HOH A O   1 
HETATM 1680 O O   . HOH C 3 .   ? -10.529 9.986   15.777  1.00 42.64 ? 341 HOH A O   1 
HETATM 1681 O O   . HOH C 3 .   ? 3.745   8.537   21.590  1.00 25.70 ? 342 HOH A O   1 
HETATM 1682 O O   . HOH C 3 .   ? 9.137   7.185   20.154  1.00 50.32 ? 343 HOH A O   1 
HETATM 1683 O O   . HOH C 3 .   ? 14.921  -0.245  -13.464 1.00 33.67 ? 344 HOH A O   1 
HETATM 1684 O O   . HOH C 3 .   ? -11.673 6.969   -11.075 1.00 43.25 ? 345 HOH A O   1 
HETATM 1685 O O   . HOH C 3 .   ? -17.037 1.622   -4.499  1.00 69.39 ? 346 HOH A O   1 
HETATM 1686 O O   . HOH C 3 .   ? -11.620 -2.689  1.297   1.00 57.33 ? 347 HOH A O   1 
HETATM 1687 O O   . HOH C 3 .   ? 13.308  10.171  6.746   1.00 59.39 ? 348 HOH A O   1 
# 
